data_2EO1
#
_entry.id   2EO1
#
_entity_poly.entity_id   1
_entity_poly.type   'polypeptide(L)'
_entity_poly.pdbx_seq_one_letter_code
;GSSGSSGKVVFAKEQPAHREVQAEAGASATLSCEVAQAQTEVTWYKDGKKLSSSSKVRVEAVGCTRRLVVQQAGQAEAGE
YSCEAGGQQLSFRLQVAGQCFG
;
_entity_poly.pdbx_strand_id   A
#
# COMPACT_ATOMS: atom_id res chain seq x y z
N GLY A 1 -38.29 6.69 1.73
CA GLY A 1 -38.04 6.53 0.31
C GLY A 1 -36.66 7.00 -0.09
N SER A 2 -36.26 8.17 0.40
CA SER A 2 -34.96 8.72 0.09
C SER A 2 -33.98 8.54 1.24
N SER A 3 -32.90 7.80 0.99
CA SER A 3 -31.89 7.54 2.00
C SER A 3 -30.56 7.16 1.37
N GLY A 4 -29.48 7.34 2.13
CA GLY A 4 -28.16 7.02 1.62
C GLY A 4 -27.20 8.19 1.72
N SER A 5 -26.11 7.98 2.45
CA SER A 5 -25.10 9.03 2.64
C SER A 5 -24.45 9.40 1.30
N SER A 6 -23.74 10.51 1.29
CA SER A 6 -23.07 10.98 0.08
C SER A 6 -21.68 11.55 0.41
N GLY A 7 -20.91 11.83 -0.63
CA GLY A 7 -19.58 12.38 -0.43
C GLY A 7 -18.83 11.70 0.70
N LYS A 8 -18.38 10.48 0.44
CA LYS A 8 -17.64 9.70 1.45
C LYS A 8 -16.16 9.62 1.09
N VAL A 9 -15.31 10.14 1.97
CA VAL A 9 -13.87 10.12 1.74
C VAL A 9 -13.18 9.17 2.72
N VAL A 10 -12.40 8.24 2.18
CA VAL A 10 -11.68 7.28 3.00
C VAL A 10 -10.27 7.76 3.30
N PHE A 11 -9.55 8.16 2.26
CA PHE A 11 -8.18 8.63 2.40
C PHE A 11 -8.14 10.16 2.45
N ALA A 12 -6.94 10.71 2.56
CA ALA A 12 -6.77 12.16 2.62
C ALA A 12 -7.01 12.79 1.25
N LYS A 13 -6.84 14.11 1.19
CA LYS A 13 -7.05 14.84 -0.06
C LYS A 13 -5.71 15.32 -0.64
N GLU A 14 -4.68 15.28 0.19
CA GLU A 14 -3.35 15.71 -0.25
C GLU A 14 -2.48 14.51 -0.61
N GLN A 15 -3.13 13.43 -1.07
CA GLN A 15 -2.41 12.22 -1.45
C GLN A 15 -2.38 12.07 -2.97
N PRO A 16 -1.21 11.65 -3.49
CA PRO A 16 -1.02 11.45 -4.93
C PRO A 16 -1.80 10.26 -5.46
N ALA A 17 -1.92 10.17 -6.79
CA ALA A 17 -2.64 9.09 -7.43
C ALA A 17 -1.72 7.90 -7.69
N HIS A 18 -0.41 8.14 -7.63
CA HIS A 18 0.58 7.09 -7.86
C HIS A 18 1.87 7.39 -7.12
N ARG A 19 2.17 6.59 -6.11
CA ARG A 19 3.39 6.79 -5.32
C ARG A 19 4.47 5.79 -5.74
N GLU A 20 5.33 6.20 -6.67
CA GLU A 20 6.40 5.35 -7.15
C GLU A 20 7.49 5.18 -6.10
N VAL A 21 7.55 3.99 -5.50
CA VAL A 21 8.54 3.71 -4.47
C VAL A 21 9.66 2.82 -5.02
N GLN A 22 10.87 3.06 -4.55
CA GLN A 22 12.02 2.27 -5.00
C GLN A 22 12.63 1.51 -3.83
N ALA A 23 13.13 0.30 -4.12
CA ALA A 23 13.75 -0.54 -3.09
C ALA A 23 14.88 -1.37 -3.67
N GLU A 24 15.77 -1.83 -2.80
CA GLU A 24 16.90 -2.64 -3.23
C GLU A 24 16.63 -4.13 -3.03
N ALA A 25 17.26 -4.96 -3.84
CA ALA A 25 17.07 -6.41 -3.76
C ALA A 25 17.49 -6.93 -2.38
N GLY A 26 16.55 -7.55 -1.68
CA GLY A 26 16.83 -8.08 -0.37
C GLY A 26 16.53 -7.09 0.74
N ALA A 27 16.20 -5.86 0.35
CA ALA A 27 15.89 -4.81 1.32
C ALA A 27 14.43 -4.91 1.79
N SER A 28 14.07 -4.05 2.72
CA SER A 28 12.70 -4.03 3.25
C SER A 28 11.98 -2.75 2.84
N ALA A 29 11.03 -2.89 1.91
CA ALA A 29 10.26 -1.75 1.44
C ALA A 29 9.24 -1.30 2.48
N THR A 30 8.66 -0.13 2.26
CA THR A 30 7.67 0.41 3.19
C THR A 30 6.74 1.41 2.49
N LEU A 31 5.48 1.02 2.33
CA LEU A 31 4.50 1.88 1.67
C LEU A 31 3.55 2.49 2.69
N SER A 32 3.81 3.74 3.07
CA SER A 32 2.97 4.43 4.05
C SER A 32 1.90 5.27 3.35
N CYS A 33 0.76 5.43 4.01
CA CYS A 33 -0.34 6.21 3.44
C CYS A 33 -1.30 6.64 4.54
N GLU A 34 -1.66 7.93 4.53
CA GLU A 34 -2.57 8.47 5.52
C GLU A 34 -4.02 8.06 5.22
N VAL A 35 -4.88 8.19 6.22
CA VAL A 35 -6.29 7.84 6.06
C VAL A 35 -7.19 8.88 6.71
N ALA A 36 -8.27 9.22 6.02
CA ALA A 36 -9.23 10.20 6.54
C ALA A 36 -9.79 9.76 7.88
N GLN A 37 -9.75 8.45 8.14
CA GLN A 37 -10.27 7.90 9.39
C GLN A 37 -9.43 6.71 9.84
N ALA A 38 -9.19 6.62 11.15
CA ALA A 38 -8.41 5.53 11.71
C ALA A 38 -9.23 4.24 11.76
N GLN A 39 -10.33 4.28 12.51
CA GLN A 39 -11.20 3.10 12.64
C GLN A 39 -11.31 2.36 11.32
N THR A 40 -11.31 3.10 10.22
CA THR A 40 -11.42 2.50 8.89
C THR A 40 -10.29 1.51 8.65
N GLU A 41 -10.61 0.41 7.97
CA GLU A 41 -9.63 -0.62 7.68
C GLU A 41 -9.20 -0.56 6.22
N VAL A 42 -7.99 -1.03 5.94
CA VAL A 42 -7.46 -1.02 4.57
C VAL A 42 -6.95 -2.40 4.18
N THR A 43 -6.90 -2.66 2.88
CA THR A 43 -6.43 -3.95 2.37
C THR A 43 -5.55 -3.75 1.14
N TRP A 44 -4.29 -4.15 1.26
CA TRP A 44 -3.35 -4.03 0.14
C TRP A 44 -3.64 -5.06 -0.94
N TYR A 45 -3.37 -4.69 -2.18
CA TYR A 45 -3.61 -5.59 -3.31
C TYR A 45 -2.47 -5.51 -4.32
N LYS A 46 -1.79 -6.63 -4.52
CA LYS A 46 -0.68 -6.69 -5.46
C LYS A 46 -1.12 -7.29 -6.79
N ASP A 47 -1.06 -6.48 -7.84
CA ASP A 47 -1.46 -6.92 -9.17
C ASP A 47 -2.90 -7.43 -9.17
N GLY A 48 -3.73 -6.84 -8.31
CA GLY A 48 -5.13 -7.24 -8.22
C GLY A 48 -5.31 -8.49 -7.39
N LYS A 49 -4.37 -8.75 -6.48
CA LYS A 49 -4.44 -9.92 -5.62
C LYS A 49 -4.43 -9.51 -4.15
N LYS A 50 -5.42 -9.99 -3.40
CA LYS A 50 -5.52 -9.68 -1.97
C LYS A 50 -4.23 -10.08 -1.24
N LEU A 51 -3.51 -9.08 -0.76
CA LEU A 51 -2.26 -9.32 -0.04
C LEU A 51 -2.54 -9.79 1.38
N SER A 52 -1.75 -10.75 1.86
CA SER A 52 -1.91 -11.28 3.20
C SER A 52 -0.66 -11.05 4.04
N SER A 53 -0.87 -10.74 5.32
CA SER A 53 0.25 -10.48 6.22
C SER A 53 0.99 -11.77 6.56
N SER A 54 2.20 -11.91 6.05
CA SER A 54 3.02 -13.10 6.29
C SER A 54 4.45 -12.72 6.65
N SER A 55 5.21 -13.69 7.13
CA SER A 55 6.60 -13.46 7.51
C SER A 55 7.29 -12.53 6.53
N LYS A 56 6.82 -12.54 5.29
CA LYS A 56 7.38 -11.69 4.24
C LYS A 56 6.78 -10.28 4.30
N VAL A 57 5.48 -10.19 4.08
CA VAL A 57 4.78 -8.90 4.11
C VAL A 57 4.08 -8.69 5.43
N ARG A 58 4.17 -7.48 5.97
CA ARG A 58 3.55 -7.14 7.24
C ARG A 58 2.66 -5.91 7.11
N VAL A 59 1.38 -6.06 7.40
CA VAL A 59 0.44 -4.95 7.31
C VAL A 59 0.36 -4.18 8.63
N GLU A 60 1.14 -3.11 8.72
CA GLU A 60 1.17 -2.29 9.93
C GLU A 60 0.12 -1.18 9.86
N ALA A 61 -0.57 -0.94 10.97
CA ALA A 61 -1.59 0.09 11.02
C ALA A 61 -1.44 0.94 12.28
N VAL A 62 -0.67 2.01 12.18
CA VAL A 62 -0.45 2.90 13.32
C VAL A 62 -1.38 4.11 13.26
N GLY A 63 -2.42 4.09 14.08
CA GLY A 63 -3.37 5.18 14.11
C GLY A 63 -3.95 5.47 12.75
N CYS A 64 -3.60 6.63 12.19
CA CYS A 64 -4.10 7.04 10.89
C CYS A 64 -3.01 6.90 9.83
N THR A 65 -2.23 5.83 9.91
CA THR A 65 -1.16 5.58 8.97
C THR A 65 -0.99 4.09 8.69
N ARG A 66 -1.22 3.69 7.44
CA ARG A 66 -1.08 2.29 7.06
C ARG A 66 0.21 2.06 6.27
N ARG A 67 1.17 1.42 6.92
CA ARG A 67 2.46 1.15 6.29
C ARG A 67 2.62 -0.35 6.03
N LEU A 68 3.06 -0.69 4.83
CA LEU A 68 3.26 -2.09 4.45
C LEU A 68 4.75 -2.40 4.28
N VAL A 69 5.30 -3.19 5.20
CA VAL A 69 6.70 -3.57 5.14
C VAL A 69 6.90 -4.85 4.35
N VAL A 70 7.68 -4.78 3.27
CA VAL A 70 7.94 -5.94 2.43
C VAL A 70 9.39 -6.38 2.55
N GLN A 71 9.63 -7.41 3.37
CA GLN A 71 10.97 -7.93 3.57
C GLN A 71 11.47 -8.66 2.33
N GLN A 72 12.78 -8.58 2.07
CA GLN A 72 13.37 -9.23 0.92
C GLN A 72 12.67 -8.80 -0.37
N ALA A 73 12.53 -7.49 -0.54
CA ALA A 73 11.88 -6.95 -1.73
C ALA A 73 12.59 -7.41 -3.00
N GLY A 74 12.01 -8.40 -3.67
CA GLY A 74 12.60 -8.93 -4.88
C GLY A 74 11.65 -8.85 -6.07
N GLN A 75 12.16 -9.15 -7.26
CA GLN A 75 11.35 -9.11 -8.46
C GLN A 75 9.93 -9.60 -8.19
N ALA A 76 9.81 -10.71 -7.47
CA ALA A 76 8.51 -11.27 -7.13
C ALA A 76 7.64 -10.23 -6.41
N GLU A 77 8.24 -9.55 -5.45
CA GLU A 77 7.51 -8.54 -4.67
C GLU A 77 7.34 -7.27 -5.49
N ALA A 78 8.27 -7.00 -6.40
CA ALA A 78 8.22 -5.82 -7.24
C ALA A 78 6.99 -5.84 -8.14
N GLY A 79 6.24 -4.74 -8.14
CA GLY A 79 5.05 -4.66 -8.96
C GLY A 79 4.27 -3.37 -8.74
N GLU A 80 3.02 -3.51 -8.34
CA GLU A 80 2.16 -2.36 -8.09
C GLU A 80 1.17 -2.64 -6.97
N TYR A 81 1.42 -2.05 -5.80
CA TYR A 81 0.55 -2.25 -4.64
C TYR A 81 -0.55 -1.19 -4.60
N SER A 82 -1.74 -1.60 -4.16
CA SER A 82 -2.87 -0.69 -4.09
C SER A 82 -3.52 -0.76 -2.71
N CYS A 83 -3.34 0.30 -1.91
CA CYS A 83 -3.91 0.36 -0.57
C CYS A 83 -5.41 0.65 -0.63
N GLU A 84 -6.21 -0.40 -0.72
CA GLU A 84 -7.66 -0.25 -0.78
C GLU A 84 -8.24 0.05 0.60
N ALA A 85 -9.36 0.76 0.61
CA ALA A 85 -10.01 1.13 1.86
C ALA A 85 -11.40 1.71 1.61
N GLY A 86 -12.42 0.96 1.99
CA GLY A 86 -13.79 1.42 1.79
C GLY A 86 -14.20 1.42 0.33
N GLY A 87 -14.00 2.55 -0.34
CA GLY A 87 -14.36 2.66 -1.74
C GLY A 87 -13.26 3.30 -2.57
N GLN A 88 -12.13 3.57 -1.94
CA GLN A 88 -11.00 4.18 -2.63
C GLN A 88 -9.72 3.37 -2.42
N GLN A 89 -8.71 3.65 -3.23
CA GLN A 89 -7.44 2.95 -3.13
C GLN A 89 -6.36 3.68 -3.92
N LEU A 90 -5.17 3.78 -3.33
CA LEU A 90 -4.05 4.45 -3.97
C LEU A 90 -3.16 3.45 -4.71
N SER A 91 -2.05 3.93 -5.25
CA SER A 91 -1.12 3.08 -5.98
C SER A 91 0.30 3.22 -5.44
N PHE A 92 1.11 2.19 -5.64
CA PHE A 92 2.48 2.20 -5.17
C PHE A 92 3.33 1.22 -5.95
N ARG A 93 4.18 1.73 -6.84
CA ARG A 93 5.05 0.90 -7.66
C ARG A 93 6.35 0.58 -6.91
N LEU A 94 6.46 -0.64 -6.42
CA LEU A 94 7.65 -1.07 -5.69
C LEU A 94 8.70 -1.63 -6.65
N GLN A 95 9.75 -0.84 -6.89
CA GLN A 95 10.82 -1.25 -7.78
C GLN A 95 11.97 -1.88 -7.00
N VAL A 96 12.55 -2.94 -7.55
CA VAL A 96 13.66 -3.63 -6.90
C VAL A 96 14.95 -3.44 -7.69
N ALA A 97 15.99 -2.96 -7.00
CA ALA A 97 17.28 -2.74 -7.64
C ALA A 97 18.17 -3.98 -7.52
N GLY A 98 19.05 -4.16 -8.50
CA GLY A 98 19.95 -5.30 -8.48
C GLY A 98 19.20 -6.62 -8.43
N GLN A 99 19.88 -7.66 -7.94
CA GLN A 99 19.27 -8.98 -7.83
C GLN A 99 19.89 -9.78 -6.69
N CYS A 100 19.27 -10.90 -6.35
CA CYS A 100 19.76 -11.75 -5.28
C CYS A 100 19.26 -13.19 -5.46
N PHE A 101 20.21 -14.11 -5.61
CA PHE A 101 19.87 -15.52 -5.79
C PHE A 101 18.67 -15.90 -4.93
N GLY A 102 17.81 -16.75 -5.49
CA GLY A 102 16.62 -17.19 -4.76
C GLY A 102 15.45 -16.24 -4.94
N GLY A 1 -28.46 18.04 -13.49
CA GLY A 1 -27.57 17.10 -12.83
C GLY A 1 -27.99 15.66 -13.03
N SER A 2 -27.50 14.77 -12.18
CA SER A 2 -27.82 13.35 -12.27
C SER A 2 -28.06 12.75 -10.88
N SER A 3 -28.86 11.70 -10.83
CA SER A 3 -29.17 11.04 -9.57
C SER A 3 -28.20 9.89 -9.31
N GLY A 4 -27.26 10.11 -8.38
CA GLY A 4 -26.29 9.08 -8.05
C GLY A 4 -25.44 9.45 -6.86
N SER A 5 -24.48 8.60 -6.53
CA SER A 5 -23.60 8.84 -5.39
C SER A 5 -22.67 10.02 -5.66
N SER A 6 -23.01 11.17 -5.09
CA SER A 6 -22.20 12.38 -5.28
C SER A 6 -20.72 12.07 -5.15
N GLY A 7 -20.35 11.46 -4.03
CA GLY A 7 -18.95 11.12 -3.80
C GLY A 7 -18.63 10.92 -2.33
N LYS A 8 -17.47 10.35 -2.05
CA LYS A 8 -17.05 10.12 -0.68
C LYS A 8 -15.53 10.06 -0.58
N VAL A 9 -15.00 10.34 0.62
CA VAL A 9 -13.56 10.32 0.84
C VAL A 9 -13.19 9.29 1.90
N VAL A 10 -12.12 8.53 1.64
CA VAL A 10 -11.66 7.51 2.57
C VAL A 10 -10.23 7.77 3.00
N PHE A 11 -9.48 8.48 2.16
CA PHE A 11 -8.09 8.80 2.46
C PHE A 11 -7.91 10.29 2.71
N ALA A 12 -6.67 10.72 2.88
CA ALA A 12 -6.36 12.12 3.12
C ALA A 12 -6.64 12.96 1.88
N LYS A 13 -6.39 14.26 1.98
CA LYS A 13 -6.60 15.18 0.87
C LYS A 13 -5.29 15.77 0.38
N GLU A 14 -4.28 15.76 1.24
CA GLU A 14 -2.97 16.29 0.89
C GLU A 14 -2.02 15.18 0.46
N GLN A 15 -2.58 14.17 -0.22
CA GLN A 15 -1.78 13.04 -0.69
C GLN A 15 -2.07 12.76 -2.16
N PRO A 16 -1.02 12.35 -2.90
CA PRO A 16 -1.14 12.04 -4.33
C PRO A 16 -1.94 10.76 -4.57
N ALA A 17 -2.58 10.68 -5.74
CA ALA A 17 -3.37 9.52 -6.10
C ALA A 17 -2.50 8.27 -6.24
N HIS A 18 -1.32 8.44 -6.84
CA HIS A 18 -0.39 7.34 -7.02
C HIS A 18 1.05 7.80 -6.84
N ARG A 19 1.81 7.07 -6.02
CA ARG A 19 3.20 7.40 -5.76
C ARG A 19 4.12 6.24 -6.13
N GLU A 20 5.36 6.57 -6.48
CA GLU A 20 6.33 5.55 -6.86
C GLU A 20 7.32 5.29 -5.72
N VAL A 21 7.75 4.03 -5.60
CA VAL A 21 8.68 3.64 -4.56
C VAL A 21 9.74 2.68 -5.09
N GLN A 22 11.00 2.93 -4.73
CA GLN A 22 12.10 2.09 -5.18
C GLN A 22 12.80 1.44 -4.00
N ALA A 23 13.19 0.18 -4.17
CA ALA A 23 13.88 -0.55 -3.11
C ALA A 23 15.02 -1.40 -3.68
N GLU A 24 15.76 -2.06 -2.79
CA GLU A 24 16.88 -2.90 -3.21
C GLU A 24 16.60 -4.36 -2.89
N ALA A 25 17.28 -5.25 -3.60
CA ALA A 25 17.11 -6.69 -3.40
C ALA A 25 17.54 -7.10 -2.00
N GLY A 26 16.61 -7.67 -1.23
CA GLY A 26 16.92 -8.09 0.12
C GLY A 26 16.57 -7.04 1.15
N ALA A 27 16.30 -5.82 0.69
CA ALA A 27 15.95 -4.73 1.59
C ALA A 27 14.49 -4.84 2.04
N SER A 28 14.09 -3.98 2.96
CA SER A 28 12.73 -3.97 3.48
C SER A 28 11.98 -2.72 3.03
N ALA A 29 11.12 -2.89 2.03
CA ALA A 29 10.34 -1.77 1.51
C ALA A 29 9.29 -1.31 2.52
N THR A 30 8.65 -0.19 2.22
CA THR A 30 7.63 0.36 3.11
C THR A 30 6.73 1.34 2.37
N LEU A 31 5.46 0.96 2.20
CA LEU A 31 4.49 1.80 1.51
C LEU A 31 3.53 2.45 2.50
N SER A 32 3.83 3.68 2.87
CA SER A 32 2.98 4.41 3.82
C SER A 32 1.91 5.21 3.09
N CYS A 33 0.77 5.41 3.75
CA CYS A 33 -0.34 6.14 3.16
C CYS A 33 -1.29 6.63 4.24
N GLU A 34 -1.54 7.95 4.25
CA GLU A 34 -2.44 8.54 5.23
C GLU A 34 -3.89 8.14 4.97
N VAL A 35 -4.74 8.30 5.99
CA VAL A 35 -6.15 7.94 5.87
C VAL A 35 -7.03 8.98 6.57
N ALA A 36 -8.23 9.17 6.04
CA ALA A 36 -9.17 10.12 6.61
C ALA A 36 -9.69 9.64 7.96
N GLN A 37 -9.64 8.32 8.17
CA GLN A 37 -10.11 7.73 9.41
C GLN A 37 -9.24 6.54 9.81
N ALA A 38 -8.89 6.47 11.10
CA ALA A 38 -8.07 5.38 11.61
C ALA A 38 -8.88 4.09 11.73
N GLN A 39 -9.93 4.14 12.54
CA GLN A 39 -10.79 2.98 12.74
C GLN A 39 -11.05 2.25 11.43
N THR A 40 -10.96 2.99 10.33
CA THR A 40 -11.19 2.42 9.00
C THR A 40 -10.12 1.39 8.66
N GLU A 41 -10.56 0.22 8.21
CA GLU A 41 -9.64 -0.85 7.83
C GLU A 41 -9.27 -0.76 6.36
N VAL A 42 -8.08 -1.26 6.03
CA VAL A 42 -7.59 -1.23 4.65
C VAL A 42 -7.15 -2.61 4.20
N THR A 43 -6.79 -2.74 2.93
CA THR A 43 -6.34 -4.00 2.37
C THR A 43 -5.55 -3.78 1.09
N TRP A 44 -4.26 -4.10 1.14
CA TRP A 44 -3.38 -3.94 -0.01
C TRP A 44 -3.73 -4.96 -1.10
N TYR A 45 -3.39 -4.63 -2.35
CA TYR A 45 -3.67 -5.52 -3.47
C TYR A 45 -2.57 -5.42 -4.51
N LYS A 46 -1.97 -6.55 -4.86
CA LYS A 46 -0.90 -6.60 -5.85
C LYS A 46 -1.43 -7.13 -7.18
N ASP A 47 -1.32 -6.32 -8.23
CA ASP A 47 -1.77 -6.70 -9.55
C ASP A 47 -3.15 -7.38 -9.48
N GLY A 48 -4.03 -6.83 -8.64
CA GLY A 48 -5.35 -7.39 -8.50
C GLY A 48 -5.35 -8.69 -7.72
N LYS A 49 -4.48 -8.78 -6.71
CA LYS A 49 -4.38 -9.98 -5.89
C LYS A 49 -4.33 -9.62 -4.41
N LYS A 50 -5.32 -10.06 -3.65
CA LYS A 50 -5.39 -9.79 -2.22
C LYS A 50 -4.09 -10.20 -1.53
N LEU A 51 -3.44 -9.24 -0.89
CA LEU A 51 -2.18 -9.50 -0.19
C LEU A 51 -2.44 -10.06 1.20
N SER A 52 -1.51 -10.88 1.68
CA SER A 52 -1.64 -11.49 3.00
C SER A 52 -0.37 -11.29 3.82
N SER A 53 -0.39 -10.30 4.70
CA SER A 53 0.75 -9.99 5.55
C SER A 53 1.42 -11.27 6.04
N SER A 54 2.43 -11.73 5.32
CA SER A 54 3.15 -12.95 5.67
C SER A 54 4.54 -12.62 6.21
N SER A 55 5.25 -13.64 6.66
CA SER A 55 6.59 -13.46 7.21
C SER A 55 7.39 -12.47 6.37
N LYS A 56 7.08 -12.40 5.08
CA LYS A 56 7.75 -11.49 4.18
C LYS A 56 7.18 -10.08 4.29
N VAL A 57 5.93 -9.92 3.86
CA VAL A 57 5.27 -8.62 3.90
C VAL A 57 4.37 -8.52 5.13
N ARG A 58 4.45 -7.39 5.83
CA ARG A 58 3.65 -7.16 7.03
C ARG A 58 2.86 -5.87 6.91
N VAL A 59 1.56 -5.95 7.18
CA VAL A 59 0.69 -4.78 7.11
C VAL A 59 0.55 -4.11 8.47
N GLU A 60 1.18 -2.94 8.61
CA GLU A 60 1.13 -2.19 9.86
C GLU A 60 0.04 -1.13 9.82
N ALA A 61 -0.63 -0.93 10.96
CA ALA A 61 -1.69 0.05 11.05
C ALA A 61 -1.51 0.94 12.28
N VAL A 62 -0.79 2.06 12.10
CA VAL A 62 -0.55 2.99 13.21
C VAL A 62 -1.41 4.24 13.06
N GLY A 63 -1.27 5.15 14.02
CA GLY A 63 -2.04 6.38 13.98
C GLY A 63 -2.27 6.87 12.57
N CYS A 64 -3.48 6.69 12.06
CA CYS A 64 -3.83 7.12 10.72
C CYS A 64 -2.63 6.98 9.78
N THR A 65 -2.07 5.78 9.72
CA THR A 65 -0.92 5.52 8.87
C THR A 65 -0.81 4.03 8.53
N ARG A 66 -1.10 3.69 7.28
CA ARG A 66 -1.03 2.30 6.84
C ARG A 66 0.25 2.05 6.03
N ARG A 67 1.27 1.52 6.70
CA ARG A 67 2.54 1.23 6.05
C ARG A 67 2.70 -0.26 5.80
N LEU A 68 3.15 -0.61 4.61
CA LEU A 68 3.35 -2.01 4.24
C LEU A 68 4.84 -2.35 4.16
N VAL A 69 5.34 -3.01 5.18
CA VAL A 69 6.75 -3.41 5.22
C VAL A 69 6.98 -4.72 4.48
N VAL A 70 7.66 -4.64 3.35
CA VAL A 70 7.95 -5.82 2.54
C VAL A 70 9.37 -6.31 2.77
N GLN A 71 9.52 -7.39 3.53
CA GLN A 71 10.82 -7.96 3.84
C GLN A 71 11.40 -8.65 2.61
N GLN A 72 12.72 -8.62 2.49
CA GLN A 72 13.40 -9.25 1.35
C GLN A 72 12.73 -8.88 0.04
N ALA A 73 12.53 -7.57 -0.16
CA ALA A 73 11.90 -7.08 -1.38
C ALA A 73 12.62 -7.60 -2.62
N GLY A 74 12.01 -8.58 -3.29
CA GLY A 74 12.62 -9.15 -4.48
C GLY A 74 11.78 -8.91 -5.72
N GLN A 75 12.34 -9.24 -6.88
CA GLN A 75 11.63 -9.06 -8.14
C GLN A 75 10.15 -9.36 -7.98
N ALA A 76 9.83 -10.52 -7.42
CA ALA A 76 8.45 -10.93 -7.21
C ALA A 76 7.67 -9.85 -6.49
N GLU A 77 8.16 -9.45 -5.31
CA GLU A 77 7.50 -8.41 -4.52
C GLU A 77 7.40 -7.11 -5.30
N ALA A 78 8.32 -6.91 -6.24
CA ALA A 78 8.33 -5.71 -7.06
C ALA A 78 7.15 -5.67 -8.01
N GLY A 79 6.32 -4.64 -7.88
CA GLY A 79 5.16 -4.52 -8.74
C GLY A 79 4.29 -3.33 -8.37
N GLU A 80 2.97 -3.53 -8.42
CA GLU A 80 2.04 -2.46 -8.09
C GLU A 80 1.16 -2.85 -6.90
N TYR A 81 1.16 -2.01 -5.87
CA TYR A 81 0.38 -2.26 -4.67
C TYR A 81 -0.73 -1.23 -4.51
N SER A 82 -1.95 -1.70 -4.34
CA SER A 82 -3.10 -0.81 -4.18
C SER A 82 -3.73 -0.99 -2.80
N CYS A 83 -3.61 0.03 -1.96
CA CYS A 83 -4.17 -0.01 -0.62
C CYS A 83 -5.64 0.38 -0.63
N GLU A 84 -6.52 -0.61 -0.63
CA GLU A 84 -7.95 -0.37 -0.64
C GLU A 84 -8.49 -0.20 0.78
N ALA A 85 -9.27 0.86 0.99
CA ALA A 85 -9.84 1.14 2.30
C ALA A 85 -11.35 1.34 2.21
N GLY A 86 -11.88 1.26 0.98
CA GLY A 86 -13.31 1.44 0.78
C GLY A 86 -13.62 2.20 -0.48
N GLY A 87 -13.70 1.49 -1.60
CA GLY A 87 -14.00 2.14 -2.87
C GLY A 87 -12.77 2.80 -3.48
N GLN A 88 -11.96 3.43 -2.64
CA GLN A 88 -10.75 4.10 -3.11
C GLN A 88 -9.50 3.32 -2.72
N GLN A 89 -8.40 3.56 -3.43
CA GLN A 89 -7.15 2.88 -3.16
C GLN A 89 -5.98 3.61 -3.80
N LEU A 90 -4.91 3.78 -3.05
CA LEU A 90 -3.72 4.47 -3.54
C LEU A 90 -2.77 3.49 -4.23
N SER A 91 -2.15 3.94 -5.32
CA SER A 91 -1.23 3.11 -6.07
C SER A 91 0.21 3.31 -5.58
N PHE A 92 0.95 2.22 -5.47
CA PHE A 92 2.34 2.27 -5.01
C PHE A 92 3.21 1.32 -5.82
N ARG A 93 4.03 1.88 -6.71
CA ARG A 93 4.92 1.08 -7.54
C ARG A 93 6.21 0.76 -6.80
N LEU A 94 6.35 -0.50 -6.39
CA LEU A 94 7.55 -0.93 -5.67
C LEU A 94 8.57 -1.52 -6.63
N GLN A 95 9.79 -0.99 -6.59
CA GLN A 95 10.87 -1.47 -7.45
C GLN A 95 11.97 -2.13 -6.63
N VAL A 96 12.73 -3.01 -7.27
CA VAL A 96 13.83 -3.70 -6.60
C VAL A 96 15.12 -3.60 -7.42
N ALA A 97 16.26 -3.71 -6.73
CA ALA A 97 17.55 -3.62 -7.38
C ALA A 97 18.43 -4.82 -7.00
N GLY A 98 18.32 -5.89 -7.77
CA GLY A 98 19.11 -7.08 -7.50
C GLY A 98 18.26 -8.33 -7.38
N GLN A 99 18.81 -9.37 -6.76
CA GLN A 99 18.09 -10.63 -6.58
C GLN A 99 18.30 -11.18 -5.18
N CYS A 100 17.36 -12.01 -4.72
CA CYS A 100 17.44 -12.60 -3.40
C CYS A 100 17.82 -14.07 -3.49
N PHE A 101 19.02 -14.40 -3.01
CA PHE A 101 19.50 -15.77 -3.04
C PHE A 101 18.57 -16.70 -2.26
N GLY A 102 18.10 -17.76 -2.92
CA GLY A 102 17.21 -18.70 -2.28
C GLY A 102 17.80 -19.30 -1.02
N GLY A 1 -11.79 19.62 -8.86
CA GLY A 1 -12.30 20.85 -8.28
C GLY A 1 -12.98 20.63 -6.95
N SER A 2 -14.16 21.23 -6.79
CA SER A 2 -14.92 21.10 -5.55
C SER A 2 -16.21 20.32 -5.78
N SER A 3 -16.98 20.76 -6.77
CA SER A 3 -18.25 20.11 -7.10
C SER A 3 -18.15 19.34 -8.40
N GLY A 4 -17.97 18.03 -8.31
CA GLY A 4 -17.86 17.21 -9.49
C GLY A 4 -17.89 15.73 -9.17
N SER A 5 -16.80 15.23 -8.60
CA SER A 5 -16.70 13.82 -8.24
C SER A 5 -17.16 13.58 -6.80
N SER A 6 -18.24 14.25 -6.42
CA SER A 6 -18.77 14.12 -5.07
C SER A 6 -18.98 12.65 -4.70
N GLY A 7 -18.27 12.19 -3.68
CA GLY A 7 -18.38 10.81 -3.25
C GLY A 7 -17.74 10.57 -1.89
N LYS A 8 -17.91 9.36 -1.38
CA LYS A 8 -17.35 9.01 -0.08
C LYS A 8 -15.83 9.07 -0.11
N VAL A 9 -15.25 9.72 0.91
CA VAL A 9 -13.81 9.86 1.01
C VAL A 9 -13.24 8.94 2.09
N VAL A 10 -12.23 8.15 1.73
CA VAL A 10 -11.60 7.23 2.67
C VAL A 10 -10.21 7.71 3.05
N PHE A 11 -9.46 8.19 2.06
CA PHE A 11 -8.11 8.67 2.28
C PHE A 11 -8.07 10.20 2.28
N ALA A 12 -6.90 10.77 2.57
CA ALA A 12 -6.74 12.21 2.60
C ALA A 12 -6.95 12.82 1.21
N LYS A 13 -7.55 14.00 1.19
CA LYS A 13 -7.82 14.69 -0.07
C LYS A 13 -6.51 15.04 -0.79
N GLU A 14 -5.45 15.26 -0.01
CA GLU A 14 -4.16 15.61 -0.56
C GLU A 14 -3.29 14.36 -0.76
N GLN A 15 -3.96 13.22 -1.00
CA GLN A 15 -3.25 11.96 -1.20
C GLN A 15 -2.72 11.85 -2.63
N PRO A 16 -1.49 11.36 -2.76
CA PRO A 16 -0.84 11.18 -4.06
C PRO A 16 -1.48 10.08 -4.90
N ALA A 17 -2.14 10.46 -5.98
CA ALA A 17 -2.79 9.50 -6.86
C ALA A 17 -1.87 8.34 -7.19
N HIS A 18 -0.56 8.61 -7.22
CA HIS A 18 0.42 7.59 -7.52
C HIS A 18 1.69 7.80 -6.71
N ARG A 19 2.12 6.76 -6.01
CA ARG A 19 3.33 6.84 -5.19
C ARG A 19 4.39 5.86 -5.68
N GLU A 20 5.34 6.36 -6.47
CA GLU A 20 6.40 5.53 -7.01
C GLU A 20 7.46 5.23 -5.95
N VAL A 21 7.41 4.03 -5.39
CA VAL A 21 8.36 3.63 -4.36
C VAL A 21 9.43 2.71 -4.93
N GLN A 22 10.60 2.71 -4.29
CA GLN A 22 11.71 1.88 -4.74
C GLN A 22 12.31 1.11 -3.57
N ALA A 23 13.06 0.05 -3.89
CA ALA A 23 13.70 -0.77 -2.86
C ALA A 23 14.85 -1.58 -3.45
N GLU A 24 15.72 -2.07 -2.58
CA GLU A 24 16.87 -2.86 -3.01
C GLU A 24 16.62 -4.35 -2.81
N ALA A 25 17.27 -5.17 -3.63
CA ALA A 25 17.11 -6.61 -3.55
C ALA A 25 17.49 -7.13 -2.17
N GLY A 26 16.52 -7.75 -1.49
CA GLY A 26 16.77 -8.28 -0.16
C GLY A 26 16.47 -7.27 0.93
N ALA A 27 16.25 -6.03 0.54
CA ALA A 27 15.94 -4.97 1.49
C ALA A 27 14.49 -5.05 1.95
N SER A 28 14.07 -4.08 2.77
CA SER A 28 12.72 -4.05 3.29
C SER A 28 12.03 -2.74 2.92
N ALA A 29 11.15 -2.80 1.92
CA ALA A 29 10.43 -1.61 1.48
C ALA A 29 9.35 -1.21 2.49
N THR A 30 8.68 -0.10 2.22
CA THR A 30 7.63 0.39 3.10
C THR A 30 6.69 1.34 2.37
N LEU A 31 5.46 0.90 2.15
CA LEU A 31 4.47 1.71 1.46
C LEU A 31 3.50 2.35 2.45
N SER A 32 3.78 3.61 2.80
CA SER A 32 2.93 4.33 3.75
C SER A 32 1.82 5.08 3.02
N CYS A 33 0.70 5.28 3.70
CA CYS A 33 -0.44 5.99 3.12
C CYS A 33 -1.38 6.49 4.21
N GLU A 34 -1.61 7.81 4.23
CA GLU A 34 -2.49 8.42 5.22
C GLU A 34 -3.94 8.00 4.99
N VAL A 35 -4.78 8.22 5.99
CA VAL A 35 -6.19 7.88 5.89
C VAL A 35 -7.07 8.94 6.56
N ALA A 36 -8.21 9.22 5.95
CA ALA A 36 -9.13 10.21 6.47
C ALA A 36 -9.69 9.78 7.83
N GLN A 37 -9.53 8.50 8.15
CA GLN A 37 -10.03 7.96 9.41
C GLN A 37 -9.14 6.80 9.88
N ALA A 38 -9.07 6.62 11.20
CA ALA A 38 -8.26 5.56 11.77
C ALA A 38 -9.04 4.25 11.81
N GLN A 39 -10.17 4.24 12.50
CA GLN A 39 -10.99 3.05 12.61
C GLN A 39 -11.11 2.34 11.27
N THR A 40 -11.16 3.13 10.20
CA THR A 40 -11.27 2.57 8.86
C THR A 40 -10.15 1.58 8.57
N GLU A 41 -10.51 0.43 7.99
CA GLU A 41 -9.52 -0.59 7.66
C GLU A 41 -9.17 -0.56 6.18
N VAL A 42 -7.95 -1.00 5.86
CA VAL A 42 -7.49 -1.02 4.48
C VAL A 42 -7.01 -2.40 4.08
N THR A 43 -7.02 -2.67 2.78
CA THR A 43 -6.58 -3.97 2.26
C THR A 43 -5.70 -3.81 1.03
N TRP A 44 -4.41 -4.06 1.20
CA TRP A 44 -3.46 -3.94 0.10
C TRP A 44 -3.78 -4.95 -1.01
N TYR A 45 -3.39 -4.62 -2.23
CA TYR A 45 -3.63 -5.48 -3.37
C TYR A 45 -2.46 -5.44 -4.36
N LYS A 46 -2.02 -6.62 -4.79
CA LYS A 46 -0.92 -6.72 -5.73
C LYS A 46 -1.37 -7.34 -7.04
N ASP A 47 -1.43 -6.52 -8.09
CA ASP A 47 -1.86 -6.98 -9.40
C ASP A 47 -3.27 -7.56 -9.35
N GLY A 48 -4.14 -6.90 -8.59
CA GLY A 48 -5.51 -7.37 -8.48
C GLY A 48 -5.62 -8.66 -7.70
N LYS A 49 -4.82 -8.79 -6.65
CA LYS A 49 -4.82 -9.99 -5.82
C LYS A 49 -4.66 -9.63 -4.35
N LYS A 50 -5.64 -10.03 -3.54
CA LYS A 50 -5.60 -9.76 -2.11
C LYS A 50 -4.29 -10.22 -1.49
N LEU A 51 -3.55 -9.28 -0.91
CA LEU A 51 -2.27 -9.59 -0.29
C LEU A 51 -2.47 -10.10 1.13
N SER A 52 -1.53 -10.93 1.59
CA SER A 52 -1.60 -11.49 2.94
C SER A 52 -0.39 -11.08 3.77
N SER A 53 -0.58 -10.95 5.07
CA SER A 53 0.50 -10.57 5.98
C SER A 53 1.24 -11.80 6.49
N SER A 54 2.50 -11.92 6.10
CA SER A 54 3.33 -13.04 6.51
C SER A 54 4.76 -12.60 6.78
N SER A 55 5.61 -13.55 7.19
CA SER A 55 7.00 -13.25 7.50
C SER A 55 7.58 -12.29 6.46
N LYS A 56 7.19 -12.47 5.20
CA LYS A 56 7.68 -11.62 4.12
C LYS A 56 7.06 -10.23 4.21
N VAL A 57 5.78 -10.13 3.93
CA VAL A 57 5.07 -8.86 3.98
C VAL A 57 4.40 -8.65 5.34
N ARG A 58 4.56 -7.46 5.90
CA ARG A 58 3.98 -7.14 7.19
C ARG A 58 3.11 -5.88 7.10
N VAL A 59 1.83 -6.03 7.41
CA VAL A 59 0.90 -4.90 7.37
C VAL A 59 0.78 -4.24 8.74
N GLU A 60 1.27 -3.01 8.84
CA GLU A 60 1.21 -2.27 10.09
C GLU A 60 0.18 -1.15 10.01
N ALA A 61 -0.46 -0.86 11.14
CA ALA A 61 -1.48 0.19 11.19
C ALA A 61 -1.28 1.07 12.42
N VAL A 62 -0.55 2.17 12.24
CA VAL A 62 -0.29 3.10 13.34
C VAL A 62 -1.17 4.33 13.23
N GLY A 63 -2.17 4.41 14.10
CA GLY A 63 -3.08 5.55 14.10
C GLY A 63 -3.67 5.81 12.72
N CYS A 64 -3.21 6.86 12.06
CA CYS A 64 -3.69 7.22 10.74
C CYS A 64 -2.60 7.02 9.69
N THR A 65 -1.84 5.95 9.83
CA THR A 65 -0.77 5.64 8.90
C THR A 65 -0.71 4.15 8.58
N ARG A 66 -0.97 3.80 7.33
CA ARG A 66 -0.96 2.41 6.90
C ARG A 66 0.29 2.11 6.08
N ARG A 67 1.26 1.46 6.70
CA ARG A 67 2.50 1.12 6.02
C ARG A 67 2.58 -0.38 5.75
N LEU A 68 3.24 -0.75 4.66
CA LEU A 68 3.38 -2.16 4.29
C LEU A 68 4.84 -2.51 4.07
N VAL A 69 5.44 -3.16 5.06
CA VAL A 69 6.84 -3.57 4.98
C VAL A 69 6.99 -4.86 4.19
N VAL A 70 7.79 -4.82 3.12
CA VAL A 70 8.02 -5.98 2.29
C VAL A 70 9.42 -6.53 2.48
N GLN A 71 9.56 -7.52 3.36
CA GLN A 71 10.86 -8.13 3.62
C GLN A 71 11.40 -8.82 2.38
N GLN A 72 12.70 -8.66 2.14
CA GLN A 72 13.34 -9.28 0.98
C GLN A 72 12.68 -8.82 -0.32
N ALA A 73 12.61 -7.51 -0.51
CA ALA A 73 12.00 -6.94 -1.70
C ALA A 73 12.74 -7.40 -2.96
N GLY A 74 12.18 -8.39 -3.65
CA GLY A 74 12.80 -8.89 -4.86
C GLY A 74 11.89 -8.80 -6.06
N GLN A 75 12.38 -9.25 -7.22
CA GLN A 75 11.60 -9.21 -8.44
C GLN A 75 10.16 -9.64 -8.18
N ALA A 76 9.99 -10.61 -7.30
CA ALA A 76 8.66 -11.11 -6.96
C ALA A 76 7.83 -10.04 -6.26
N GLU A 77 8.37 -9.49 -5.18
CA GLU A 77 7.68 -8.46 -4.42
C GLU A 77 7.51 -7.19 -5.25
N ALA A 78 8.38 -7.02 -6.24
CA ALA A 78 8.33 -5.85 -7.11
C ALA A 78 7.07 -5.87 -7.98
N GLY A 79 6.25 -4.84 -7.85
CA GLY A 79 5.03 -4.76 -8.62
C GLY A 79 4.23 -3.50 -8.33
N GLU A 80 2.91 -3.63 -8.36
CA GLU A 80 2.03 -2.50 -8.09
C GLU A 80 1.11 -2.79 -6.92
N TYR A 81 1.33 -2.09 -5.80
CA TYR A 81 0.52 -2.28 -4.61
C TYR A 81 -0.56 -1.21 -4.52
N SER A 82 -1.81 -1.65 -4.37
CA SER A 82 -2.93 -0.72 -4.27
C SER A 82 -3.60 -0.84 -2.90
N CYS A 83 -3.47 0.21 -2.09
CA CYS A 83 -4.06 0.23 -0.76
C CYS A 83 -5.54 0.58 -0.83
N GLU A 84 -6.38 -0.46 -0.89
CA GLU A 84 -7.82 -0.26 -0.96
C GLU A 84 -8.40 0.03 0.42
N ALA A 85 -9.54 0.73 0.44
CA ALA A 85 -10.20 1.07 1.69
C ALA A 85 -11.60 1.61 1.44
N GLY A 86 -12.59 0.89 1.95
CA GLY A 86 -13.98 1.31 1.77
C GLY A 86 -14.39 1.33 0.32
N GLY A 87 -14.13 2.45 -0.36
CA GLY A 87 -14.48 2.57 -1.76
C GLY A 87 -13.39 3.25 -2.57
N GLN A 88 -12.27 3.53 -1.93
CA GLN A 88 -11.15 4.17 -2.60
C GLN A 88 -9.87 3.33 -2.48
N GLN A 89 -8.89 3.63 -3.32
CA GLN A 89 -7.62 2.90 -3.30
C GLN A 89 -6.54 3.68 -4.02
N LEU A 90 -5.34 3.70 -3.43
CA LEU A 90 -4.21 4.41 -4.02
C LEU A 90 -3.28 3.46 -4.75
N SER A 91 -2.28 4.02 -5.42
CA SER A 91 -1.32 3.22 -6.17
C SER A 91 0.09 3.38 -5.60
N PHE A 92 0.84 2.29 -5.57
CA PHE A 92 2.20 2.31 -5.06
C PHE A 92 3.09 1.33 -5.82
N ARG A 93 4.01 1.88 -6.61
CA ARG A 93 4.92 1.06 -7.40
C ARG A 93 6.19 0.73 -6.61
N LEU A 94 6.54 -0.55 -6.55
CA LEU A 94 7.72 -0.98 -5.84
C LEU A 94 8.77 -1.54 -6.79
N GLN A 95 9.91 -0.87 -6.87
CA GLN A 95 11.00 -1.30 -7.74
C GLN A 95 12.13 -1.93 -6.94
N VAL A 96 12.72 -2.98 -7.50
CA VAL A 96 13.82 -3.68 -6.83
C VAL A 96 15.15 -3.44 -7.55
N ALA A 97 16.18 -3.15 -6.77
CA ALA A 97 17.51 -2.88 -7.34
C ALA A 97 18.50 -3.96 -6.90
N GLY A 98 18.91 -4.80 -7.85
CA GLY A 98 19.86 -5.86 -7.54
C GLY A 98 19.58 -7.13 -8.32
N GLN A 99 18.35 -7.63 -8.21
CA GLN A 99 17.96 -8.85 -8.90
C GLN A 99 18.96 -9.97 -8.64
N CYS A 100 19.37 -10.10 -7.38
CA CYS A 100 20.32 -11.13 -6.99
C CYS A 100 19.72 -12.07 -5.96
N PHE A 101 19.36 -13.28 -6.38
CA PHE A 101 18.77 -14.27 -5.49
C PHE A 101 19.85 -15.05 -4.76
N GLY A 102 19.87 -14.92 -3.43
CA GLY A 102 20.86 -15.63 -2.64
C GLY A 102 20.28 -16.82 -1.91
N GLY A 1 -21.06 1.16 -1.02
CA GLY A 1 -21.16 2.47 -1.61
C GLY A 1 -20.33 3.51 -0.88
N SER A 2 -20.96 4.60 -0.47
CA SER A 2 -20.27 5.66 0.25
C SER A 2 -21.21 6.38 1.21
N SER A 3 -20.98 6.20 2.51
CA SER A 3 -21.82 6.82 3.53
C SER A 3 -21.42 8.28 3.73
N GLY A 4 -22.21 9.19 3.19
CA GLY A 4 -21.93 10.61 3.32
C GLY A 4 -22.78 11.47 2.41
N SER A 5 -22.48 12.76 2.37
CA SER A 5 -23.24 13.69 1.52
C SER A 5 -22.30 14.41 0.55
N SER A 6 -22.81 14.66 -0.65
CA SER A 6 -22.02 15.34 -1.68
C SER A 6 -20.64 14.71 -1.82
N GLY A 7 -20.60 13.37 -1.74
CA GLY A 7 -19.35 12.66 -1.87
C GLY A 7 -18.68 12.42 -0.53
N LYS A 8 -17.99 11.30 -0.41
CA LYS A 8 -17.30 10.95 0.82
C LYS A 8 -15.88 10.46 0.54
N VAL A 9 -14.92 10.98 1.29
CA VAL A 9 -13.52 10.60 1.13
C VAL A 9 -13.09 9.63 2.22
N VAL A 10 -12.39 8.56 1.82
CA VAL A 10 -11.92 7.56 2.75
C VAL A 10 -10.48 7.84 3.18
N PHE A 11 -9.68 8.36 2.26
CA PHE A 11 -8.29 8.68 2.54
C PHE A 11 -8.12 10.17 2.79
N ALA A 12 -6.87 10.60 2.96
CA ALA A 12 -6.56 12.00 3.20
C ALA A 12 -6.87 12.84 1.98
N LYS A 13 -6.55 14.13 2.06
CA LYS A 13 -6.78 15.05 0.95
C LYS A 13 -5.49 15.70 0.49
N GLU A 14 -4.46 15.61 1.32
CA GLU A 14 -3.15 16.19 1.00
C GLU A 14 -2.18 15.11 0.55
N GLN A 15 -2.72 14.04 -0.05
CA GLN A 15 -1.90 12.94 -0.52
C GLN A 15 -2.12 12.68 -2.00
N PRO A 16 -1.06 12.26 -2.70
CA PRO A 16 -1.11 11.98 -4.14
C PRO A 16 -1.94 10.74 -4.45
N ALA A 17 -2.39 10.63 -5.70
CA ALA A 17 -3.19 9.48 -6.13
C ALA A 17 -2.33 8.23 -6.22
N HIS A 18 -1.10 8.39 -6.70
CA HIS A 18 -0.18 7.27 -6.85
C HIS A 18 1.25 7.69 -6.52
N ARG A 19 1.89 6.94 -5.62
CA ARG A 19 3.26 7.24 -5.22
C ARG A 19 4.22 6.21 -5.80
N GLU A 20 5.49 6.62 -5.96
CA GLU A 20 6.51 5.74 -6.50
C GLU A 20 7.57 5.42 -5.46
N VAL A 21 7.67 4.15 -5.09
CA VAL A 21 8.66 3.72 -4.09
C VAL A 21 9.73 2.86 -4.73
N GLN A 22 10.98 3.11 -4.35
CA GLN A 22 12.11 2.34 -4.88
C GLN A 22 12.85 1.62 -3.76
N ALA A 23 13.30 0.41 -4.06
CA ALA A 23 14.03 -0.39 -3.08
C ALA A 23 15.07 -1.27 -3.76
N GLU A 24 15.89 -1.95 -2.96
CA GLU A 24 16.93 -2.82 -3.48
C GLU A 24 16.56 -4.29 -3.27
N ALA A 25 17.30 -5.18 -3.95
CA ALA A 25 17.04 -6.61 -3.84
C ALA A 25 17.44 -7.14 -2.47
N GLY A 26 16.47 -7.62 -1.71
CA GLY A 26 16.75 -8.15 -0.39
C GLY A 26 16.50 -7.13 0.71
N ALA A 27 16.24 -5.89 0.31
CA ALA A 27 15.98 -4.82 1.26
C ALA A 27 14.53 -4.86 1.74
N SER A 28 14.24 -4.08 2.78
CA SER A 28 12.89 -4.03 3.35
C SER A 28 12.18 -2.75 2.93
N ALA A 29 11.28 -2.88 1.95
CA ALA A 29 10.53 -1.74 1.45
C ALA A 29 9.47 -1.30 2.46
N THR A 30 8.79 -0.19 2.16
CA THR A 30 7.75 0.33 3.05
C THR A 30 6.83 1.28 2.30
N LEU A 31 5.57 0.88 2.15
CA LEU A 31 4.58 1.70 1.46
C LEU A 31 3.59 2.32 2.45
N SER A 32 3.85 3.57 2.81
CA SER A 32 2.98 4.28 3.76
C SER A 32 1.90 5.05 3.02
N CYS A 33 0.77 5.26 3.69
CA CYS A 33 -0.35 5.98 3.09
C CYS A 33 -1.30 6.49 4.17
N GLU A 34 -1.56 7.80 4.15
CA GLU A 34 -2.45 8.41 5.13
C GLU A 34 -3.90 8.04 4.85
N VAL A 35 -4.76 8.24 5.85
CA VAL A 35 -6.18 7.93 5.72
C VAL A 35 -7.04 9.04 6.33
N ALA A 36 -8.33 8.99 6.04
CA ALA A 36 -9.28 9.97 6.57
C ALA A 36 -9.78 9.57 7.95
N GLN A 37 -9.77 8.27 8.22
CA GLN A 37 -10.23 7.75 9.50
C GLN A 37 -9.44 6.51 9.90
N ALA A 38 -8.91 6.52 11.11
CA ALA A 38 -8.14 5.39 11.62
C ALA A 38 -9.03 4.18 11.88
N GLN A 39 -10.22 4.43 12.41
CA GLN A 39 -11.17 3.36 12.70
C GLN A 39 -11.43 2.51 11.46
N THR A 40 -11.19 3.09 10.29
CA THR A 40 -11.40 2.39 9.03
C THR A 40 -10.26 1.43 8.74
N GLU A 41 -10.57 0.35 8.02
CA GLU A 41 -9.56 -0.65 7.68
C GLU A 41 -9.23 -0.60 6.18
N VAL A 42 -8.03 -1.06 5.83
CA VAL A 42 -7.60 -1.07 4.44
C VAL A 42 -7.08 -2.45 4.04
N THR A 43 -7.14 -2.74 2.74
CA THR A 43 -6.66 -4.02 2.23
C THR A 43 -5.77 -3.83 1.00
N TRP A 44 -4.50 -4.20 1.14
CA TRP A 44 -3.55 -4.06 0.04
C TRP A 44 -3.85 -5.08 -1.07
N TYR A 45 -3.54 -4.71 -2.30
CA TYR A 45 -3.78 -5.58 -3.44
C TYR A 45 -2.67 -5.44 -4.48
N LYS A 46 -1.90 -6.51 -4.66
CA LYS A 46 -0.80 -6.51 -5.62
C LYS A 46 -1.22 -7.17 -6.92
N ASP A 47 -0.85 -6.55 -8.05
CA ASP A 47 -1.19 -7.08 -9.36
C ASP A 47 -2.61 -7.65 -9.37
N GLY A 48 -3.49 -7.04 -8.57
CA GLY A 48 -4.87 -7.50 -8.51
C GLY A 48 -5.02 -8.76 -7.68
N LYS A 49 -4.22 -8.87 -6.62
CA LYS A 49 -4.27 -10.04 -5.74
C LYS A 49 -4.39 -9.61 -4.29
N LYS A 50 -5.22 -10.32 -3.53
CA LYS A 50 -5.42 -10.03 -2.11
C LYS A 50 -4.18 -10.41 -1.29
N LEU A 51 -3.44 -9.41 -0.86
CA LEU A 51 -2.24 -9.63 -0.07
C LEU A 51 -2.59 -10.06 1.35
N SER A 52 -1.65 -10.70 2.04
CA SER A 52 -1.85 -11.16 3.40
C SER A 52 -0.62 -10.92 4.25
N SER A 53 -0.82 -10.33 5.43
CA SER A 53 0.28 -10.04 6.33
C SER A 53 0.92 -11.32 6.84
N SER A 54 2.09 -11.64 6.29
CA SER A 54 2.82 -12.84 6.67
C SER A 54 4.26 -12.52 7.08
N SER A 55 4.94 -13.50 7.65
CA SER A 55 6.32 -13.31 8.08
C SER A 55 7.09 -12.43 7.10
N LYS A 56 6.76 -12.57 5.82
CA LYS A 56 7.43 -11.80 4.77
C LYS A 56 6.88 -10.38 4.74
N VAL A 57 5.58 -10.25 4.50
CA VAL A 57 4.94 -8.94 4.44
C VAL A 57 4.11 -8.68 5.68
N ARG A 58 4.33 -7.52 6.30
CA ARG A 58 3.60 -7.15 7.51
C ARG A 58 2.81 -5.86 7.29
N VAL A 59 1.50 -5.93 7.52
CA VAL A 59 0.63 -4.78 7.35
C VAL A 59 0.46 -4.02 8.66
N GLU A 60 1.19 -2.92 8.81
CA GLU A 60 1.12 -2.10 10.01
C GLU A 60 0.09 -0.99 9.86
N ALA A 61 -0.66 -0.74 10.92
CA ALA A 61 -1.69 0.30 10.91
C ALA A 61 -1.55 1.23 12.11
N VAL A 62 -0.69 2.23 11.98
CA VAL A 62 -0.47 3.19 13.06
C VAL A 62 -1.42 4.38 12.94
N GLY A 63 -1.25 5.35 13.83
CA GLY A 63 -2.10 6.53 13.81
C GLY A 63 -2.36 7.04 12.41
N CYS A 64 -3.55 6.79 11.90
CA CYS A 64 -3.93 7.22 10.56
C CYS A 64 -2.75 7.07 9.60
N THR A 65 -2.19 5.87 9.54
CA THR A 65 -1.05 5.60 8.67
C THR A 65 -0.90 4.10 8.42
N ARG A 66 -1.01 3.70 7.16
CA ARG A 66 -0.89 2.30 6.78
C ARG A 66 0.40 2.06 6.00
N ARG A 67 1.37 1.44 6.66
CA ARG A 67 2.65 1.15 6.02
C ARG A 67 2.82 -0.35 5.80
N LEU A 68 3.24 -0.73 4.60
CA LEU A 68 3.44 -2.13 4.26
C LEU A 68 4.92 -2.45 4.12
N VAL A 69 5.47 -3.14 5.13
CA VAL A 69 6.88 -3.51 5.12
C VAL A 69 7.09 -4.84 4.39
N VAL A 70 7.80 -4.78 3.26
CA VAL A 70 8.07 -5.97 2.47
C VAL A 70 9.51 -6.42 2.65
N GLN A 71 9.72 -7.41 3.53
CA GLN A 71 11.06 -7.92 3.79
C GLN A 71 11.57 -8.72 2.59
N GLN A 72 12.86 -8.58 2.31
CA GLN A 72 13.48 -9.29 1.20
C GLN A 72 12.80 -8.93 -0.12
N ALA A 73 12.61 -7.63 -0.34
CA ALA A 73 11.98 -7.15 -1.56
C ALA A 73 12.68 -7.71 -2.80
N GLY A 74 12.00 -8.60 -3.51
CA GLY A 74 12.57 -9.19 -4.70
C GLY A 74 11.65 -9.04 -5.91
N GLN A 75 12.16 -9.42 -7.08
CA GLN A 75 11.40 -9.32 -8.31
C GLN A 75 9.92 -9.60 -8.05
N ALA A 76 9.63 -10.78 -7.51
CA ALA A 76 8.25 -11.17 -7.22
C ALA A 76 7.52 -10.05 -6.48
N GLU A 77 8.14 -9.53 -5.42
CA GLU A 77 7.54 -8.47 -4.63
C GLU A 77 7.39 -7.20 -5.45
N ALA A 78 8.29 -7.00 -6.41
CA ALA A 78 8.26 -5.83 -7.28
C ALA A 78 7.04 -5.86 -8.19
N GLY A 79 6.22 -4.82 -8.12
CA GLY A 79 5.03 -4.76 -8.96
C GLY A 79 4.21 -3.52 -8.69
N GLU A 80 2.91 -3.70 -8.44
CA GLU A 80 2.01 -2.59 -8.17
C GLU A 80 1.14 -2.89 -6.95
N TYR A 81 1.34 -2.13 -5.89
CA TYR A 81 0.58 -2.30 -4.66
C TYR A 81 -0.57 -1.29 -4.58
N SER A 82 -1.77 -1.80 -4.31
CA SER A 82 -2.95 -0.95 -4.21
C SER A 82 -3.63 -1.11 -2.85
N CYS A 83 -3.56 -0.08 -2.03
CA CYS A 83 -4.16 -0.11 -0.71
C CYS A 83 -5.62 0.32 -0.77
N GLU A 84 -6.51 -0.66 -0.89
CA GLU A 84 -7.95 -0.38 -0.96
C GLU A 84 -8.50 0.03 0.41
N ALA A 85 -9.58 0.78 0.41
CA ALA A 85 -10.21 1.23 1.65
C ALA A 85 -11.57 1.86 1.37
N GLY A 86 -12.63 1.17 1.80
CA GLY A 86 -13.97 1.68 1.59
C GLY A 86 -14.36 1.74 0.14
N GLY A 87 -14.08 2.87 -0.51
CA GLY A 87 -14.40 3.03 -1.90
C GLY A 87 -13.27 3.66 -2.69
N GLN A 88 -12.07 3.58 -2.16
CA GLN A 88 -10.89 4.14 -2.82
C GLN A 88 -9.66 3.26 -2.61
N GLN A 89 -8.59 3.58 -3.32
CA GLN A 89 -7.35 2.81 -3.20
C GLN A 89 -6.18 3.57 -3.83
N LEU A 90 -5.07 3.66 -3.10
CA LEU A 90 -3.89 4.35 -3.58
C LEU A 90 -2.92 3.37 -4.24
N SER A 91 -2.20 3.86 -5.25
CA SER A 91 -1.23 3.03 -5.96
C SER A 91 0.18 3.24 -5.41
N PHE A 92 1.01 2.20 -5.51
CA PHE A 92 2.38 2.28 -5.03
C PHE A 92 3.29 1.33 -5.82
N ARG A 93 4.19 1.91 -6.59
CA ARG A 93 5.12 1.11 -7.39
C ARG A 93 6.37 0.76 -6.60
N LEU A 94 6.64 -0.53 -6.47
CA LEU A 94 7.81 -1.00 -5.72
C LEU A 94 8.88 -1.52 -6.67
N GLN A 95 9.91 -0.72 -6.88
CA GLN A 95 11.01 -1.11 -7.77
C GLN A 95 12.11 -1.82 -7.00
N VAL A 96 12.55 -2.96 -7.51
CA VAL A 96 13.60 -3.73 -6.87
C VAL A 96 14.86 -3.77 -7.73
N ALA A 97 16.00 -3.40 -7.13
CA ALA A 97 17.27 -3.39 -7.84
C ALA A 97 17.83 -4.79 -7.95
N GLY A 98 17.73 -5.37 -9.15
CA GLY A 98 18.24 -6.71 -9.38
C GLY A 98 17.46 -7.76 -8.61
N GLN A 99 18.16 -8.79 -8.15
CA GLN A 99 17.52 -9.87 -7.40
C GLN A 99 18.56 -10.70 -6.67
N CYS A 100 18.09 -11.58 -5.79
CA CYS A 100 18.98 -12.45 -5.01
C CYS A 100 18.53 -13.90 -5.10
N PHE A 101 19.48 -14.82 -4.94
CA PHE A 101 19.18 -16.25 -5.00
C PHE A 101 17.89 -16.56 -4.26
N GLY A 102 17.76 -16.02 -3.05
CA GLY A 102 16.57 -16.26 -2.26
C GLY A 102 15.29 -16.13 -3.07
N GLY A 1 -38.41 7.99 -5.37
CA GLY A 1 -37.22 8.37 -6.11
C GLY A 1 -36.04 8.67 -5.19
N SER A 2 -35.01 7.82 -5.27
CA SER A 2 -33.82 8.00 -4.43
C SER A 2 -32.64 8.46 -5.27
N SER A 3 -32.17 9.68 -5.01
CA SER A 3 -31.05 10.25 -5.74
C SER A 3 -30.08 10.95 -4.80
N GLY A 4 -28.79 10.65 -4.94
CA GLY A 4 -27.79 11.25 -4.10
C GLY A 4 -26.59 11.75 -4.88
N SER A 5 -25.51 12.09 -4.17
CA SER A 5 -24.30 12.60 -4.81
C SER A 5 -23.06 12.08 -4.09
N SER A 6 -22.00 11.87 -4.86
CA SER A 6 -20.74 11.39 -4.30
C SER A 6 -20.38 12.14 -3.02
N GLY A 7 -20.00 11.40 -1.98
CA GLY A 7 -19.65 12.01 -0.72
C GLY A 7 -19.07 11.02 0.26
N LYS A 8 -18.21 10.13 -0.22
CA LYS A 8 -17.58 9.12 0.63
C LYS A 8 -16.07 9.14 0.48
N VAL A 9 -15.39 9.69 1.49
CA VAL A 9 -13.93 9.78 1.47
C VAL A 9 -13.31 8.77 2.45
N VAL A 10 -12.32 8.03 1.97
CA VAL A 10 -11.64 7.04 2.78
C VAL A 10 -10.25 7.52 3.20
N PHE A 11 -9.50 8.04 2.23
CA PHE A 11 -8.17 8.54 2.50
C PHE A 11 -8.16 10.06 2.60
N ALA A 12 -6.99 10.62 2.91
CA ALA A 12 -6.85 12.07 3.03
C ALA A 12 -7.40 12.78 1.80
N LYS A 13 -7.23 14.10 1.76
CA LYS A 13 -7.71 14.90 0.64
C LYS A 13 -6.56 15.31 -0.26
N GLU A 14 -5.34 15.22 0.26
CA GLU A 14 -4.14 15.58 -0.51
C GLU A 14 -3.31 14.34 -0.83
N GLN A 15 -3.95 13.18 -0.78
CA GLN A 15 -3.27 11.93 -1.06
C GLN A 15 -2.82 11.85 -2.51
N PRO A 16 -1.58 11.38 -2.73
CA PRO A 16 -1.01 11.26 -4.07
C PRO A 16 -1.69 10.16 -4.89
N ALA A 17 -2.39 10.55 -5.94
CA ALA A 17 -3.09 9.60 -6.80
C ALA A 17 -2.26 8.34 -7.00
N HIS A 18 -0.94 8.51 -7.13
CA HIS A 18 -0.04 7.39 -7.32
C HIS A 18 1.39 7.75 -6.89
N ARG A 19 1.89 7.05 -5.89
CA ARG A 19 3.23 7.30 -5.38
C ARG A 19 4.21 6.24 -5.88
N GLU A 20 5.47 6.63 -6.05
CA GLU A 20 6.50 5.72 -6.52
C GLU A 20 7.46 5.34 -5.40
N VAL A 21 7.64 4.04 -5.20
CA VAL A 21 8.53 3.54 -4.15
C VAL A 21 9.65 2.69 -4.74
N GLN A 22 10.86 2.87 -4.23
CA GLN A 22 12.01 2.12 -4.70
C GLN A 22 12.64 1.32 -3.57
N ALA A 23 13.34 0.25 -3.93
CA ALA A 23 13.99 -0.61 -2.94
C ALA A 23 15.06 -1.48 -3.58
N GLU A 24 15.82 -2.19 -2.75
CA GLU A 24 16.88 -3.06 -3.25
C GLU A 24 16.49 -4.53 -3.11
N ALA A 25 17.18 -5.39 -3.84
CA ALA A 25 16.90 -6.82 -3.79
C ALA A 25 17.30 -7.41 -2.44
N GLY A 26 16.31 -7.95 -1.73
CA GLY A 26 16.58 -8.54 -0.43
C GLY A 26 16.30 -7.59 0.71
N ALA A 27 16.14 -6.31 0.38
CA ALA A 27 15.87 -5.28 1.38
C ALA A 27 14.42 -5.34 1.84
N SER A 28 14.03 -4.39 2.70
CA SER A 28 12.67 -4.34 3.21
C SER A 28 12.01 -3.02 2.85
N ALA A 29 11.08 -3.07 1.90
CA ALA A 29 10.37 -1.88 1.46
C ALA A 29 9.34 -1.44 2.50
N THR A 30 8.68 -0.32 2.23
CA THR A 30 7.67 0.20 3.13
C THR A 30 6.75 1.20 2.42
N LEU A 31 5.51 0.76 2.18
CA LEU A 31 4.53 1.61 1.51
C LEU A 31 3.59 2.26 2.52
N SER A 32 3.88 3.51 2.87
CA SER A 32 3.05 4.24 3.83
C SER A 32 1.93 4.99 3.11
N CYS A 33 0.88 5.32 3.86
CA CYS A 33 -0.26 6.03 3.31
C CYS A 33 -1.21 6.48 4.40
N GLU A 34 -1.61 7.75 4.37
CA GLU A 34 -2.51 8.30 5.36
C GLU A 34 -3.95 7.86 5.10
N VAL A 35 -4.83 8.12 6.07
CA VAL A 35 -6.23 7.75 5.93
C VAL A 35 -7.14 8.78 6.59
N ALA A 36 -8.29 9.03 5.99
CA ALA A 36 -9.25 9.99 6.51
C ALA A 36 -9.71 9.60 7.92
N GLN A 37 -9.50 8.34 8.27
CA GLN A 37 -9.89 7.83 9.58
C GLN A 37 -8.97 6.71 10.03
N ALA A 38 -8.81 6.57 11.35
CA ALA A 38 -7.96 5.52 11.90
C ALA A 38 -8.71 4.20 12.01
N GLN A 39 -9.83 4.21 12.72
CA GLN A 39 -10.64 3.01 12.89
C GLN A 39 -10.84 2.30 11.56
N THR A 40 -10.81 3.05 10.47
CA THR A 40 -10.99 2.49 9.14
C THR A 40 -9.95 1.41 8.86
N GLU A 41 -10.32 0.43 8.03
CA GLU A 41 -9.42 -0.65 7.68
C GLU A 41 -9.07 -0.62 6.19
N VAL A 42 -7.87 -1.08 5.86
CA VAL A 42 -7.42 -1.10 4.47
C VAL A 42 -6.87 -2.46 4.09
N THR A 43 -6.96 -2.80 2.81
CA THR A 43 -6.47 -4.08 2.32
C THR A 43 -5.61 -3.91 1.07
N TRP A 44 -4.32 -4.14 1.23
CA TRP A 44 -3.38 -4.00 0.12
C TRP A 44 -3.68 -5.02 -0.98
N TYR A 45 -3.30 -4.70 -2.21
CA TYR A 45 -3.54 -5.58 -3.35
C TYR A 45 -2.43 -5.44 -4.38
N LYS A 46 -1.75 -6.54 -4.66
CA LYS A 46 -0.66 -6.55 -5.64
C LYS A 46 -1.15 -7.08 -6.98
N ASP A 47 -1.38 -6.17 -7.92
CA ASP A 47 -1.85 -6.55 -9.26
C ASP A 47 -3.25 -7.15 -9.20
N GLY A 48 -4.05 -6.65 -8.27
CA GLY A 48 -5.41 -7.14 -8.13
C GLY A 48 -5.47 -8.42 -7.32
N LYS A 49 -4.41 -8.71 -6.58
CA LYS A 49 -4.34 -9.91 -5.76
C LYS A 49 -4.35 -9.56 -4.28
N LYS A 50 -5.35 -10.06 -3.56
CA LYS A 50 -5.47 -9.80 -2.13
C LYS A 50 -4.22 -10.27 -1.38
N LEU A 51 -3.48 -9.31 -0.83
CA LEU A 51 -2.27 -9.63 -0.08
C LEU A 51 -2.60 -10.14 1.31
N SER A 52 -1.72 -10.99 1.85
CA SER A 52 -1.92 -11.57 3.17
C SER A 52 -0.71 -11.34 4.06
N SER A 53 -0.94 -10.98 5.31
CA SER A 53 0.14 -10.74 6.26
C SER A 53 0.88 -12.03 6.59
N SER A 54 2.21 -11.99 6.49
CA SER A 54 3.03 -13.15 6.77
C SER A 54 4.47 -12.74 7.10
N SER A 55 5.26 -13.70 7.54
CA SER A 55 6.66 -13.44 7.89
C SER A 55 7.32 -12.55 6.85
N LYS A 56 6.81 -12.61 5.62
CA LYS A 56 7.35 -11.80 4.53
C LYS A 56 6.82 -10.37 4.58
N VAL A 57 5.52 -10.22 4.32
CA VAL A 57 4.88 -8.92 4.35
C VAL A 57 4.16 -8.67 5.67
N ARG A 58 4.26 -7.46 6.18
CA ARG A 58 3.62 -7.10 7.45
C ARG A 58 2.78 -5.83 7.28
N VAL A 59 1.49 -5.95 7.56
CA VAL A 59 0.58 -4.81 7.46
C VAL A 59 0.55 -4.01 8.75
N GLU A 60 1.35 -2.95 8.80
CA GLU A 60 1.42 -2.09 9.98
C GLU A 60 0.38 -0.99 9.91
N ALA A 61 -0.31 -0.75 11.02
CA ALA A 61 -1.34 0.28 11.08
C ALA A 61 -1.17 1.15 12.33
N VAL A 62 -0.61 2.34 12.15
CA VAL A 62 -0.41 3.25 13.27
C VAL A 62 -1.29 4.49 13.14
N GLY A 63 -2.30 4.58 13.99
CA GLY A 63 -3.21 5.72 13.96
C GLY A 63 -3.78 5.96 12.57
N CYS A 64 -3.30 7.00 11.90
CA CYS A 64 -3.77 7.33 10.56
C CYS A 64 -2.68 7.07 9.53
N THR A 65 -1.81 6.13 9.82
CA THR A 65 -0.72 5.78 8.91
C THR A 65 -0.67 4.28 8.66
N ARG A 66 -0.82 3.89 7.39
CA ARG A 66 -0.79 2.49 7.02
C ARG A 66 0.45 2.17 6.18
N ARG A 67 1.42 1.48 6.80
CA ARG A 67 2.64 1.12 6.12
C ARG A 67 2.71 -0.38 5.86
N LEU A 68 3.29 -0.76 4.73
CA LEU A 68 3.41 -2.17 4.38
C LEU A 68 4.88 -2.55 4.17
N VAL A 69 5.45 -3.25 5.16
CA VAL A 69 6.84 -3.68 5.09
C VAL A 69 6.97 -4.99 4.31
N VAL A 70 7.75 -4.95 3.24
CA VAL A 70 7.96 -6.14 2.41
C VAL A 70 9.38 -6.68 2.57
N GLN A 71 9.51 -7.71 3.40
CA GLN A 71 10.81 -8.33 3.65
C GLN A 71 11.31 -9.07 2.41
N GLN A 72 12.60 -8.93 2.12
CA GLN A 72 13.20 -9.59 0.96
C GLN A 72 12.56 -9.10 -0.33
N ALA A 73 12.38 -7.78 -0.44
CA ALA A 73 11.78 -7.18 -1.62
C ALA A 73 12.51 -7.63 -2.89
N GLY A 74 11.87 -8.51 -3.65
CA GLY A 74 12.47 -9.00 -4.87
C GLY A 74 11.53 -8.91 -6.06
N GLN A 75 12.05 -9.21 -7.25
CA GLN A 75 11.24 -9.16 -8.47
C GLN A 75 9.80 -9.58 -8.18
N ALA A 76 9.63 -10.75 -7.59
CA ALA A 76 8.31 -11.26 -7.26
C ALA A 76 7.45 -10.19 -6.60
N GLU A 77 7.99 -9.58 -5.55
CA GLU A 77 7.27 -8.55 -4.82
C GLU A 77 7.16 -7.28 -5.65
N ALA A 78 8.16 -7.04 -6.49
CA ALA A 78 8.16 -5.86 -7.35
C ALA A 78 6.96 -5.85 -8.29
N GLY A 79 6.22 -4.75 -8.29
CA GLY A 79 5.05 -4.63 -9.14
C GLY A 79 4.27 -3.37 -8.90
N GLU A 80 3.01 -3.51 -8.50
CA GLU A 80 2.15 -2.37 -8.23
C GLU A 80 1.16 -2.67 -7.10
N TYR A 81 1.38 -2.05 -5.95
CA TYR A 81 0.51 -2.27 -4.79
C TYR A 81 -0.58 -1.19 -4.73
N SER A 82 -1.78 -1.60 -4.38
CA SER A 82 -2.91 -0.69 -4.27
C SER A 82 -3.62 -0.84 -2.93
N CYS A 83 -3.48 0.17 -2.08
CA CYS A 83 -4.11 0.14 -0.77
C CYS A 83 -5.60 0.45 -0.87
N GLU A 84 -6.41 -0.60 -0.86
CA GLU A 84 -7.86 -0.44 -0.96
C GLU A 84 -8.48 -0.19 0.42
N ALA A 85 -9.61 0.51 0.43
CA ALA A 85 -10.30 0.82 1.68
C ALA A 85 -11.63 1.50 1.42
N GLY A 86 -12.73 0.82 1.73
CA GLY A 86 -14.04 1.39 1.53
C GLY A 86 -14.46 1.37 0.06
N GLY A 87 -14.20 2.47 -0.64
CA GLY A 87 -14.57 2.55 -2.04
C GLY A 87 -13.47 3.20 -2.87
N GLN A 88 -12.29 3.35 -2.29
CA GLN A 88 -11.17 3.96 -2.99
C GLN A 88 -9.88 3.16 -2.75
N GLN A 89 -8.84 3.50 -3.50
CA GLN A 89 -7.55 2.81 -3.38
C GLN A 89 -6.46 3.59 -4.10
N LEU A 90 -5.31 3.72 -3.45
CA LEU A 90 -4.18 4.44 -4.03
C LEU A 90 -3.25 3.48 -4.77
N SER A 91 -2.23 4.03 -5.41
CA SER A 91 -1.27 3.22 -6.15
C SER A 91 0.14 3.38 -5.57
N PHE A 92 0.88 2.27 -5.53
CA PHE A 92 2.25 2.28 -5.00
C PHE A 92 3.14 1.34 -5.80
N ARG A 93 4.00 1.91 -6.63
CA ARG A 93 4.92 1.13 -7.45
C ARG A 93 6.16 0.75 -6.66
N LEU A 94 6.39 -0.55 -6.51
CA LEU A 94 7.55 -1.04 -5.77
C LEU A 94 8.64 -1.52 -6.72
N GLN A 95 9.75 -0.79 -6.74
CA GLN A 95 10.88 -1.13 -7.61
C GLN A 95 12.00 -1.80 -6.81
N VAL A 96 12.63 -2.80 -7.40
CA VAL A 96 13.73 -3.51 -6.75
C VAL A 96 15.00 -3.44 -7.58
N ALA A 97 16.12 -3.19 -6.90
CA ALA A 97 17.42 -3.10 -7.56
C ALA A 97 17.93 -4.47 -7.97
N GLY A 98 19.09 -4.51 -8.60
CA GLY A 98 19.68 -5.76 -9.03
C GLY A 98 19.65 -6.81 -7.94
N GLN A 99 19.23 -8.03 -8.30
CA GLN A 99 19.14 -9.12 -7.35
C GLN A 99 20.30 -9.06 -6.35
N CYS A 100 21.50 -8.83 -6.87
CA CYS A 100 22.70 -8.75 -6.02
C CYS A 100 22.38 -8.05 -4.70
N PHE A 101 22.98 -8.55 -3.63
CA PHE A 101 22.77 -7.97 -2.30
C PHE A 101 24.07 -7.93 -1.51
N GLY A 102 24.43 -6.74 -1.03
CA GLY A 102 25.65 -6.60 -0.26
C GLY A 102 26.86 -7.17 -0.97
N GLY A 1 -30.97 19.68 -11.53
CA GLY A 1 -30.02 18.91 -10.76
C GLY A 1 -28.63 18.92 -11.36
N SER A 2 -28.16 17.75 -11.79
CA SER A 2 -26.84 17.63 -12.39
C SER A 2 -25.77 18.23 -11.47
N SER A 3 -25.90 17.96 -10.18
CA SER A 3 -24.94 18.47 -9.20
C SER A 3 -24.25 17.33 -8.47
N GLY A 4 -23.00 17.56 -8.07
CA GLY A 4 -22.24 16.55 -7.36
C GLY A 4 -21.97 16.93 -5.92
N SER A 5 -22.86 16.53 -5.02
CA SER A 5 -22.71 16.85 -3.61
C SER A 5 -21.35 16.38 -3.09
N SER A 6 -21.03 16.78 -1.87
CA SER A 6 -19.75 16.41 -1.25
C SER A 6 -19.50 14.90 -1.37
N GLY A 7 -18.37 14.55 -1.97
CA GLY A 7 -18.04 13.15 -2.14
C GLY A 7 -17.39 12.55 -0.91
N LYS A 8 -17.88 11.39 -0.49
CA LYS A 8 -17.35 10.72 0.69
C LYS A 8 -15.87 10.41 0.51
N VAL A 9 -15.03 11.03 1.34
CA VAL A 9 -13.60 10.82 1.28
C VAL A 9 -13.14 9.84 2.36
N VAL A 10 -12.27 8.91 1.98
CA VAL A 10 -11.75 7.92 2.92
C VAL A 10 -10.28 8.18 3.23
N PHE A 11 -9.55 8.66 2.23
CA PHE A 11 -8.12 8.94 2.39
C PHE A 11 -7.89 10.43 2.60
N ALA A 12 -6.62 10.81 2.74
CA ALA A 12 -6.26 12.21 2.94
C ALA A 12 -6.50 13.02 1.66
N LYS A 13 -6.20 14.31 1.73
CA LYS A 13 -6.37 15.20 0.59
C LYS A 13 -5.02 15.75 0.12
N GLU A 14 -4.04 15.72 1.01
CA GLU A 14 -2.71 16.22 0.69
C GLU A 14 -1.79 15.07 0.25
N GLN A 15 -2.38 14.05 -0.35
CA GLN A 15 -1.61 12.90 -0.82
C GLN A 15 -1.86 12.64 -2.30
N PRO A 16 -0.78 12.29 -3.03
CA PRO A 16 -0.86 12.01 -4.46
C PRO A 16 -1.61 10.71 -4.76
N ALA A 17 -2.40 10.74 -5.83
CA ALA A 17 -3.18 9.57 -6.22
C ALA A 17 -2.31 8.32 -6.25
N HIS A 18 -1.17 8.40 -6.94
CA HIS A 18 -0.25 7.28 -7.03
C HIS A 18 1.17 7.71 -6.71
N ARG A 19 1.80 7.00 -5.77
CA ARG A 19 3.17 7.32 -5.37
C ARG A 19 4.13 6.21 -5.80
N GLU A 20 5.31 6.61 -6.27
CA GLU A 20 6.31 5.65 -6.71
C GLU A 20 7.33 5.38 -5.61
N VAL A 21 7.60 4.10 -5.37
CA VAL A 21 8.56 3.70 -4.34
C VAL A 21 9.65 2.82 -4.92
N GLN A 22 10.89 3.03 -4.46
CA GLN A 22 12.02 2.25 -4.93
C GLN A 22 12.69 1.50 -3.77
N ALA A 23 13.39 0.42 -4.10
CA ALA A 23 14.07 -0.38 -3.10
C ALA A 23 15.10 -1.30 -3.74
N GLU A 24 15.96 -1.89 -2.91
CA GLU A 24 17.00 -2.79 -3.40
C GLU A 24 16.58 -4.24 -3.22
N ALA A 25 17.34 -5.15 -3.83
CA ALA A 25 17.05 -6.58 -3.74
C ALA A 25 17.47 -7.14 -2.39
N GLY A 26 16.52 -7.69 -1.65
CA GLY A 26 16.82 -8.25 -0.35
C GLY A 26 16.56 -7.27 0.78
N ALA A 27 16.21 -6.05 0.43
CA ALA A 27 15.94 -5.01 1.42
C ALA A 27 14.52 -5.11 1.93
N SER A 28 14.13 -4.16 2.78
CA SER A 28 12.79 -4.15 3.36
C SER A 28 12.03 -2.90 2.92
N ALA A 29 11.24 -3.02 1.86
CA ALA A 29 10.47 -1.90 1.34
C ALA A 29 9.40 -1.48 2.34
N THR A 30 8.74 -0.36 2.05
CA THR A 30 7.69 0.17 2.93
C THR A 30 6.78 1.12 2.18
N LEU A 31 5.49 0.79 2.14
CA LEU A 31 4.50 1.62 1.45
C LEU A 31 3.53 2.24 2.44
N SER A 32 3.77 3.49 2.79
CA SER A 32 2.91 4.20 3.73
C SER A 32 1.85 5.01 3.01
N CYS A 33 0.69 5.17 3.64
CA CYS A 33 -0.41 5.92 3.04
C CYS A 33 -1.34 6.46 4.11
N GLU A 34 -1.46 7.79 4.17
CA GLU A 34 -2.32 8.43 5.17
C GLU A 34 -3.78 8.07 4.93
N VAL A 35 -4.61 8.25 5.96
CA VAL A 35 -6.03 7.95 5.87
C VAL A 35 -6.86 9.05 6.52
N ALA A 36 -8.09 9.21 6.04
CA ALA A 36 -8.99 10.22 6.58
C ALA A 36 -9.57 9.78 7.91
N GLN A 37 -9.45 8.49 8.21
CA GLN A 37 -9.95 7.94 9.47
C GLN A 37 -9.16 6.72 9.90
N ALA A 38 -8.66 6.75 11.13
CA ALA A 38 -7.86 5.64 11.65
C ALA A 38 -8.74 4.41 11.90
N GLN A 39 -9.99 4.66 12.28
CA GLN A 39 -10.93 3.58 12.55
C GLN A 39 -11.22 2.77 11.28
N THR A 40 -10.89 3.36 10.13
CA THR A 40 -11.12 2.71 8.85
C THR A 40 -10.02 1.69 8.55
N GLU A 41 -10.42 0.54 8.01
CA GLU A 41 -9.47 -0.51 7.67
C GLU A 41 -9.12 -0.47 6.19
N VAL A 42 -7.93 -0.96 5.85
CA VAL A 42 -7.48 -0.98 4.47
C VAL A 42 -6.98 -2.36 4.07
N THR A 43 -6.98 -2.64 2.77
CA THR A 43 -6.53 -3.92 2.26
C THR A 43 -5.68 -3.75 1.00
N TRP A 44 -4.39 -4.04 1.13
CA TRP A 44 -3.47 -3.92 0.01
C TRP A 44 -3.78 -4.96 -1.07
N TYR A 45 -3.40 -4.64 -2.31
CA TYR A 45 -3.65 -5.54 -3.44
C TYR A 45 -2.51 -5.47 -4.45
N LYS A 46 -1.91 -6.63 -4.71
CA LYS A 46 -0.80 -6.70 -5.66
C LYS A 46 -1.27 -7.32 -6.98
N ASP A 47 -1.07 -6.59 -8.07
CA ASP A 47 -1.46 -7.07 -9.39
C ASP A 47 -2.90 -7.59 -9.38
N GLY A 48 -3.77 -6.88 -8.66
CA GLY A 48 -5.15 -7.28 -8.59
C GLY A 48 -5.34 -8.55 -7.76
N LYS A 49 -4.53 -8.71 -6.73
CA LYS A 49 -4.61 -9.88 -5.86
C LYS A 49 -4.55 -9.48 -4.39
N LYS A 50 -5.40 -10.11 -3.59
CA LYS A 50 -5.45 -9.81 -2.16
C LYS A 50 -4.15 -10.23 -1.47
N LEU A 51 -3.51 -9.28 -0.82
CA LEU A 51 -2.25 -9.55 -0.12
C LEU A 51 -2.52 -9.99 1.32
N SER A 52 -1.67 -10.88 1.83
CA SER A 52 -1.82 -11.38 3.18
C SER A 52 -0.59 -11.04 4.02
N SER A 53 -0.81 -10.86 5.32
CA SER A 53 0.28 -10.53 6.23
C SER A 53 1.04 -11.78 6.67
N SER A 54 2.24 -11.96 6.12
CA SER A 54 3.06 -13.12 6.44
C SER A 54 4.47 -12.70 6.81
N SER A 55 5.28 -13.66 7.25
CA SER A 55 6.65 -13.39 7.63
C SER A 55 7.32 -12.44 6.63
N LYS A 56 6.84 -12.48 5.39
CA LYS A 56 7.39 -11.62 4.34
C LYS A 56 6.80 -10.22 4.41
N VAL A 57 5.52 -10.12 4.07
CA VAL A 57 4.82 -8.82 4.10
C VAL A 57 4.14 -8.60 5.44
N ARG A 58 4.23 -7.37 5.94
CA ARG A 58 3.61 -7.02 7.22
C ARG A 58 2.76 -5.77 7.09
N VAL A 59 1.47 -5.90 7.37
CA VAL A 59 0.54 -4.78 7.29
C VAL A 59 0.43 -4.06 8.63
N GLU A 60 1.15 -2.95 8.76
CA GLU A 60 1.12 -2.17 10.00
C GLU A 60 0.06 -1.08 9.93
N ALA A 61 -0.60 -0.84 11.06
CA ALA A 61 -1.64 0.18 11.13
C ALA A 61 -1.44 1.09 12.33
N VAL A 62 -0.90 2.29 12.09
CA VAL A 62 -0.66 3.25 13.15
C VAL A 62 -1.50 4.51 12.96
N GLY A 63 -1.29 5.49 13.83
CA GLY A 63 -2.04 6.72 13.75
C GLY A 63 -2.33 7.13 12.32
N CYS A 64 -3.56 6.90 11.87
CA CYS A 64 -3.95 7.23 10.50
C CYS A 64 -2.79 7.05 9.54
N THR A 65 -2.15 5.89 9.60
CA THR A 65 -1.02 5.58 8.74
C THR A 65 -0.90 4.08 8.49
N ARG A 66 -1.07 3.68 7.24
CA ARG A 66 -0.97 2.27 6.87
C ARG A 66 0.29 2.00 6.05
N ARG A 67 1.29 1.39 6.70
CA ARG A 67 2.54 1.07 6.03
C ARG A 67 2.67 -0.42 5.77
N LEU A 68 3.26 -0.77 4.63
CA LEU A 68 3.44 -2.17 4.27
C LEU A 68 4.92 -2.51 4.11
N VAL A 69 5.50 -3.15 5.12
CA VAL A 69 6.90 -3.53 5.08
C VAL A 69 7.10 -4.83 4.32
N VAL A 70 7.80 -4.76 3.20
CA VAL A 70 8.06 -5.93 2.37
C VAL A 70 9.48 -6.43 2.56
N GLN A 71 9.62 -7.49 3.35
CA GLN A 71 10.94 -8.07 3.61
C GLN A 71 11.48 -8.81 2.39
N GLN A 72 12.78 -8.73 2.18
CA GLN A 72 13.41 -9.39 1.04
C GLN A 72 12.75 -8.97 -0.27
N ALA A 73 12.64 -7.67 -0.49
CA ALA A 73 12.03 -7.14 -1.70
C ALA A 73 12.75 -7.64 -2.94
N GLY A 74 12.11 -8.57 -3.65
CA GLY A 74 12.71 -9.12 -4.85
C GLY A 74 11.83 -8.95 -6.07
N GLN A 75 12.34 -9.33 -7.24
CA GLN A 75 11.60 -9.19 -8.49
C GLN A 75 10.12 -9.52 -8.27
N ALA A 76 9.86 -10.67 -7.65
CA ALA A 76 8.49 -11.10 -7.38
C ALA A 76 7.72 -10.03 -6.63
N GLU A 77 8.32 -9.52 -5.55
CA GLU A 77 7.68 -8.48 -4.74
C GLU A 77 7.49 -7.20 -5.55
N ALA A 78 8.43 -6.92 -6.44
CA ALA A 78 8.36 -5.74 -7.28
C ALA A 78 7.13 -5.75 -8.16
N GLY A 79 6.28 -4.74 -8.00
CA GLY A 79 5.06 -4.67 -8.80
C GLY A 79 4.25 -3.41 -8.48
N GLU A 80 2.96 -3.60 -8.24
CA GLU A 80 2.07 -2.49 -7.93
C GLU A 80 1.14 -2.84 -6.78
N TYR A 81 1.28 -2.10 -5.67
CA TYR A 81 0.45 -2.33 -4.49
C TYR A 81 -0.67 -1.30 -4.41
N SER A 82 -1.89 -1.78 -4.21
CA SER A 82 -3.05 -0.90 -4.10
C SER A 82 -3.69 -1.02 -2.73
N CYS A 83 -3.57 0.06 -1.94
CA CYS A 83 -4.14 0.09 -0.59
C CYS A 83 -5.61 0.47 -0.64
N GLU A 84 -6.48 -0.53 -0.82
CA GLU A 84 -7.91 -0.30 -0.88
C GLU A 84 -8.45 0.11 0.48
N ALA A 85 -9.37 1.08 0.49
CA ALA A 85 -9.97 1.56 1.73
C ALA A 85 -11.16 2.47 1.45
N GLY A 86 -12.34 2.05 1.88
CA GLY A 86 -13.53 2.84 1.66
C GLY A 86 -13.86 3.01 0.19
N GLY A 87 -13.72 1.94 -0.57
CA GLY A 87 -14.00 2.00 -1.99
C GLY A 87 -12.83 2.56 -2.79
N GLN A 88 -11.97 3.33 -2.13
CA GLN A 88 -10.82 3.93 -2.77
C GLN A 88 -9.62 3.00 -2.73
N GLN A 89 -8.50 3.44 -3.30
CA GLN A 89 -7.28 2.64 -3.31
C GLN A 89 -6.11 3.46 -3.87
N LEU A 90 -5.03 3.51 -3.10
CA LEU A 90 -3.84 4.25 -3.51
C LEU A 90 -2.81 3.33 -4.15
N SER A 91 -2.26 3.75 -5.28
CA SER A 91 -1.26 2.96 -6.01
C SER A 91 0.12 3.18 -5.42
N PHE A 92 0.95 2.13 -5.44
CA PHE A 92 2.30 2.22 -4.92
C PHE A 92 3.24 1.30 -5.69
N ARG A 93 4.07 1.89 -6.54
CA ARG A 93 5.03 1.12 -7.34
C ARG A 93 6.26 0.77 -6.52
N LEU A 94 6.65 -0.50 -6.56
CA LEU A 94 7.82 -0.97 -5.83
C LEU A 94 8.91 -1.44 -6.78
N GLN A 95 10.03 -0.73 -6.79
CA GLN A 95 11.16 -1.07 -7.65
C GLN A 95 12.25 -1.79 -6.87
N VAL A 96 12.72 -2.92 -7.39
CA VAL A 96 13.76 -3.68 -6.74
C VAL A 96 15.06 -3.64 -7.54
N ALA A 97 16.18 -3.47 -6.84
CA ALA A 97 17.48 -3.41 -7.49
C ALA A 97 17.97 -4.80 -7.88
N GLY A 98 19.05 -4.85 -8.64
CA GLY A 98 19.59 -6.13 -9.07
C GLY A 98 19.44 -7.21 -8.01
N GLN A 99 18.75 -8.29 -8.37
CA GLN A 99 18.52 -9.40 -7.45
C GLN A 99 19.84 -9.90 -6.87
N CYS A 100 19.86 -10.18 -5.57
CA CYS A 100 21.05 -10.67 -4.91
C CYS A 100 21.01 -12.19 -4.74
N PHE A 101 22.17 -12.80 -4.60
CA PHE A 101 22.27 -14.25 -4.43
C PHE A 101 22.77 -14.61 -3.04
N GLY A 102 22.08 -15.55 -2.39
CA GLY A 102 22.46 -15.97 -1.06
C GLY A 102 21.57 -15.37 0.01
N GLY A 1 -29.84 10.99 11.91
CA GLY A 1 -29.07 12.21 12.07
C GLY A 1 -29.22 13.16 10.90
N SER A 2 -28.09 13.63 10.39
CA SER A 2 -28.10 14.56 9.26
C SER A 2 -27.89 13.81 7.95
N SER A 3 -29.01 13.47 7.30
CA SER A 3 -28.96 12.75 6.03
C SER A 3 -28.96 13.73 4.85
N GLY A 4 -27.77 14.14 4.44
CA GLY A 4 -27.65 15.07 3.33
C GLY A 4 -26.22 15.45 3.02
N SER A 5 -25.53 14.58 2.29
CA SER A 5 -24.14 14.83 1.94
C SER A 5 -23.72 13.99 0.74
N SER A 6 -23.00 14.61 -0.19
CA SER A 6 -22.55 13.93 -1.39
C SER A 6 -21.03 13.78 -1.41
N GLY A 7 -20.54 12.74 -2.06
CA GLY A 7 -19.11 12.51 -2.14
C GLY A 7 -18.52 12.08 -0.81
N LYS A 8 -18.01 10.86 -0.75
CA LYS A 8 -17.41 10.34 0.47
C LYS A 8 -15.90 10.17 0.32
N VAL A 9 -15.17 10.50 1.37
CA VAL A 9 -13.71 10.38 1.36
C VAL A 9 -13.22 9.41 2.42
N VAL A 10 -12.37 8.48 2.02
CA VAL A 10 -11.84 7.49 2.95
C VAL A 10 -10.38 7.80 3.30
N PHE A 11 -9.62 8.27 2.30
CA PHE A 11 -8.22 8.61 2.51
C PHE A 11 -8.05 10.11 2.75
N ALA A 12 -6.80 10.55 2.87
CA ALA A 12 -6.51 11.95 3.10
C ALA A 12 -6.84 12.80 1.87
N LYS A 13 -6.66 14.10 1.99
CA LYS A 13 -6.94 15.02 0.89
C LYS A 13 -5.64 15.60 0.33
N GLU A 14 -4.59 15.58 1.14
CA GLU A 14 -3.30 16.10 0.72
C GLU A 14 -2.36 14.97 0.33
N GLN A 15 -2.89 13.97 -0.35
CA GLN A 15 -2.10 12.83 -0.80
C GLN A 15 -2.33 12.53 -2.27
N PRO A 16 -1.26 12.14 -2.98
CA PRO A 16 -1.34 11.81 -4.41
C PRO A 16 -2.09 10.53 -4.67
N ALA A 17 -2.66 10.42 -5.87
CA ALA A 17 -3.43 9.23 -6.26
C ALA A 17 -2.52 8.02 -6.37
N HIS A 18 -1.30 8.23 -6.84
CA HIS A 18 -0.33 7.15 -6.99
C HIS A 18 1.08 7.62 -6.65
N ARG A 19 1.77 6.84 -5.82
CA ARG A 19 3.13 7.18 -5.42
C ARG A 19 4.14 6.18 -5.98
N GLU A 20 5.39 6.60 -6.08
CA GLU A 20 6.45 5.74 -6.60
C GLU A 20 7.42 5.35 -5.50
N VAL A 21 7.62 4.04 -5.31
CA VAL A 21 8.53 3.54 -4.30
C VAL A 21 9.58 2.62 -4.91
N GLN A 22 10.80 2.68 -4.38
CA GLN A 22 11.88 1.85 -4.87
C GLN A 22 12.61 1.16 -3.71
N ALA A 23 13.52 0.26 -4.06
CA ALA A 23 14.27 -0.48 -3.04
C ALA A 23 15.35 -1.35 -3.69
N GLU A 24 16.11 -2.07 -2.86
CA GLU A 24 17.16 -2.94 -3.35
C GLU A 24 16.80 -4.41 -3.12
N ALA A 25 17.35 -5.28 -3.96
CA ALA A 25 17.10 -6.71 -3.85
C ALA A 25 17.47 -7.23 -2.46
N GLY A 26 16.48 -7.76 -1.76
CA GLY A 26 16.72 -8.28 -0.42
C GLY A 26 16.35 -7.28 0.67
N ALA A 27 16.42 -6.01 0.34
CA ALA A 27 16.10 -4.95 1.29
C ALA A 27 14.63 -5.02 1.71
N SER A 28 14.26 -4.20 2.68
CA SER A 28 12.88 -4.17 3.17
C SER A 28 12.20 -2.86 2.80
N ALA A 29 11.24 -2.93 1.89
CA ALA A 29 10.51 -1.75 1.44
C ALA A 29 9.45 -1.35 2.46
N THR A 30 8.74 -0.27 2.17
CA THR A 30 7.69 0.22 3.06
C THR A 30 6.74 1.17 2.34
N LEU A 31 5.50 0.74 2.16
CA LEU A 31 4.50 1.55 1.48
C LEU A 31 3.55 2.20 2.48
N SER A 32 3.82 3.46 2.82
CA SER A 32 2.99 4.19 3.77
C SER A 32 1.91 4.99 3.05
N CYS A 33 0.76 5.13 3.69
CA CYS A 33 -0.36 5.86 3.11
C CYS A 33 -1.27 6.42 4.20
N GLU A 34 -1.60 7.71 4.09
CA GLU A 34 -2.46 8.36 5.07
C GLU A 34 -3.91 7.93 4.88
N VAL A 35 -4.71 8.13 5.93
CA VAL A 35 -6.13 7.77 5.88
C VAL A 35 -7.00 8.87 6.49
N ALA A 36 -8.26 8.90 6.09
CA ALA A 36 -9.19 9.89 6.60
C ALA A 36 -9.71 9.51 7.98
N GLN A 37 -9.59 8.23 8.32
CA GLN A 37 -10.05 7.73 9.62
C GLN A 37 -9.04 6.76 10.21
N ALA A 38 -9.29 6.33 11.45
CA ALA A 38 -8.40 5.39 12.13
C ALA A 38 -9.03 4.01 12.21
N GLN A 39 -10.22 3.93 12.81
CA GLN A 39 -10.92 2.67 12.95
C GLN A 39 -11.13 2.00 11.59
N THR A 40 -10.93 2.77 10.53
CA THR A 40 -11.10 2.26 9.17
C THR A 40 -9.97 1.31 8.81
N GLU A 41 -10.33 0.12 8.31
CA GLU A 41 -9.34 -0.88 7.93
C GLU A 41 -9.08 -0.82 6.42
N VAL A 42 -7.90 -1.28 6.02
CA VAL A 42 -7.52 -1.28 4.61
C VAL A 42 -7.02 -2.66 4.17
N THR A 43 -7.13 -2.94 2.88
CA THR A 43 -6.70 -4.22 2.35
C THR A 43 -5.85 -4.03 1.09
N TRP A 44 -4.53 -4.19 1.26
CA TRP A 44 -3.60 -4.03 0.15
C TRP A 44 -3.92 -5.01 -0.98
N TYR A 45 -3.52 -4.67 -2.20
CA TYR A 45 -3.76 -5.51 -3.35
C TYR A 45 -2.65 -5.37 -4.38
N LYS A 46 -1.89 -6.45 -4.59
CA LYS A 46 -0.80 -6.45 -5.54
C LYS A 46 -1.26 -6.94 -6.91
N ASP A 47 -0.95 -6.17 -7.94
CA ASP A 47 -1.34 -6.53 -9.30
C ASP A 47 -2.75 -7.10 -9.34
N GLY A 48 -3.63 -6.55 -8.50
CA GLY A 48 -5.00 -7.01 -8.45
C GLY A 48 -5.13 -8.34 -7.72
N LYS A 49 -4.34 -8.52 -6.68
CA LYS A 49 -4.37 -9.75 -5.90
C LYS A 49 -4.41 -9.45 -4.41
N LYS A 50 -5.22 -10.21 -3.67
CA LYS A 50 -5.34 -10.02 -2.23
C LYS A 50 -4.05 -10.42 -1.52
N LEU A 51 -3.48 -9.48 -0.78
CA LEU A 51 -2.24 -9.73 -0.04
C LEU A 51 -2.53 -10.30 1.34
N SER A 52 -1.55 -11.00 1.91
CA SER A 52 -1.70 -11.61 3.22
C SER A 52 -0.50 -11.30 4.10
N SER A 53 -0.76 -10.67 5.25
CA SER A 53 0.31 -10.32 6.19
C SER A 53 1.06 -11.56 6.65
N SER A 54 2.18 -11.84 6.00
CA SER A 54 2.99 -13.01 6.35
C SER A 54 4.39 -12.59 6.78
N SER A 55 5.11 -13.51 7.42
CA SER A 55 6.46 -13.24 7.89
C SER A 55 7.20 -12.32 6.92
N LYS A 56 6.91 -12.49 5.63
CA LYS A 56 7.54 -11.68 4.59
C LYS A 56 6.97 -10.26 4.59
N VAL A 57 5.66 -10.16 4.38
CA VAL A 57 4.99 -8.87 4.35
C VAL A 57 4.13 -8.67 5.59
N ARG A 58 4.22 -7.49 6.19
CA ARG A 58 3.46 -7.17 7.39
C ARG A 58 2.63 -5.90 7.18
N VAL A 59 1.35 -5.98 7.54
CA VAL A 59 0.46 -4.83 7.39
C VAL A 59 0.40 -4.01 8.67
N GLU A 60 1.24 -2.99 8.76
CA GLU A 60 1.29 -2.13 9.93
C GLU A 60 0.29 -0.98 9.81
N ALA A 61 -0.44 -0.72 10.89
CA ALA A 61 -1.42 0.36 10.90
C ALA A 61 -1.26 1.25 12.12
N VAL A 62 -0.43 2.29 11.98
CA VAL A 62 -0.19 3.22 13.08
C VAL A 62 -1.09 4.44 12.97
N GLY A 63 -1.97 4.60 13.96
CA GLY A 63 -2.89 5.73 13.96
C GLY A 63 -3.56 5.94 12.62
N CYS A 64 -3.27 7.07 11.99
CA CYS A 64 -3.86 7.40 10.70
C CYS A 64 -2.85 7.16 9.57
N THR A 65 -2.04 6.11 9.71
CA THR A 65 -1.04 5.77 8.71
C THR A 65 -0.91 4.26 8.55
N ARG A 66 -0.98 3.80 7.31
CA ARG A 66 -0.87 2.38 7.00
C ARG A 66 0.37 2.09 6.17
N ARG A 67 1.35 1.42 6.78
CA ARG A 67 2.59 1.09 6.10
C ARG A 67 2.66 -0.42 5.82
N LEU A 68 3.31 -0.78 4.72
CA LEU A 68 3.46 -2.19 4.35
C LEU A 68 4.94 -2.55 4.18
N VAL A 69 5.50 -3.19 5.18
CA VAL A 69 6.90 -3.61 5.15
C VAL A 69 7.08 -4.89 4.35
N VAL A 70 7.83 -4.81 3.25
CA VAL A 70 8.07 -5.97 2.40
C VAL A 70 9.50 -6.49 2.57
N GLN A 71 9.65 -7.53 3.38
CA GLN A 71 10.97 -8.12 3.62
C GLN A 71 11.47 -8.86 2.39
N GLN A 72 12.77 -8.77 2.14
CA GLN A 72 13.37 -9.43 1.00
C GLN A 72 12.73 -8.98 -0.31
N ALA A 73 12.60 -7.66 -0.47
CA ALA A 73 11.99 -7.10 -1.66
C ALA A 73 12.68 -7.62 -2.93
N GLY A 74 12.05 -8.59 -3.58
CA GLY A 74 12.63 -9.16 -4.79
C GLY A 74 11.75 -8.93 -6.00
N GLN A 75 12.26 -9.28 -7.18
CA GLN A 75 11.51 -9.12 -8.42
C GLN A 75 10.01 -9.33 -8.19
N ALA A 76 9.66 -10.49 -7.63
CA ALA A 76 8.27 -10.81 -7.35
C ALA A 76 7.57 -9.68 -6.62
N GLU A 77 8.15 -9.27 -5.49
CA GLU A 77 7.59 -8.20 -4.69
C GLU A 77 7.43 -6.93 -5.52
N ALA A 78 8.41 -6.66 -6.37
CA ALA A 78 8.38 -5.48 -7.21
C ALA A 78 7.15 -5.47 -8.12
N GLY A 79 6.45 -4.35 -8.16
CA GLY A 79 5.27 -4.25 -8.99
C GLY A 79 4.43 -3.03 -8.66
N GLU A 80 3.11 -3.21 -8.62
CA GLU A 80 2.19 -2.11 -8.32
C GLU A 80 1.18 -2.53 -7.26
N TYR A 81 1.33 -1.99 -6.05
CA TYR A 81 0.43 -2.30 -4.96
C TYR A 81 -0.76 -1.35 -4.93
N SER A 82 -1.85 -1.79 -4.31
CA SER A 82 -3.06 -0.97 -4.22
C SER A 82 -3.71 -1.12 -2.84
N CYS A 83 -3.70 -0.04 -2.08
CA CYS A 83 -4.29 -0.04 -0.74
C CYS A 83 -5.77 0.34 -0.80
N GLU A 84 -6.63 -0.68 -0.81
CA GLU A 84 -8.07 -0.46 -0.86
C GLU A 84 -8.62 -0.08 0.52
N ALA A 85 -9.67 0.72 0.53
CA ALA A 85 -10.29 1.16 1.78
C ALA A 85 -11.60 1.90 1.51
N GLY A 86 -12.71 1.28 1.90
CA GLY A 86 -14.01 1.90 1.70
C GLY A 86 -14.36 2.04 0.24
N GLY A 87 -13.85 3.10 -0.40
CA GLY A 87 -14.13 3.32 -1.80
C GLY A 87 -12.99 4.02 -2.51
N GLN A 88 -11.78 3.87 -1.99
CA GLN A 88 -10.60 4.49 -2.57
C GLN A 88 -9.41 3.53 -2.55
N GLN A 89 -8.56 3.64 -3.56
CA GLN A 89 -7.38 2.79 -3.65
C GLN A 89 -6.17 3.58 -4.14
N LEU A 90 -5.09 3.51 -3.38
CA LEU A 90 -3.86 4.22 -3.74
C LEU A 90 -2.84 3.28 -4.36
N SER A 91 -2.24 3.71 -5.47
CA SER A 91 -1.25 2.89 -6.16
C SER A 91 0.14 3.13 -5.59
N PHE A 92 0.88 2.04 -5.35
CA PHE A 92 2.22 2.13 -4.79
C PHE A 92 3.17 1.21 -5.54
N ARG A 93 3.79 1.73 -6.59
CA ARG A 93 4.73 0.95 -7.39
C ARG A 93 6.04 0.73 -6.63
N LEU A 94 6.48 -0.53 -6.57
CA LEU A 94 7.71 -0.88 -5.87
C LEU A 94 8.77 -1.37 -6.85
N GLN A 95 9.95 -0.78 -6.80
CA GLN A 95 11.05 -1.16 -7.68
C GLN A 95 12.19 -1.78 -6.89
N VAL A 96 12.68 -2.93 -7.38
CA VAL A 96 13.77 -3.63 -6.72
C VAL A 96 15.06 -3.52 -7.53
N ALA A 97 16.16 -3.19 -6.85
CA ALA A 97 17.45 -3.07 -7.51
C ALA A 97 18.30 -4.32 -7.29
N GLY A 98 18.46 -5.11 -8.36
CA GLY A 98 19.25 -6.32 -8.26
C GLY A 98 18.38 -7.57 -8.17
N GLN A 99 19.02 -8.71 -7.92
CA GLN A 99 18.30 -9.98 -7.81
C GLN A 99 19.05 -10.94 -6.90
N CYS A 100 18.31 -11.63 -6.04
CA CYS A 100 18.90 -12.58 -5.11
C CYS A 100 18.89 -13.99 -5.71
N PHE A 101 17.71 -14.46 -6.09
CA PHE A 101 17.57 -15.79 -6.68
C PHE A 101 18.33 -15.88 -8.00
N GLY A 102 18.04 -14.98 -8.91
CA GLY A 102 18.70 -14.97 -10.21
C GLY A 102 20.21 -15.08 -10.08
N GLY A 1 -31.09 10.21 6.61
CA GLY A 1 -29.83 10.72 7.10
C GLY A 1 -29.16 11.67 6.12
N SER A 2 -28.23 12.46 6.61
CA SER A 2 -27.52 13.42 5.76
C SER A 2 -27.31 12.86 4.36
N SER A 3 -27.68 13.64 3.36
CA SER A 3 -27.54 13.21 1.96
C SER A 3 -27.36 14.42 1.05
N GLY A 4 -26.72 14.19 -0.09
CA GLY A 4 -26.49 15.26 -1.05
C GLY A 4 -25.36 14.96 -2.01
N SER A 5 -24.15 15.35 -1.64
CA SER A 5 -22.98 15.12 -2.49
C SER A 5 -22.64 13.63 -2.53
N SER A 6 -23.00 12.98 -3.64
CA SER A 6 -22.73 11.55 -3.81
C SER A 6 -21.23 11.27 -3.72
N GLY A 7 -20.89 10.14 -3.11
CA GLY A 7 -19.50 9.77 -2.97
C GLY A 7 -18.98 9.97 -1.56
N LYS A 8 -17.77 9.49 -1.29
CA LYS A 8 -17.17 9.62 0.02
C LYS A 8 -15.65 9.64 -0.08
N VAL A 9 -15.00 10.04 1.01
CA VAL A 9 -13.54 10.10 1.04
C VAL A 9 -12.97 9.21 2.14
N VAL A 10 -12.09 8.30 1.76
CA VAL A 10 -11.48 7.38 2.73
C VAL A 10 -10.06 7.84 3.09
N PHE A 11 -9.35 8.37 2.10
CA PHE A 11 -7.99 8.85 2.32
C PHE A 11 -7.93 10.37 2.30
N ALA A 12 -6.80 10.93 2.72
CA ALA A 12 -6.61 12.37 2.76
C ALA A 12 -6.89 12.99 1.39
N LYS A 13 -7.31 14.25 1.39
CA LYS A 13 -7.62 14.95 0.15
C LYS A 13 -6.34 15.23 -0.64
N GLU A 14 -5.25 15.48 0.07
CA GLU A 14 -3.98 15.77 -0.55
C GLU A 14 -3.18 14.48 -0.78
N GLN A 15 -3.89 13.36 -0.85
CA GLN A 15 -3.25 12.07 -1.06
C GLN A 15 -2.76 11.93 -2.50
N PRO A 16 -1.56 11.36 -2.66
CA PRO A 16 -0.96 11.15 -3.98
C PRO A 16 -1.68 10.08 -4.78
N ALA A 17 -2.22 10.47 -5.94
CA ALA A 17 -2.95 9.55 -6.80
C ALA A 17 -2.16 8.25 -6.97
N HIS A 18 -0.86 8.38 -7.19
CA HIS A 18 0.00 7.21 -7.38
C HIS A 18 1.43 7.52 -6.98
N ARG A 19 1.90 6.89 -5.90
CA ARG A 19 3.25 7.11 -5.41
C ARG A 19 4.23 6.17 -6.11
N GLU A 20 5.52 6.44 -5.95
CA GLU A 20 6.56 5.62 -6.56
C GLU A 20 7.63 5.25 -5.54
N VAL A 21 7.58 4.02 -5.05
CA VAL A 21 8.55 3.53 -4.07
C VAL A 21 9.64 2.72 -4.73
N GLN A 22 10.84 2.77 -4.17
CA GLN A 22 11.98 2.03 -4.71
C GLN A 22 12.73 1.30 -3.60
N ALA A 23 13.17 0.08 -3.90
CA ALA A 23 13.90 -0.73 -2.92
C ALA A 23 14.99 -1.55 -3.60
N GLU A 24 15.73 -2.32 -2.81
CA GLU A 24 16.79 -3.15 -3.33
C GLU A 24 16.52 -4.64 -3.08
N ALA A 25 17.04 -5.49 -3.95
CA ALA A 25 16.86 -6.93 -3.81
C ALA A 25 17.33 -7.42 -2.45
N GLY A 26 16.41 -7.96 -1.67
CA GLY A 26 16.75 -8.46 -0.35
C GLY A 26 16.54 -7.42 0.75
N ALA A 27 16.23 -6.20 0.34
CA ALA A 27 16.00 -5.11 1.29
C ALA A 27 14.56 -5.14 1.81
N SER A 28 14.22 -4.16 2.64
CA SER A 28 12.89 -4.07 3.20
C SER A 28 12.17 -2.80 2.75
N ALA A 29 11.13 -2.97 1.94
CA ALA A 29 10.38 -1.83 1.42
C ALA A 29 9.36 -1.36 2.44
N THR A 30 8.70 -0.24 2.14
CA THR A 30 7.70 0.33 3.04
C THR A 30 6.78 1.30 2.29
N LEU A 31 5.50 0.95 2.22
CA LEU A 31 4.53 1.79 1.52
C LEU A 31 3.57 2.43 2.53
N SER A 32 3.85 3.68 2.90
CA SER A 32 3.01 4.39 3.85
C SER A 32 1.91 5.17 3.13
N CYS A 33 0.79 5.35 3.80
CA CYS A 33 -0.34 6.09 3.22
C CYS A 33 -1.29 6.56 4.32
N GLU A 34 -1.56 7.86 4.32
CA GLU A 34 -2.46 8.45 5.31
C GLU A 34 -3.90 8.01 5.07
N VAL A 35 -4.76 8.26 6.05
CA VAL A 35 -6.17 7.89 5.94
C VAL A 35 -7.06 8.91 6.65
N ALA A 36 -8.12 9.33 5.97
CA ALA A 36 -9.05 10.30 6.53
C ALA A 36 -9.57 9.84 7.88
N GLN A 37 -9.57 8.52 8.10
CA GLN A 37 -10.04 7.96 9.36
C GLN A 37 -9.16 6.79 9.80
N ALA A 38 -8.94 6.68 11.10
CA ALA A 38 -8.12 5.61 11.65
C ALA A 38 -8.93 4.32 11.78
N GLN A 39 -10.06 4.39 12.46
CA GLN A 39 -10.91 3.23 12.65
C GLN A 39 -11.09 2.46 11.35
N THR A 40 -11.11 3.19 10.24
CA THR A 40 -11.27 2.58 8.92
C THR A 40 -10.16 1.57 8.64
N GLU A 41 -10.52 0.42 8.07
CA GLU A 41 -9.56 -0.62 7.75
C GLU A 41 -9.14 -0.54 6.28
N VAL A 42 -7.97 -1.09 5.97
CA VAL A 42 -7.46 -1.08 4.61
C VAL A 42 -6.95 -2.46 4.22
N THR A 43 -6.95 -2.73 2.91
CA THR A 43 -6.48 -4.01 2.39
C THR A 43 -5.61 -3.82 1.16
N TRP A 44 -4.31 -4.08 1.31
CA TRP A 44 -3.38 -3.93 0.20
C TRP A 44 -3.69 -4.93 -0.91
N TYR A 45 -3.33 -4.57 -2.14
CA TYR A 45 -3.58 -5.44 -3.29
C TYR A 45 -2.42 -5.37 -4.28
N LYS A 46 -1.75 -6.50 -4.46
CA LYS A 46 -0.62 -6.58 -5.38
C LYS A 46 -1.05 -7.18 -6.72
N ASP A 47 -1.01 -6.36 -7.76
CA ASP A 47 -1.40 -6.81 -9.10
C ASP A 47 -2.81 -7.37 -9.10
N GLY A 48 -3.70 -6.70 -8.38
CA GLY A 48 -5.08 -7.14 -8.30
C GLY A 48 -5.24 -8.42 -7.52
N LYS A 49 -4.42 -8.59 -6.49
CA LYS A 49 -4.47 -9.79 -5.65
C LYS A 49 -4.42 -9.42 -4.17
N LYS A 50 -5.35 -9.97 -3.40
CA LYS A 50 -5.40 -9.71 -1.97
C LYS A 50 -4.11 -10.14 -1.28
N LEU A 51 -3.47 -9.20 -0.59
CA LEU A 51 -2.22 -9.49 0.12
C LEU A 51 -2.50 -9.93 1.55
N SER A 52 -1.66 -10.83 2.06
CA SER A 52 -1.81 -11.33 3.42
C SER A 52 -0.56 -11.07 4.24
N SER A 53 -0.75 -10.74 5.51
CA SER A 53 0.37 -10.46 6.41
C SER A 53 1.16 -11.72 6.70
N SER A 54 2.38 -11.79 6.16
CA SER A 54 3.23 -12.95 6.36
C SER A 54 4.66 -12.51 6.71
N SER A 55 5.46 -13.47 7.19
CA SER A 55 6.84 -13.18 7.55
C SER A 55 7.52 -12.30 6.51
N LYS A 56 7.02 -12.36 5.28
CA LYS A 56 7.57 -11.58 4.19
C LYS A 56 6.95 -10.18 4.15
N VAL A 57 5.62 -10.13 4.16
CA VAL A 57 4.91 -8.86 4.13
C VAL A 57 4.20 -8.61 5.45
N ARG A 58 4.35 -7.40 5.98
CA ARG A 58 3.72 -7.02 7.25
C ARG A 58 2.86 -5.78 7.08
N VAL A 59 1.57 -5.91 7.39
CA VAL A 59 0.64 -4.80 7.27
C VAL A 59 0.54 -4.03 8.59
N GLU A 60 1.30 -2.95 8.70
CA GLU A 60 1.30 -2.13 9.90
C GLU A 60 0.24 -1.02 9.81
N ALA A 61 -0.50 -0.83 10.89
CA ALA A 61 -1.54 0.19 10.93
C ALA A 61 -1.44 1.02 12.20
N VAL A 62 -0.67 2.11 12.13
CA VAL A 62 -0.49 3.00 13.27
C VAL A 62 -1.38 4.22 13.16
N GLY A 63 -2.24 4.43 14.16
CA GLY A 63 -3.13 5.58 14.15
C GLY A 63 -3.71 5.85 12.78
N CYS A 64 -3.25 6.91 12.14
CA CYS A 64 -3.74 7.28 10.82
C CYS A 64 -2.65 7.09 9.77
N THR A 65 -1.96 5.95 9.82
CA THR A 65 -0.90 5.65 8.88
C THR A 65 -0.79 4.15 8.64
N ARG A 66 -1.11 3.73 7.42
CA ARG A 66 -1.04 2.32 7.06
C ARG A 66 0.19 2.03 6.19
N ARG A 67 1.22 1.48 6.81
CA ARG A 67 2.45 1.16 6.08
C ARG A 67 2.56 -0.34 5.84
N LEU A 68 3.18 -0.71 4.72
CA LEU A 68 3.35 -2.11 4.36
C LEU A 68 4.82 -2.45 4.14
N VAL A 69 5.42 -3.09 5.14
CA VAL A 69 6.83 -3.47 5.05
C VAL A 69 7.01 -4.76 4.26
N VAL A 70 7.75 -4.68 3.16
CA VAL A 70 8.00 -5.85 2.32
C VAL A 70 9.39 -6.41 2.56
N GLN A 71 9.48 -7.39 3.44
CA GLN A 71 10.77 -8.01 3.76
C GLN A 71 11.32 -8.77 2.55
N GLN A 72 12.63 -8.73 2.39
CA GLN A 72 13.29 -9.41 1.27
C GLN A 72 12.63 -9.03 -0.06
N ALA A 73 12.48 -7.73 -0.28
CA ALA A 73 11.88 -7.23 -1.52
C ALA A 73 12.72 -7.62 -2.73
N GLY A 74 12.23 -8.60 -3.48
CA GLY A 74 12.94 -9.05 -4.66
C GLY A 74 12.20 -8.73 -5.94
N GLN A 75 12.86 -8.94 -7.07
CA GLN A 75 12.26 -8.67 -8.37
C GLN A 75 10.80 -9.13 -8.40
N ALA A 76 10.53 -10.26 -7.74
CA ALA A 76 9.17 -10.80 -7.69
C ALA A 76 8.23 -9.87 -6.93
N GLU A 77 8.69 -9.40 -5.77
CA GLU A 77 7.87 -8.50 -4.95
C GLU A 77 7.63 -7.18 -5.66
N ALA A 78 8.45 -6.90 -6.67
CA ALA A 78 8.32 -5.66 -7.43
C ALA A 78 7.08 -5.70 -8.33
N GLY A 79 6.28 -4.65 -8.25
CA GLY A 79 5.07 -4.58 -9.07
C GLY A 79 4.28 -3.31 -8.83
N GLU A 80 3.07 -3.46 -8.28
CA GLU A 80 2.22 -2.31 -8.01
C GLU A 80 1.25 -2.62 -6.87
N TYR A 81 1.49 -2.02 -5.71
CA TYR A 81 0.63 -2.25 -4.55
C TYR A 81 -0.44 -1.15 -4.44
N SER A 82 -1.66 -1.57 -4.17
CA SER A 82 -2.78 -0.64 -4.05
C SER A 82 -3.48 -0.79 -2.71
N CYS A 83 -3.44 0.26 -1.90
CA CYS A 83 -4.08 0.24 -0.59
C CYS A 83 -5.57 0.52 -0.70
N GLU A 84 -6.37 -0.55 -0.78
CA GLU A 84 -7.82 -0.42 -0.88
C GLU A 84 -8.45 -0.15 0.48
N ALA A 85 -9.59 0.50 0.48
CA ALA A 85 -10.30 0.81 1.71
C ALA A 85 -11.64 1.48 1.43
N GLY A 86 -12.73 0.73 1.64
CA GLY A 86 -14.05 1.26 1.40
C GLY A 86 -14.42 1.27 -0.07
N GLY A 87 -14.13 2.37 -0.74
CA GLY A 87 -14.43 2.49 -2.15
C GLY A 87 -13.31 3.13 -2.94
N GLN A 88 -12.19 3.38 -2.27
CA GLN A 88 -11.03 4.01 -2.92
C GLN A 88 -9.78 3.19 -2.70
N GLN A 89 -8.74 3.49 -3.46
CA GLN A 89 -7.47 2.77 -3.34
C GLN A 89 -6.37 3.50 -4.11
N LEU A 90 -5.24 3.75 -3.43
CA LEU A 90 -4.12 4.44 -4.04
C LEU A 90 -3.19 3.44 -4.75
N SER A 91 -2.18 3.97 -5.42
CA SER A 91 -1.23 3.13 -6.15
C SER A 91 0.18 3.32 -5.60
N PHE A 92 0.95 2.23 -5.56
CA PHE A 92 2.32 2.28 -5.06
C PHE A 92 3.22 1.35 -5.88
N ARG A 93 4.06 1.94 -6.72
CA ARG A 93 4.98 1.17 -7.56
C ARG A 93 6.25 0.81 -6.79
N LEU A 94 6.41 -0.47 -6.48
CA LEU A 94 7.58 -0.93 -5.74
C LEU A 94 8.65 -1.46 -6.70
N GLN A 95 9.78 -0.76 -6.76
CA GLN A 95 10.88 -1.16 -7.64
C GLN A 95 11.95 -1.91 -6.85
N VAL A 96 12.62 -2.85 -7.51
CA VAL A 96 13.67 -3.64 -6.89
C VAL A 96 14.95 -3.60 -7.70
N ALA A 97 16.05 -3.24 -7.05
CA ALA A 97 17.35 -3.16 -7.72
C ALA A 97 17.88 -4.55 -8.05
N GLY A 98 18.95 -4.60 -8.83
CA GLY A 98 19.53 -5.89 -9.20
C GLY A 98 19.80 -6.77 -8.00
N GLN A 99 19.95 -8.07 -8.25
CA GLN A 99 20.21 -9.02 -7.18
C GLN A 99 21.59 -8.77 -6.56
N CYS A 100 21.59 -8.30 -5.32
CA CYS A 100 22.84 -8.03 -4.61
C CYS A 100 23.70 -9.28 -4.53
N PHE A 101 24.93 -9.13 -4.03
CA PHE A 101 25.85 -10.24 -3.89
C PHE A 101 25.50 -11.09 -2.67
N GLY A 102 26.02 -12.31 -2.65
CA GLY A 102 25.75 -13.20 -1.53
C GLY A 102 24.27 -13.50 -1.36
N GLY A 1 -30.95 4.01 -0.35
CA GLY A 1 -31.58 5.32 -0.44
C GLY A 1 -30.66 6.35 -1.08
N SER A 2 -30.41 6.19 -2.38
CA SER A 2 -29.55 7.11 -3.11
C SER A 2 -29.87 7.09 -4.60
N SER A 3 -29.46 8.14 -5.30
CA SER A 3 -29.70 8.25 -6.74
C SER A 3 -28.41 8.46 -7.49
N GLY A 4 -27.92 7.39 -8.14
CA GLY A 4 -26.68 7.47 -8.89
C GLY A 4 -25.50 6.94 -8.11
N SER A 5 -24.32 7.53 -8.35
CA SER A 5 -23.11 7.10 -7.68
C SER A 5 -22.50 8.24 -6.85
N SER A 6 -22.31 7.99 -5.56
CA SER A 6 -21.76 9.00 -4.67
C SER A 6 -20.33 8.64 -4.27
N GLY A 7 -19.49 9.66 -4.12
CA GLY A 7 -18.10 9.43 -3.75
C GLY A 7 -17.93 9.25 -2.26
N LYS A 8 -16.91 8.48 -1.88
CA LYS A 8 -16.64 8.22 -0.46
C LYS A 8 -15.20 8.60 -0.11
N VAL A 9 -15.05 9.49 0.86
CA VAL A 9 -13.73 9.94 1.30
C VAL A 9 -13.19 9.03 2.40
N VAL A 10 -12.16 8.27 2.07
CA VAL A 10 -11.53 7.37 3.04
C VAL A 10 -10.10 7.78 3.34
N PHE A 11 -9.44 8.38 2.34
CA PHE A 11 -8.06 8.82 2.50
C PHE A 11 -7.98 10.35 2.51
N ALA A 12 -6.79 10.87 2.79
CA ALA A 12 -6.59 12.31 2.83
C ALA A 12 -6.80 12.93 1.45
N LYS A 13 -7.35 14.14 1.43
CA LYS A 13 -7.61 14.84 0.19
C LYS A 13 -6.32 15.11 -0.58
N GLU A 14 -5.23 15.30 0.17
CA GLU A 14 -3.93 15.56 -0.44
C GLU A 14 -3.17 14.26 -0.67
N GLN A 15 -3.91 13.21 -1.03
CA GLN A 15 -3.30 11.91 -1.29
C GLN A 15 -2.87 11.80 -2.75
N PRO A 16 -1.64 11.32 -2.97
CA PRO A 16 -1.08 11.14 -4.31
C PRO A 16 -1.76 10.02 -5.08
N ALA A 17 -2.55 10.39 -6.10
CA ALA A 17 -3.26 9.41 -6.91
C ALA A 17 -2.42 8.16 -7.10
N HIS A 18 -1.11 8.32 -7.25
CA HIS A 18 -0.20 7.21 -7.44
C HIS A 18 1.23 7.59 -7.07
N ARG A 19 1.77 6.92 -6.06
CA ARG A 19 3.13 7.19 -5.61
C ARG A 19 4.10 6.13 -6.12
N GLU A 20 5.39 6.46 -6.13
CA GLU A 20 6.41 5.53 -6.58
C GLU A 20 7.43 5.25 -5.49
N VAL A 21 7.65 3.96 -5.21
CA VAL A 21 8.60 3.56 -4.18
C VAL A 21 9.71 2.70 -4.76
N GLN A 22 10.93 2.95 -4.33
CA GLN A 22 12.09 2.21 -4.81
C GLN A 22 12.78 1.46 -3.66
N ALA A 23 13.36 0.31 -3.97
CA ALA A 23 14.05 -0.49 -2.97
C ALA A 23 15.15 -1.34 -3.61
N GLU A 24 15.96 -1.97 -2.77
CA GLU A 24 17.05 -2.82 -3.25
C GLU A 24 16.74 -4.30 -2.99
N ALA A 25 17.43 -5.17 -3.72
CA ALA A 25 17.24 -6.60 -3.58
C ALA A 25 17.68 -7.08 -2.20
N GLY A 26 16.74 -7.64 -1.44
CA GLY A 26 17.05 -8.13 -0.11
C GLY A 26 16.69 -7.13 0.97
N ALA A 27 16.42 -5.89 0.56
CA ALA A 27 16.05 -4.84 1.51
C ALA A 27 14.60 -4.99 1.97
N SER A 28 14.15 -4.04 2.79
CA SER A 28 12.79 -4.08 3.30
C SER A 28 12.02 -2.82 2.90
N ALA A 29 11.20 -2.94 1.87
CA ALA A 29 10.40 -1.82 1.38
C ALA A 29 9.35 -1.41 2.40
N THR A 30 8.74 -0.25 2.19
CA THR A 30 7.72 0.27 3.09
C THR A 30 6.81 1.27 2.38
N LEU A 31 5.56 0.89 2.18
CA LEU A 31 4.59 1.76 1.51
C LEU A 31 3.65 2.40 2.53
N SER A 32 3.96 3.62 2.93
CA SER A 32 3.14 4.34 3.90
C SER A 32 2.09 5.20 3.19
N CYS A 33 0.91 5.31 3.81
CA CYS A 33 -0.17 6.10 3.24
C CYS A 33 -1.10 6.62 4.33
N GLU A 34 -1.39 7.91 4.30
CA GLU A 34 -2.27 8.51 5.29
C GLU A 34 -3.72 8.07 5.08
N VAL A 35 -4.53 8.24 6.11
CA VAL A 35 -5.95 7.85 6.05
C VAL A 35 -6.84 8.90 6.72
N ALA A 36 -8.01 9.10 6.16
CA ALA A 36 -8.96 10.07 6.71
C ALA A 36 -9.50 9.61 8.06
N GLN A 37 -9.53 8.30 8.27
CA GLN A 37 -10.02 7.74 9.51
C GLN A 37 -9.18 6.53 9.93
N ALA A 38 -8.85 6.47 11.22
CA ALA A 38 -8.04 5.38 11.74
C ALA A 38 -8.87 4.10 11.89
N GLN A 39 -10.05 4.24 12.52
CA GLN A 39 -10.93 3.11 12.72
C GLN A 39 -11.16 2.34 11.42
N THR A 40 -11.07 3.06 10.30
CA THR A 40 -11.27 2.46 8.99
C THR A 40 -10.18 1.44 8.68
N GLU A 41 -10.57 0.36 8.01
CA GLU A 41 -9.62 -0.70 7.65
C GLU A 41 -9.25 -0.62 6.17
N VAL A 42 -8.02 -0.99 5.86
CA VAL A 42 -7.53 -0.97 4.48
C VAL A 42 -7.00 -2.33 4.06
N THR A 43 -7.09 -2.61 2.77
CA THR A 43 -6.62 -3.90 2.24
C THR A 43 -5.74 -3.68 1.01
N TRP A 44 -4.50 -4.14 1.10
CA TRP A 44 -3.56 -4.00 -0.01
C TRP A 44 -3.88 -4.99 -1.13
N TYR A 45 -3.44 -4.67 -2.34
CA TYR A 45 -3.69 -5.54 -3.49
C TYR A 45 -2.55 -5.43 -4.51
N LYS A 46 -1.83 -6.53 -4.70
CA LYS A 46 -0.72 -6.57 -5.63
C LYS A 46 -1.15 -7.18 -6.96
N ASP A 47 -1.01 -6.41 -8.03
CA ASP A 47 -1.38 -6.89 -9.37
C ASP A 47 -2.79 -7.48 -9.35
N GLY A 48 -3.71 -6.79 -8.70
CA GLY A 48 -5.08 -7.26 -8.64
C GLY A 48 -5.21 -8.57 -7.88
N LYS A 49 -4.45 -8.71 -6.81
CA LYS A 49 -4.48 -9.93 -6.00
C LYS A 49 -4.46 -9.59 -4.51
N LYS A 50 -5.47 -10.07 -3.79
CA LYS A 50 -5.57 -9.83 -2.36
C LYS A 50 -4.27 -10.19 -1.65
N LEU A 51 -3.65 -9.20 -1.01
CA LEU A 51 -2.40 -9.42 -0.30
C LEU A 51 -2.66 -9.86 1.14
N SER A 52 -1.92 -10.86 1.60
CA SER A 52 -2.08 -11.37 2.96
C SER A 52 -0.77 -11.25 3.73
N SER A 53 -0.75 -10.33 4.70
CA SER A 53 0.45 -10.11 5.51
C SER A 53 1.13 -11.44 5.85
N SER A 54 2.14 -11.78 5.06
CA SER A 54 2.89 -13.03 5.28
C SER A 54 4.25 -12.75 5.92
N SER A 55 4.93 -13.82 6.31
CA SER A 55 6.24 -13.70 6.94
C SER A 55 7.13 -12.72 6.17
N LYS A 56 6.80 -12.53 4.90
CA LYS A 56 7.57 -11.63 4.04
C LYS A 56 6.98 -10.22 4.08
N VAL A 57 5.66 -10.13 3.93
CA VAL A 57 4.98 -8.85 3.94
C VAL A 57 4.16 -8.68 5.22
N ARG A 58 4.30 -7.52 5.86
CA ARG A 58 3.57 -7.24 7.08
C ARG A 58 2.76 -5.95 6.95
N VAL A 59 1.48 -6.02 7.29
CA VAL A 59 0.60 -4.86 7.20
C VAL A 59 0.51 -4.15 8.56
N GLU A 60 1.22 -3.04 8.68
CA GLU A 60 1.21 -2.26 9.91
C GLU A 60 0.11 -1.20 9.88
N ALA A 61 -0.31 -0.77 11.06
CA ALA A 61 -1.36 0.25 11.18
C ALA A 61 -1.15 1.10 12.42
N VAL A 62 -0.73 2.34 12.22
CA VAL A 62 -0.50 3.27 13.32
C VAL A 62 -1.37 4.51 13.20
N GLY A 63 -1.19 5.45 14.11
CA GLY A 63 -1.97 6.68 14.08
C GLY A 63 -2.27 7.13 12.67
N CYS A 64 -3.51 6.94 12.24
CA CYS A 64 -3.92 7.34 10.89
C CYS A 64 -2.78 7.17 9.90
N THR A 65 -2.14 6.00 9.94
CA THR A 65 -1.02 5.71 9.04
C THR A 65 -0.92 4.21 8.76
N ARG A 66 -0.92 3.86 7.49
CA ARG A 66 -0.83 2.46 7.09
C ARG A 66 0.43 2.22 6.24
N ARG A 67 1.35 1.42 6.78
CA ARG A 67 2.59 1.12 6.07
C ARG A 67 2.69 -0.39 5.80
N LEU A 68 3.23 -0.73 4.63
CA LEU A 68 3.40 -2.12 4.25
C LEU A 68 4.87 -2.48 4.10
N VAL A 69 5.42 -3.15 5.10
CA VAL A 69 6.82 -3.55 5.09
C VAL A 69 7.02 -4.84 4.29
N VAL A 70 7.88 -4.78 3.28
CA VAL A 70 8.15 -5.94 2.44
C VAL A 70 9.58 -6.43 2.63
N GLN A 71 9.76 -7.44 3.48
CA GLN A 71 11.08 -7.99 3.74
C GLN A 71 11.64 -8.69 2.50
N GLN A 72 12.96 -8.66 2.37
CA GLN A 72 13.62 -9.29 1.22
C GLN A 72 12.92 -8.91 -0.08
N ALA A 73 12.74 -7.60 -0.28
CA ALA A 73 12.09 -7.11 -1.49
C ALA A 73 12.81 -7.59 -2.74
N GLY A 74 12.23 -8.59 -3.41
CA GLY A 74 12.83 -9.13 -4.61
C GLY A 74 11.97 -8.92 -5.83
N GLN A 75 12.53 -9.20 -7.00
CA GLN A 75 11.80 -9.04 -8.26
C GLN A 75 10.34 -9.43 -8.09
N ALA A 76 10.11 -10.60 -7.52
CA ALA A 76 8.75 -11.09 -7.30
C ALA A 76 7.90 -10.06 -6.56
N GLU A 77 8.40 -9.60 -5.43
CA GLU A 77 7.70 -8.60 -4.62
C GLU A 77 7.53 -7.30 -5.40
N ALA A 78 8.46 -7.03 -6.32
CA ALA A 78 8.42 -5.83 -7.12
C ALA A 78 7.18 -5.80 -8.01
N GLY A 79 6.37 -4.76 -7.87
CA GLY A 79 5.16 -4.63 -8.66
C GLY A 79 4.36 -3.40 -8.31
N GLU A 80 3.05 -3.48 -8.50
CA GLU A 80 2.17 -2.35 -8.21
C GLU A 80 1.20 -2.69 -7.07
N TYR A 81 1.46 -2.12 -5.90
CA TYR A 81 0.62 -2.38 -4.73
C TYR A 81 -0.47 -1.31 -4.60
N SER A 82 -1.69 -1.75 -4.37
CA SER A 82 -2.83 -0.84 -4.23
C SER A 82 -3.44 -0.94 -2.83
N CYS A 83 -3.51 0.20 -2.14
CA CYS A 83 -4.08 0.23 -0.80
C CYS A 83 -5.56 0.57 -0.84
N GLU A 84 -6.40 -0.45 -0.79
CA GLU A 84 -7.85 -0.26 -0.81
C GLU A 84 -8.38 0.06 0.57
N ALA A 85 -9.55 0.70 0.62
CA ALA A 85 -10.17 1.06 1.88
C ALA A 85 -11.55 1.67 1.66
N GLY A 86 -12.59 0.95 2.07
CA GLY A 86 -13.94 1.43 1.90
C GLY A 86 -14.39 1.42 0.46
N GLY A 87 -14.15 2.53 -0.24
CA GLY A 87 -14.54 2.63 -1.63
C GLY A 87 -13.48 3.30 -2.48
N GLN A 88 -12.30 3.50 -1.91
CA GLN A 88 -11.20 4.14 -2.62
C GLN A 88 -9.91 3.35 -2.45
N GLN A 89 -8.92 3.65 -3.27
CA GLN A 89 -7.63 2.97 -3.21
C GLN A 89 -6.54 3.80 -3.89
N LEU A 90 -5.29 3.56 -3.49
CA LEU A 90 -4.16 4.28 -4.06
C LEU A 90 -3.21 3.34 -4.78
N SER A 91 -2.21 3.89 -5.44
CA SER A 91 -1.23 3.10 -6.18
C SER A 91 0.17 3.29 -5.61
N PHE A 92 0.90 2.18 -5.49
CA PHE A 92 2.26 2.22 -4.95
C PHE A 92 3.17 1.25 -5.70
N ARG A 93 4.05 1.81 -6.53
CA ARG A 93 4.97 0.99 -7.32
C ARG A 93 6.21 0.64 -6.50
N LEU A 94 6.54 -0.65 -6.44
CA LEU A 94 7.69 -1.12 -5.69
C LEU A 94 8.77 -1.65 -6.63
N GLN A 95 9.84 -0.89 -6.78
CA GLN A 95 10.95 -1.29 -7.65
C GLN A 95 12.08 -1.91 -6.84
N VAL A 96 12.62 -3.01 -7.35
CA VAL A 96 13.72 -3.70 -6.67
C VAL A 96 14.99 -3.69 -7.52
N ALA A 97 16.08 -3.24 -6.93
CA ALA A 97 17.36 -3.19 -7.64
C ALA A 97 18.07 -4.53 -7.59
N GLY A 98 18.34 -5.09 -8.76
CA GLY A 98 19.02 -6.37 -8.83
C GLY A 98 18.09 -7.53 -8.52
N GLN A 99 18.68 -8.68 -8.19
CA GLN A 99 17.90 -9.87 -7.88
C GLN A 99 18.10 -10.29 -6.42
N CYS A 100 19.36 -10.35 -6.00
CA CYS A 100 19.70 -10.73 -4.63
C CYS A 100 21.02 -10.10 -4.20
N PHE A 101 21.03 -9.52 -3.01
CA PHE A 101 22.24 -8.89 -2.48
C PHE A 101 23.48 -9.70 -2.83
N GLY A 102 24.58 -9.00 -3.09
CA GLY A 102 25.81 -9.66 -3.43
C GLY A 102 26.40 -10.44 -2.28
N GLY A 1 -29.13 5.62 7.76
CA GLY A 1 -27.85 6.13 7.31
C GLY A 1 -27.98 7.42 6.54
N SER A 2 -26.95 8.25 6.61
CA SER A 2 -26.96 9.55 5.91
C SER A 2 -27.49 9.38 4.49
N SER A 3 -26.97 8.40 3.77
CA SER A 3 -27.39 8.14 2.40
C SER A 3 -27.06 9.33 1.51
N GLY A 4 -25.88 9.90 1.70
CA GLY A 4 -25.47 11.04 0.90
C GLY A 4 -25.29 10.69 -0.56
N SER A 5 -25.90 11.48 -1.44
CA SER A 5 -25.80 11.24 -2.88
C SER A 5 -24.34 11.05 -3.30
N SER A 6 -23.53 12.06 -3.05
CA SER A 6 -22.12 12.02 -3.41
C SER A 6 -21.29 12.94 -2.51
N GLY A 7 -20.16 12.44 -2.04
CA GLY A 7 -19.29 13.22 -1.18
C GLY A 7 -18.80 12.44 0.01
N LYS A 8 -17.88 11.51 -0.23
CA LYS A 8 -17.32 10.68 0.83
C LYS A 8 -15.82 10.47 0.62
N VAL A 9 -15.04 10.82 1.64
CA VAL A 9 -13.59 10.67 1.58
C VAL A 9 -13.11 9.55 2.49
N VAL A 10 -12.36 8.60 1.93
CA VAL A 10 -11.83 7.48 2.70
C VAL A 10 -10.38 7.72 3.08
N PHE A 11 -9.59 8.25 2.15
CA PHE A 11 -8.19 8.52 2.39
C PHE A 11 -7.95 10.01 2.59
N ALA A 12 -6.68 10.38 2.79
CA ALA A 12 -6.31 11.78 2.98
C ALA A 12 -6.65 12.61 1.75
N LYS A 13 -6.45 13.92 1.86
CA LYS A 13 -6.73 14.83 0.76
C LYS A 13 -5.45 15.49 0.25
N GLU A 14 -4.42 15.48 1.09
CA GLU A 14 -3.13 16.07 0.73
C GLU A 14 -2.14 15.00 0.28
N GLN A 15 -2.67 13.94 -0.33
CA GLN A 15 -1.84 12.85 -0.82
C GLN A 15 -2.13 12.55 -2.28
N PRO A 16 -1.07 12.21 -3.03
CA PRO A 16 -1.18 11.88 -4.46
C PRO A 16 -1.92 10.56 -4.71
N ALA A 17 -2.65 10.51 -5.81
CA ALA A 17 -3.40 9.31 -6.16
C ALA A 17 -2.49 8.08 -6.20
N HIS A 18 -1.35 8.22 -6.88
CA HIS A 18 -0.39 7.12 -6.99
C HIS A 18 1.02 7.60 -6.68
N ARG A 19 1.70 6.91 -5.77
CA ARG A 19 3.06 7.26 -5.39
C ARG A 19 4.05 6.19 -5.84
N GLU A 20 5.23 6.63 -6.25
CA GLU A 20 6.27 5.70 -6.71
C GLU A 20 7.20 5.33 -5.57
N VAL A 21 7.63 4.07 -5.54
CA VAL A 21 8.52 3.59 -4.50
C VAL A 21 9.64 2.74 -5.09
N GLN A 22 10.81 2.78 -4.46
CA GLN A 22 11.97 2.02 -4.91
C GLN A 22 12.66 1.31 -3.76
N ALA A 23 13.33 0.20 -4.05
CA ALA A 23 14.03 -0.57 -3.04
C ALA A 23 15.12 -1.43 -3.66
N GLU A 24 15.95 -2.02 -2.81
CA GLU A 24 17.04 -2.88 -3.27
C GLU A 24 16.73 -4.35 -2.99
N ALA A 25 17.36 -5.23 -3.76
CA ALA A 25 17.15 -6.67 -3.60
C ALA A 25 17.58 -7.13 -2.21
N GLY A 26 16.68 -7.81 -1.51
CA GLY A 26 16.98 -8.29 -0.18
C GLY A 26 16.63 -7.28 0.89
N ALA A 27 16.50 -6.02 0.50
CA ALA A 27 16.16 -4.95 1.44
C ALA A 27 14.70 -5.02 1.85
N SER A 28 14.33 -4.21 2.84
CA SER A 28 12.95 -4.19 3.33
C SER A 28 12.25 -2.91 2.92
N ALA A 29 11.33 -3.02 1.96
CA ALA A 29 10.59 -1.86 1.48
C ALA A 29 9.49 -1.47 2.45
N THR A 30 8.92 -0.29 2.25
CA THR A 30 7.86 0.21 3.12
C THR A 30 6.95 1.19 2.38
N LEU A 31 5.67 0.84 2.27
CA LEU A 31 4.70 1.68 1.59
C LEU A 31 3.74 2.33 2.58
N SER A 32 4.03 3.56 2.96
CA SER A 32 3.19 4.28 3.91
C SER A 32 2.13 5.10 3.19
N CYS A 33 0.96 5.22 3.80
CA CYS A 33 -0.14 5.98 3.22
C CYS A 33 -1.09 6.48 4.29
N GLU A 34 -1.48 7.75 4.19
CA GLU A 34 -2.38 8.36 5.15
C GLU A 34 -3.83 7.99 4.85
N VAL A 35 -4.69 8.13 5.85
CA VAL A 35 -6.11 7.82 5.70
C VAL A 35 -6.98 8.88 6.34
N ALA A 36 -8.25 8.93 5.93
CA ALA A 36 -9.20 9.90 6.46
C ALA A 36 -9.76 9.43 7.81
N GLN A 37 -9.80 8.11 8.00
CA GLN A 37 -10.32 7.54 9.23
C GLN A 37 -9.41 6.44 9.75
N ALA A 38 -9.48 6.19 11.06
CA ALA A 38 -8.66 5.15 11.67
C ALA A 38 -9.39 3.81 11.70
N GLN A 39 -10.49 3.77 12.43
CA GLN A 39 -11.29 2.55 12.55
C GLN A 39 -11.48 1.89 11.19
N THR A 40 -11.39 2.70 10.13
CA THR A 40 -11.56 2.20 8.77
C THR A 40 -10.46 1.19 8.42
N GLU A 41 -10.86 -0.04 8.15
CA GLU A 41 -9.91 -1.09 7.80
C GLU A 41 -9.50 -0.98 6.33
N VAL A 42 -8.30 -1.48 6.03
CA VAL A 42 -7.79 -1.44 4.66
C VAL A 42 -7.29 -2.81 4.22
N THR A 43 -7.12 -2.98 2.91
CA THR A 43 -6.65 -4.25 2.37
C THR A 43 -5.81 -4.03 1.11
N TRP A 44 -4.50 -4.19 1.25
CA TRP A 44 -3.59 -4.02 0.12
C TRP A 44 -3.91 -4.97 -1.01
N TYR A 45 -3.56 -4.59 -2.24
CA TYR A 45 -3.83 -5.42 -3.40
C TYR A 45 -2.75 -5.24 -4.45
N LYS A 46 -2.03 -6.32 -4.75
CA LYS A 46 -0.96 -6.28 -5.75
C LYS A 46 -1.45 -6.81 -7.09
N ASP A 47 -1.14 -6.08 -8.16
CA ASP A 47 -1.54 -6.48 -9.50
C ASP A 47 -2.96 -7.02 -9.50
N GLY A 48 -3.84 -6.37 -8.74
CA GLY A 48 -5.22 -6.80 -8.66
C GLY A 48 -5.38 -8.13 -7.96
N LYS A 49 -4.61 -8.33 -6.91
CA LYS A 49 -4.67 -9.57 -6.15
C LYS A 49 -4.61 -9.31 -4.65
N LYS A 50 -5.36 -10.08 -3.88
CA LYS A 50 -5.39 -9.93 -2.43
C LYS A 50 -4.05 -10.33 -1.81
N LEU A 51 -3.41 -9.37 -1.15
CA LEU A 51 -2.13 -9.62 -0.50
C LEU A 51 -2.32 -10.23 0.88
N SER A 52 -1.27 -10.88 1.38
CA SER A 52 -1.32 -11.54 2.68
C SER A 52 -0.24 -10.96 3.61
N SER A 53 -0.50 -11.01 4.91
CA SER A 53 0.44 -10.50 5.90
C SER A 53 1.27 -11.64 6.49
N SER A 54 2.34 -12.00 5.79
CA SER A 54 3.22 -13.07 6.24
C SER A 54 4.59 -12.53 6.62
N SER A 55 5.40 -13.37 7.26
CA SER A 55 6.74 -12.96 7.69
C SER A 55 7.36 -12.01 6.67
N LYS A 56 7.16 -12.31 5.39
CA LYS A 56 7.70 -11.48 4.32
C LYS A 56 7.10 -10.07 4.36
N VAL A 57 5.80 -9.98 4.16
CA VAL A 57 5.10 -8.69 4.16
C VAL A 57 4.28 -8.53 5.44
N ARG A 58 4.40 -7.36 6.06
CA ARG A 58 3.67 -7.07 7.29
C ARG A 58 2.80 -5.83 7.13
N VAL A 59 1.51 -5.99 7.39
CA VAL A 59 0.56 -4.89 7.28
C VAL A 59 0.44 -4.13 8.60
N GLU A 60 1.15 -3.01 8.69
CA GLU A 60 1.12 -2.18 9.89
C GLU A 60 0.10 -1.06 9.76
N ALA A 61 -0.57 -0.75 10.87
CA ALA A 61 -1.58 0.30 10.88
C ALA A 61 -1.42 1.21 12.10
N VAL A 62 -0.66 2.29 11.93
CA VAL A 62 -0.43 3.23 13.01
C VAL A 62 -1.37 4.43 12.92
N GLY A 63 -2.32 4.50 13.83
CA GLY A 63 -3.28 5.60 13.83
C GLY A 63 -3.89 5.83 12.47
N CYS A 64 -3.60 6.98 11.87
CA CYS A 64 -4.14 7.31 10.56
C CYS A 64 -3.09 7.12 9.47
N THR A 65 -2.31 6.05 9.60
CA THR A 65 -1.26 5.75 8.63
C THR A 65 -1.09 4.24 8.46
N ARG A 66 -1.11 3.79 7.21
CA ARG A 66 -0.95 2.37 6.90
C ARG A 66 0.33 2.12 6.13
N ARG A 67 1.27 1.42 6.75
CA ARG A 67 2.54 1.11 6.12
C ARG A 67 2.65 -0.38 5.82
N LEU A 68 3.31 -0.71 4.71
CA LEU A 68 3.49 -2.11 4.31
C LEU A 68 4.97 -2.44 4.17
N VAL A 69 5.51 -3.14 5.16
CA VAL A 69 6.92 -3.54 5.14
C VAL A 69 7.12 -4.83 4.36
N VAL A 70 7.91 -4.76 3.30
CA VAL A 70 8.18 -5.93 2.46
C VAL A 70 9.61 -6.40 2.65
N GLN A 71 9.78 -7.46 3.44
CA GLN A 71 11.10 -8.01 3.71
C GLN A 71 11.62 -8.76 2.49
N GLN A 72 12.94 -8.73 2.30
CA GLN A 72 13.56 -9.41 1.17
C GLN A 72 12.87 -9.04 -0.14
N ALA A 73 12.62 -7.75 -0.33
CA ALA A 73 11.96 -7.26 -1.53
C ALA A 73 12.66 -7.78 -2.78
N GLY A 74 11.97 -8.65 -3.52
CA GLY A 74 12.54 -9.21 -4.73
C GLY A 74 11.65 -9.01 -5.93
N GLN A 75 12.09 -9.51 -7.09
CA GLN A 75 11.31 -9.38 -8.32
C GLN A 75 9.82 -9.46 -8.04
N ALA A 76 9.37 -10.62 -7.59
CA ALA A 76 7.96 -10.83 -7.28
C ALA A 76 7.38 -9.63 -6.54
N GLU A 77 8.08 -9.20 -5.49
CA GLU A 77 7.63 -8.06 -4.70
C GLU A 77 7.51 -6.80 -5.55
N ALA A 78 8.42 -6.68 -6.52
CA ALA A 78 8.42 -5.52 -7.41
C ALA A 78 7.18 -5.51 -8.29
N GLY A 79 6.44 -4.40 -8.24
CA GLY A 79 5.24 -4.28 -9.04
C GLY A 79 4.40 -3.07 -8.66
N GLU A 80 3.12 -3.29 -8.38
CA GLU A 80 2.23 -2.22 -8.00
C GLU A 80 1.31 -2.64 -6.85
N TYR A 81 1.29 -1.84 -5.79
CA TYR A 81 0.46 -2.14 -4.63
C TYR A 81 -0.72 -1.17 -4.54
N SER A 82 -1.89 -1.70 -4.23
CA SER A 82 -3.10 -0.88 -4.10
C SER A 82 -3.75 -1.06 -2.74
N CYS A 83 -3.82 0.02 -1.97
CA CYS A 83 -4.41 -0.01 -0.65
C CYS A 83 -5.90 0.30 -0.70
N GLU A 84 -6.73 -0.73 -0.73
CA GLU A 84 -8.18 -0.56 -0.79
C GLU A 84 -8.76 -0.37 0.61
N ALA A 85 -9.53 0.70 0.78
CA ALA A 85 -10.15 0.99 2.06
C ALA A 85 -11.62 1.36 1.89
N GLY A 86 -12.14 1.13 0.69
CA GLY A 86 -13.53 1.44 0.41
C GLY A 86 -13.70 2.36 -0.79
N GLY A 87 -13.61 1.80 -1.98
CA GLY A 87 -13.75 2.59 -3.19
C GLY A 87 -12.46 3.27 -3.60
N GLN A 88 -11.73 3.78 -2.60
CA GLN A 88 -10.47 4.47 -2.87
C GLN A 88 -9.29 3.50 -2.73
N GLN A 89 -8.31 3.65 -3.61
CA GLN A 89 -7.13 2.78 -3.59
C GLN A 89 -5.89 3.55 -4.05
N LEU A 90 -4.87 3.57 -3.19
CA LEU A 90 -3.63 4.27 -3.50
C LEU A 90 -2.61 3.32 -4.14
N SER A 91 -2.11 3.70 -5.31
CA SER A 91 -1.13 2.89 -6.03
C SER A 91 0.27 3.15 -5.50
N PHE A 92 1.03 2.08 -5.30
CA PHE A 92 2.40 2.19 -4.80
C PHE A 92 3.34 1.28 -5.59
N ARG A 93 3.99 1.84 -6.59
CA ARG A 93 4.92 1.09 -7.42
C ARG A 93 6.20 0.78 -6.66
N LEU A 94 6.51 -0.51 -6.56
CA LEU A 94 7.72 -0.95 -5.85
C LEU A 94 8.75 -1.51 -6.82
N GLN A 95 9.90 -0.85 -6.88
CA GLN A 95 10.98 -1.29 -7.78
C GLN A 95 12.11 -1.93 -6.99
N VAL A 96 12.58 -3.08 -7.47
CA VAL A 96 13.66 -3.79 -6.80
C VAL A 96 14.95 -3.73 -7.63
N ALA A 97 16.07 -3.52 -6.96
CA ALA A 97 17.36 -3.44 -7.64
C ALA A 97 18.28 -4.58 -7.19
N GLY A 98 18.53 -5.52 -8.09
CA GLY A 98 19.39 -6.64 -7.76
C GLY A 98 18.67 -7.97 -7.85
N GLN A 99 19.42 -9.06 -7.72
CA GLN A 99 18.84 -10.40 -7.79
C GLN A 99 18.70 -11.00 -6.40
N CYS A 100 17.47 -11.35 -6.03
CA CYS A 100 17.20 -11.93 -4.73
C CYS A 100 16.27 -13.14 -4.85
N PHE A 101 16.61 -14.21 -4.13
CA PHE A 101 15.82 -15.43 -4.16
C PHE A 101 15.31 -15.78 -2.77
N GLY A 102 16.23 -15.91 -1.82
CA GLY A 102 15.86 -16.25 -0.46
C GLY A 102 16.99 -16.92 0.30
N GLY A 1 -32.20 10.54 -9.94
CA GLY A 1 -30.86 11.05 -9.70
C GLY A 1 -29.85 10.51 -10.69
N SER A 2 -28.57 10.73 -10.41
CA SER A 2 -27.50 10.27 -11.29
C SER A 2 -26.83 9.03 -10.72
N SER A 3 -26.54 8.07 -11.60
CA SER A 3 -25.90 6.83 -11.19
C SER A 3 -24.72 7.11 -10.27
N GLY A 4 -24.90 6.79 -8.98
CA GLY A 4 -23.84 7.01 -8.01
C GLY A 4 -23.79 8.45 -7.53
N SER A 5 -24.91 8.94 -7.00
CA SER A 5 -24.98 10.31 -6.51
C SER A 5 -24.42 10.41 -5.10
N SER A 6 -23.32 9.71 -4.86
CA SER A 6 -22.68 9.72 -3.54
C SER A 6 -21.16 9.62 -3.67
N GLY A 7 -20.46 10.45 -2.90
CA GLY A 7 -19.01 10.45 -2.95
C GLY A 7 -18.39 10.63 -1.57
N LYS A 8 -17.98 9.52 -0.96
CA LYS A 8 -17.37 9.57 0.37
C LYS A 8 -15.85 9.64 0.26
N VAL A 9 -15.19 9.80 1.40
CA VAL A 9 -13.73 9.89 1.43
C VAL A 9 -13.15 8.87 2.40
N VAL A 10 -12.17 8.11 1.92
CA VAL A 10 -11.51 7.10 2.74
C VAL A 10 -10.11 7.54 3.16
N PHE A 11 -9.45 8.28 2.28
CA PHE A 11 -8.11 8.78 2.55
C PHE A 11 -8.08 10.30 2.61
N ALA A 12 -7.00 10.85 3.15
CA ALA A 12 -6.85 12.30 3.27
C ALA A 12 -7.13 12.98 1.94
N LYS A 13 -7.24 14.31 1.96
CA LYS A 13 -7.51 15.08 0.77
C LYS A 13 -6.22 15.41 0.02
N GLU A 14 -5.11 15.43 0.76
CA GLU A 14 -3.81 15.72 0.17
C GLU A 14 -3.07 14.43 -0.18
N GLN A 15 -3.83 13.40 -0.55
CA GLN A 15 -3.24 12.12 -0.91
C GLN A 15 -2.91 12.07 -2.40
N PRO A 16 -1.73 11.51 -2.72
CA PRO A 16 -1.27 11.40 -4.11
C PRO A 16 -2.08 10.37 -4.91
N ALA A 17 -1.66 10.12 -6.14
CA ALA A 17 -2.34 9.17 -7.00
C ALA A 17 -1.44 7.99 -7.34
N HIS A 18 -0.14 8.25 -7.39
CA HIS A 18 0.83 7.21 -7.70
C HIS A 18 2.15 7.45 -6.96
N ARG A 19 2.39 6.66 -5.92
CA ARG A 19 3.62 6.79 -5.14
C ARG A 19 4.62 5.71 -5.51
N GLU A 20 5.52 6.05 -6.44
CA GLU A 20 6.54 5.11 -6.89
C GLU A 20 7.65 4.96 -5.84
N VAL A 21 7.71 3.79 -5.23
CA VAL A 21 8.73 3.52 -4.21
C VAL A 21 9.82 2.61 -4.75
N GLN A 22 11.06 2.96 -4.49
CA GLN A 22 12.20 2.17 -4.95
C GLN A 22 12.84 1.41 -3.79
N ALA A 23 13.46 0.28 -4.10
CA ALA A 23 14.13 -0.54 -3.08
C ALA A 23 15.20 -1.42 -3.70
N GLU A 24 15.91 -2.16 -2.85
CA GLU A 24 16.96 -3.05 -3.32
C GLU A 24 16.60 -4.51 -3.07
N ALA A 25 17.12 -5.40 -3.90
CA ALA A 25 16.85 -6.83 -3.78
C ALA A 25 17.25 -7.34 -2.40
N GLY A 26 16.26 -7.80 -1.63
CA GLY A 26 16.52 -8.31 -0.30
C GLY A 26 16.21 -7.30 0.79
N ALA A 27 16.11 -6.03 0.40
CA ALA A 27 15.82 -4.97 1.34
C ALA A 27 14.37 -5.04 1.82
N SER A 28 14.00 -4.14 2.74
CA SER A 28 12.65 -4.11 3.27
C SER A 28 11.96 -2.79 2.93
N ALA A 29 11.14 -2.82 1.89
CA ALA A 29 10.42 -1.63 1.45
C ALA A 29 9.38 -1.20 2.49
N THR A 30 8.71 -0.09 2.23
CA THR A 30 7.69 0.42 3.14
C THR A 30 6.78 1.42 2.43
N LEU A 31 5.52 1.04 2.26
CA LEU A 31 4.54 1.91 1.61
C LEU A 31 3.59 2.53 2.62
N SER A 32 3.90 3.76 3.05
CA SER A 32 3.06 4.45 4.02
C SER A 32 2.01 5.31 3.32
N CYS A 33 0.94 5.63 4.04
CA CYS A 33 -0.14 6.44 3.49
C CYS A 33 -1.13 6.83 4.57
N GLU A 34 -1.48 8.11 4.63
CA GLU A 34 -2.42 8.61 5.62
C GLU A 34 -3.84 8.13 5.32
N VAL A 35 -4.74 8.26 6.29
CA VAL A 35 -6.12 7.84 6.13
C VAL A 35 -7.08 8.84 6.78
N ALA A 36 -8.24 9.01 6.16
CA ALA A 36 -9.24 9.93 6.69
C ALA A 36 -9.74 9.48 8.06
N GLN A 37 -9.53 8.21 8.36
CA GLN A 37 -9.96 7.66 9.65
C GLN A 37 -9.09 6.46 10.04
N ALA A 38 -8.80 6.36 11.34
CA ALA A 38 -7.98 5.26 11.84
C ALA A 38 -8.76 3.94 11.82
N GLN A 39 -9.78 3.83 12.66
CA GLN A 39 -10.58 2.63 12.73
C GLN A 39 -10.73 1.99 11.36
N THR A 40 -10.96 2.81 10.34
CA THR A 40 -11.12 2.33 8.98
C THR A 40 -10.10 1.25 8.66
N GLU A 41 -10.57 0.15 8.06
CA GLU A 41 -9.69 -0.96 7.70
C GLU A 41 -9.24 -0.84 6.24
N VAL A 42 -8.02 -1.30 5.97
CA VAL A 42 -7.48 -1.26 4.62
C VAL A 42 -7.02 -2.64 4.16
N THR A 43 -6.76 -2.78 2.87
CA THR A 43 -6.31 -4.04 2.31
C THR A 43 -5.51 -3.83 1.03
N TRP A 44 -4.21 -4.07 1.11
CA TRP A 44 -3.33 -3.91 -0.04
C TRP A 44 -3.62 -4.96 -1.11
N TYR A 45 -3.41 -4.60 -2.36
CA TYR A 45 -3.65 -5.51 -3.47
C TYR A 45 -2.53 -5.42 -4.51
N LYS A 46 -1.91 -6.56 -4.81
CA LYS A 46 -0.83 -6.61 -5.78
C LYS A 46 -1.32 -7.20 -7.10
N ASP A 47 -1.13 -6.44 -8.18
CA ASP A 47 -1.54 -6.89 -9.51
C ASP A 47 -2.93 -7.51 -9.46
N GLY A 48 -3.82 -6.90 -8.70
CA GLY A 48 -5.18 -7.42 -8.58
C GLY A 48 -5.25 -8.68 -7.75
N LYS A 49 -4.45 -8.73 -6.68
CA LYS A 49 -4.43 -9.89 -5.80
C LYS A 49 -4.41 -9.46 -4.34
N LYS A 50 -5.27 -10.09 -3.54
CA LYS A 50 -5.35 -9.77 -2.12
C LYS A 50 -4.04 -10.07 -1.41
N LEU A 51 -3.40 -9.02 -0.89
CA LEU A 51 -2.13 -9.17 -0.19
C LEU A 51 -2.35 -9.62 1.25
N SER A 52 -1.41 -10.41 1.77
CA SER A 52 -1.50 -10.91 3.14
C SER A 52 -0.25 -10.57 3.93
N SER A 53 -0.40 -10.35 5.22
CA SER A 53 0.72 -10.02 6.09
C SER A 53 1.52 -11.27 6.45
N SER A 54 2.28 -11.78 5.49
CA SER A 54 3.09 -12.97 5.71
C SER A 54 4.45 -12.60 6.29
N SER A 55 5.18 -13.62 6.76
CA SER A 55 6.50 -13.40 7.33
C SER A 55 7.26 -12.32 6.57
N LYS A 56 7.05 -12.27 5.26
CA LYS A 56 7.71 -11.28 4.41
C LYS A 56 6.98 -9.94 4.47
N VAL A 57 5.72 -9.95 4.04
CA VAL A 57 4.91 -8.73 4.05
C VAL A 57 4.19 -8.55 5.38
N ARG A 58 4.32 -7.36 5.96
CA ARG A 58 3.70 -7.06 7.24
C ARG A 58 2.88 -5.77 7.16
N VAL A 59 1.57 -5.90 7.30
CA VAL A 59 0.68 -4.74 7.24
C VAL A 59 0.53 -4.08 8.61
N GLU A 60 1.14 -2.91 8.76
CA GLU A 60 1.07 -2.18 10.03
C GLU A 60 0.03 -1.06 9.97
N ALA A 61 -0.73 -0.91 11.05
CA ALA A 61 -1.77 0.10 11.11
C ALA A 61 -1.58 1.00 12.33
N VAL A 62 -0.95 2.15 12.13
CA VAL A 62 -0.71 3.09 13.22
C VAL A 62 -1.57 4.33 13.08
N GLY A 63 -1.35 5.30 13.96
CA GLY A 63 -2.13 6.53 13.92
C GLY A 63 -2.45 6.97 12.49
N CYS A 64 -3.68 6.72 12.07
CA CYS A 64 -4.11 7.08 10.72
C CYS A 64 -2.97 6.94 9.73
N THR A 65 -2.25 5.82 9.81
CA THR A 65 -1.12 5.56 8.92
C THR A 65 -0.99 4.08 8.61
N ARG A 66 -1.11 3.74 7.34
CA ARG A 66 -1.00 2.36 6.90
C ARG A 66 0.29 2.12 6.13
N ARG A 67 1.26 1.48 6.78
CA ARG A 67 2.55 1.20 6.16
C ARG A 67 2.70 -0.29 5.87
N LEU A 68 3.19 -0.62 4.68
CA LEU A 68 3.37 -2.01 4.28
C LEU A 68 4.85 -2.33 4.15
N VAL A 69 5.40 -3.04 5.13
CA VAL A 69 6.80 -3.42 5.11
C VAL A 69 7.01 -4.73 4.35
N VAL A 70 7.63 -4.63 3.18
CA VAL A 70 7.90 -5.80 2.34
C VAL A 70 9.30 -6.32 2.58
N GLN A 71 9.44 -7.28 3.48
CA GLN A 71 10.74 -7.87 3.80
C GLN A 71 11.26 -8.68 2.62
N GLN A 72 12.53 -8.47 2.27
CA GLN A 72 13.14 -9.18 1.16
C GLN A 72 12.45 -8.86 -0.16
N ALA A 73 12.35 -7.56 -0.46
CA ALA A 73 11.72 -7.12 -1.69
C ALA A 73 12.45 -7.65 -2.92
N GLY A 74 11.84 -8.64 -3.58
CA GLY A 74 12.45 -9.22 -4.76
C GLY A 74 11.63 -8.97 -6.02
N GLN A 75 12.24 -9.25 -7.17
CA GLN A 75 11.56 -9.04 -8.44
C GLN A 75 10.07 -9.35 -8.33
N ALA A 76 9.75 -10.49 -7.70
CA ALA A 76 8.37 -10.89 -7.52
C ALA A 76 7.57 -9.81 -6.77
N GLU A 77 8.13 -9.35 -5.66
CA GLU A 77 7.47 -8.32 -4.85
C GLU A 77 7.28 -7.04 -5.65
N ALA A 78 8.29 -6.69 -6.45
CA ALA A 78 8.24 -5.49 -7.27
C ALA A 78 7.05 -5.53 -8.23
N GLY A 79 6.25 -4.47 -8.22
CA GLY A 79 5.09 -4.39 -9.09
C GLY A 79 4.22 -3.19 -8.81
N GLU A 80 2.96 -3.43 -8.45
CA GLU A 80 2.02 -2.36 -8.16
C GLU A 80 1.12 -2.73 -6.98
N TYR A 81 1.27 -2.01 -5.89
CA TYR A 81 0.46 -2.26 -4.70
C TYR A 81 -0.68 -1.25 -4.58
N SER A 82 -1.86 -1.75 -4.25
CA SER A 82 -3.04 -0.89 -4.11
C SER A 82 -3.68 -1.07 -2.74
N CYS A 83 -3.64 0.00 -1.94
CA CYS A 83 -4.22 -0.03 -0.60
C CYS A 83 -5.69 0.36 -0.62
N GLU A 84 -6.56 -0.64 -0.62
CA GLU A 84 -8.00 -0.40 -0.64
C GLU A 84 -8.56 -0.32 0.77
N ALA A 85 -9.30 0.75 1.04
CA ALA A 85 -9.90 0.96 2.36
C ALA A 85 -11.41 1.11 2.25
N GLY A 86 -11.95 0.82 1.07
CA GLY A 86 -13.39 0.93 0.86
C GLY A 86 -13.74 1.87 -0.27
N GLY A 87 -13.89 1.32 -1.47
CA GLY A 87 -14.22 2.13 -2.63
C GLY A 87 -13.02 2.87 -3.19
N GLN A 88 -12.18 3.39 -2.31
CA GLN A 88 -10.98 4.12 -2.72
C GLN A 88 -9.73 3.31 -2.44
N GLN A 89 -8.71 3.50 -3.26
CA GLN A 89 -7.44 2.79 -3.11
C GLN A 89 -6.32 3.49 -3.86
N LEU A 90 -5.24 3.79 -3.16
CA LEU A 90 -4.10 4.46 -3.76
C LEU A 90 -3.18 3.45 -4.46
N SER A 91 -2.31 3.96 -5.32
CA SER A 91 -1.37 3.11 -6.06
C SER A 91 0.06 3.32 -5.57
N PHE A 92 0.84 2.25 -5.59
CA PHE A 92 2.24 2.32 -5.15
C PHE A 92 3.12 1.42 -6.01
N ARG A 93 3.97 2.04 -6.82
CA ARG A 93 4.87 1.30 -7.69
C ARG A 93 6.16 0.95 -6.97
N LEU A 94 6.31 -0.33 -6.62
CA LEU A 94 7.50 -0.80 -5.92
C LEU A 94 8.52 -1.37 -6.91
N GLN A 95 9.74 -0.86 -6.84
CA GLN A 95 10.81 -1.32 -7.71
C GLN A 95 11.97 -1.89 -6.91
N VAL A 96 12.47 -3.05 -7.34
CA VAL A 96 13.59 -3.70 -6.66
C VAL A 96 14.87 -3.60 -7.48
N ALA A 97 15.96 -3.22 -6.81
CA ALA A 97 17.25 -3.09 -7.48
C ALA A 97 18.05 -4.38 -7.40
N GLY A 98 18.35 -4.96 -8.56
CA GLY A 98 19.10 -6.20 -8.60
C GLY A 98 18.22 -7.43 -8.47
N GLN A 99 18.83 -8.60 -8.52
CA GLN A 99 18.09 -9.85 -8.41
C GLN A 99 17.99 -10.30 -6.95
N CYS A 100 16.86 -10.91 -6.60
CA CYS A 100 16.65 -11.39 -5.24
C CYS A 100 17.08 -12.85 -5.11
N PHE A 101 17.96 -13.12 -4.14
CA PHE A 101 18.45 -14.47 -3.91
C PHE A 101 17.31 -15.40 -3.50
N GLY A 102 17.53 -16.70 -3.67
CA GLY A 102 16.52 -17.67 -3.30
C GLY A 102 17.10 -19.05 -3.07
N GLY A 1 -33.72 1.34 -0.65
CA GLY A 1 -33.37 2.48 0.17
C GLY A 1 -32.09 3.15 -0.30
N SER A 2 -31.22 3.47 0.65
CA SER A 2 -29.95 4.12 0.34
C SER A 2 -30.16 5.34 -0.54
N SER A 3 -31.20 6.12 -0.22
CA SER A 3 -31.52 7.32 -0.99
C SER A 3 -30.75 8.53 -0.45
N GLY A 4 -30.16 9.28 -1.36
CA GLY A 4 -29.39 10.46 -0.97
C GLY A 4 -28.23 10.74 -1.90
N SER A 5 -27.01 10.66 -1.37
CA SER A 5 -25.82 10.92 -2.16
C SER A 5 -24.79 9.81 -1.95
N SER A 6 -24.13 9.43 -3.03
CA SER A 6 -23.12 8.38 -2.98
C SER A 6 -21.72 8.94 -3.28
N GLY A 7 -20.94 9.17 -2.22
CA GLY A 7 -19.61 9.70 -2.39
C GLY A 7 -18.95 10.05 -1.07
N LYS A 8 -18.21 9.10 -0.51
CA LYS A 8 -17.53 9.32 0.76
C LYS A 8 -16.02 9.38 0.56
N VAL A 9 -15.29 9.69 1.64
CA VAL A 9 -13.84 9.78 1.58
C VAL A 9 -13.20 8.94 2.67
N VAL A 10 -12.27 8.07 2.26
CA VAL A 10 -11.57 7.20 3.20
C VAL A 10 -10.15 7.69 3.45
N PHE A 11 -9.50 8.17 2.39
CA PHE A 11 -8.13 8.67 2.50
C PHE A 11 -8.10 10.19 2.44
N ALA A 12 -6.94 10.77 2.73
CA ALA A 12 -6.79 12.22 2.71
C ALA A 12 -7.16 12.80 1.36
N LYS A 13 -7.23 14.12 1.29
CA LYS A 13 -7.57 14.81 0.05
C LYS A 13 -6.33 15.10 -0.79
N GLU A 14 -5.22 15.36 -0.10
CA GLU A 14 -3.96 15.65 -0.78
C GLU A 14 -3.14 14.38 -0.99
N GLN A 15 -3.84 13.25 -1.12
CA GLN A 15 -3.17 11.97 -1.33
C GLN A 15 -2.68 11.84 -2.77
N PRO A 16 -1.41 11.42 -2.91
CA PRO A 16 -0.79 11.24 -4.24
C PRO A 16 -1.37 10.05 -4.99
N ALA A 17 -2.08 10.34 -6.08
CA ALA A 17 -2.68 9.29 -6.89
C ALA A 17 -1.72 8.11 -7.07
N HIS A 18 -0.43 8.40 -7.06
CA HIS A 18 0.58 7.37 -7.22
C HIS A 18 1.84 7.70 -6.42
N ARG A 19 2.43 6.68 -5.79
CA ARG A 19 3.63 6.88 -4.99
C ARG A 19 4.73 5.92 -5.43
N GLU A 20 5.56 6.36 -6.38
CA GLU A 20 6.64 5.55 -6.90
C GLU A 20 7.69 5.30 -5.81
N VAL A 21 7.73 4.08 -5.30
CA VAL A 21 8.68 3.71 -4.27
C VAL A 21 9.80 2.84 -4.83
N GLN A 22 11.01 3.03 -4.31
CA GLN A 22 12.16 2.26 -4.76
C GLN A 22 12.73 1.40 -3.63
N ALA A 23 13.47 0.37 -3.99
CA ALA A 23 14.07 -0.53 -3.00
C ALA A 23 15.18 -1.37 -3.62
N GLU A 24 15.92 -2.07 -2.77
CA GLU A 24 17.02 -2.91 -3.24
C GLU A 24 16.72 -4.38 -2.97
N ALA A 25 17.30 -5.26 -3.80
CA ALA A 25 17.10 -6.70 -3.65
C ALA A 25 17.52 -7.17 -2.27
N GLY A 26 16.54 -7.68 -1.51
CA GLY A 26 16.83 -8.16 -0.18
C GLY A 26 16.54 -7.12 0.89
N ALA A 27 16.20 -5.92 0.46
CA ALA A 27 15.88 -4.83 1.38
C ALA A 27 14.44 -4.92 1.87
N SER A 28 14.09 -4.06 2.81
CA SER A 28 12.75 -4.05 3.37
C SER A 28 12.00 -2.77 2.97
N ALA A 29 11.15 -2.89 1.95
CA ALA A 29 10.38 -1.74 1.48
C ALA A 29 9.33 -1.32 2.49
N THR A 30 8.68 -0.20 2.23
CA THR A 30 7.66 0.32 3.13
C THR A 30 6.75 1.32 2.43
N LEU A 31 5.51 0.92 2.20
CA LEU A 31 4.54 1.78 1.52
C LEU A 31 3.56 2.39 2.53
N SER A 32 3.84 3.62 2.94
CA SER A 32 2.99 4.32 3.90
C SER A 32 1.95 5.16 3.18
N CYS A 33 0.81 5.37 3.83
CA CYS A 33 -0.26 6.17 3.26
C CYS A 33 -1.20 6.68 4.34
N GLU A 34 -1.53 7.96 4.28
CA GLU A 34 -2.40 8.59 5.26
C GLU A 34 -3.85 8.09 5.09
N VAL A 35 -4.64 8.24 6.13
CA VAL A 35 -6.04 7.80 6.10
C VAL A 35 -6.94 8.81 6.79
N ALA A 36 -8.03 9.18 6.11
CA ALA A 36 -8.99 10.14 6.66
C ALA A 36 -9.46 9.71 8.05
N GLN A 37 -9.37 8.41 8.33
CA GLN A 37 -9.79 7.88 9.62
C GLN A 37 -8.97 6.64 9.99
N ALA A 38 -8.55 6.57 11.25
CA ALA A 38 -7.76 5.45 11.73
C ALA A 38 -8.62 4.20 11.87
N GLN A 39 -9.60 4.26 12.77
CA GLN A 39 -10.49 3.12 13.01
C GLN A 39 -10.76 2.37 11.71
N THR A 40 -10.88 3.12 10.61
CA THR A 40 -11.14 2.52 9.31
C THR A 40 -10.13 1.42 8.99
N GLU A 41 -10.57 0.43 8.22
CA GLU A 41 -9.70 -0.68 7.84
C GLU A 41 -9.33 -0.60 6.36
N VAL A 42 -8.18 -1.17 6.02
CA VAL A 42 -7.71 -1.17 4.64
C VAL A 42 -7.24 -2.56 4.22
N THR A 43 -7.14 -2.77 2.91
CA THR A 43 -6.70 -4.05 2.38
C THR A 43 -5.86 -3.87 1.12
N TRP A 44 -4.55 -4.11 1.24
CA TRP A 44 -3.65 -3.97 0.11
C TRP A 44 -3.96 -4.99 -0.98
N TYR A 45 -3.68 -4.62 -2.22
CA TYR A 45 -3.93 -5.50 -3.36
C TYR A 45 -2.79 -5.43 -4.37
N LYS A 46 -2.12 -6.56 -4.57
CA LYS A 46 -1.00 -6.62 -5.51
C LYS A 46 -1.49 -7.07 -6.89
N ASP A 47 -1.16 -6.30 -7.91
CA ASP A 47 -1.56 -6.63 -9.28
C ASP A 47 -3.00 -7.12 -9.33
N GLY A 48 -3.87 -6.44 -8.58
CA GLY A 48 -5.27 -6.82 -8.54
C GLY A 48 -5.50 -8.13 -7.81
N LYS A 49 -4.73 -8.36 -6.75
CA LYS A 49 -4.85 -9.58 -5.97
C LYS A 49 -4.76 -9.28 -4.48
N LYS A 50 -5.71 -9.81 -3.71
CA LYS A 50 -5.73 -9.60 -2.26
C LYS A 50 -4.44 -10.09 -1.62
N LEU A 51 -3.73 -9.18 -0.96
CA LEU A 51 -2.47 -9.52 -0.30
C LEU A 51 -2.73 -10.12 1.08
N SER A 52 -1.66 -10.56 1.74
CA SER A 52 -1.77 -11.14 3.07
C SER A 52 -0.50 -10.92 3.86
N SER A 53 -0.64 -10.36 5.06
CA SER A 53 0.50 -10.08 5.93
C SER A 53 1.22 -11.38 6.29
N SER A 54 2.26 -11.71 5.52
CA SER A 54 3.03 -12.92 5.76
C SER A 54 4.44 -12.59 6.26
N SER A 55 5.14 -13.60 6.75
CA SER A 55 6.48 -13.41 7.28
C SER A 55 7.24 -12.37 6.46
N LYS A 56 6.98 -12.35 5.15
CA LYS A 56 7.64 -11.40 4.26
C LYS A 56 6.96 -10.04 4.32
N VAL A 57 5.71 -9.99 3.87
CA VAL A 57 4.95 -8.74 3.88
C VAL A 57 4.23 -8.53 5.21
N ARG A 58 4.37 -7.34 5.78
CA ARG A 58 3.74 -7.02 7.06
C ARG A 58 2.90 -5.76 6.94
N VAL A 59 1.60 -5.88 7.25
CA VAL A 59 0.69 -4.75 7.17
C VAL A 59 0.60 -4.03 8.53
N GLU A 60 1.28 -2.89 8.63
CA GLU A 60 1.27 -2.11 9.86
C GLU A 60 0.25 -0.98 9.79
N ALA A 61 -0.47 -0.76 10.89
CA ALA A 61 -1.48 0.29 10.94
C ALA A 61 -1.26 1.19 12.16
N VAL A 62 -0.47 2.25 11.97
CA VAL A 62 -0.19 3.19 13.05
C VAL A 62 -1.12 4.39 12.98
N GLY A 63 -0.93 5.33 13.92
CA GLY A 63 -1.76 6.53 13.95
C GLY A 63 -2.11 7.02 12.56
N CYS A 64 -3.36 6.84 12.17
CA CYS A 64 -3.83 7.27 10.86
C CYS A 64 -2.73 7.12 9.82
N THR A 65 -2.10 5.95 9.81
CA THR A 65 -1.03 5.67 8.86
C THR A 65 -0.91 4.17 8.59
N ARG A 66 -1.05 3.79 7.33
CA ARG A 66 -0.96 2.38 6.94
C ARG A 66 0.30 2.13 6.12
N ARG A 67 1.26 1.44 6.72
CA ARG A 67 2.51 1.12 6.04
C ARG A 67 2.62 -0.36 5.75
N LEU A 68 3.22 -0.70 4.61
CA LEU A 68 3.38 -2.09 4.21
C LEU A 68 4.86 -2.45 4.08
N VAL A 69 5.41 -3.07 5.12
CA VAL A 69 6.80 -3.47 5.13
C VAL A 69 7.01 -4.78 4.37
N VAL A 70 7.76 -4.71 3.28
CA VAL A 70 8.02 -5.89 2.46
C VAL A 70 9.45 -6.38 2.66
N GLN A 71 9.60 -7.45 3.45
CA GLN A 71 10.91 -8.02 3.72
C GLN A 71 11.48 -8.71 2.49
N GLN A 72 12.79 -8.67 2.34
CA GLN A 72 13.46 -9.30 1.19
C GLN A 72 12.76 -8.92 -0.11
N ALA A 73 12.56 -7.63 -0.31
CA ALA A 73 11.90 -7.13 -1.52
C ALA A 73 12.65 -7.60 -2.77
N GLY A 74 12.10 -8.61 -3.44
CA GLY A 74 12.73 -9.14 -4.64
C GLY A 74 11.86 -8.93 -5.87
N GLN A 75 12.42 -9.23 -7.04
CA GLN A 75 11.70 -9.08 -8.29
C GLN A 75 10.23 -9.42 -8.12
N ALA A 76 9.96 -10.61 -7.58
CA ALA A 76 8.59 -11.05 -7.35
C ALA A 76 7.78 -9.98 -6.64
N GLU A 77 8.24 -9.58 -5.47
CA GLU A 77 7.54 -8.55 -4.69
C GLU A 77 7.35 -7.28 -5.52
N ALA A 78 8.36 -6.92 -6.31
CA ALA A 78 8.30 -5.74 -7.15
C ALA A 78 7.03 -5.75 -8.01
N GLY A 79 6.33 -4.61 -8.03
CA GLY A 79 5.13 -4.51 -8.82
C GLY A 79 4.33 -3.26 -8.50
N GLU A 80 3.01 -3.38 -8.47
CA GLU A 80 2.13 -2.26 -8.18
C GLU A 80 1.08 -2.64 -7.15
N TYR A 81 1.27 -2.17 -5.92
CA TYR A 81 0.34 -2.47 -4.83
C TYR A 81 -0.84 -1.49 -4.84
N SER A 82 -1.93 -1.88 -4.18
CA SER A 82 -3.12 -1.04 -4.12
C SER A 82 -3.78 -1.15 -2.75
N CYS A 83 -3.72 -0.06 -1.98
CA CYS A 83 -4.32 -0.04 -0.65
C CYS A 83 -5.79 0.38 -0.73
N GLU A 84 -6.67 -0.62 -0.77
CA GLU A 84 -8.10 -0.36 -0.85
C GLU A 84 -8.67 -0.06 0.54
N ALA A 85 -9.79 0.66 0.57
CA ALA A 85 -10.43 1.01 1.84
C ALA A 85 -11.75 1.74 1.59
N GLY A 86 -12.86 1.06 1.90
CA GLY A 86 -14.17 1.64 1.70
C GLY A 86 -14.54 1.77 0.24
N GLY A 87 -14.29 2.94 -0.34
CA GLY A 87 -14.61 3.16 -1.73
C GLY A 87 -13.48 3.82 -2.49
N GLN A 88 -12.25 3.61 -2.02
CA GLN A 88 -11.08 4.19 -2.66
C GLN A 88 -9.87 3.27 -2.53
N GLN A 89 -8.83 3.56 -3.30
CA GLN A 89 -7.61 2.76 -3.27
C GLN A 89 -6.46 3.48 -3.97
N LEU A 90 -5.35 3.64 -3.27
CA LEU A 90 -4.18 4.31 -3.83
C LEU A 90 -3.19 3.30 -4.40
N SER A 91 -2.40 3.74 -5.38
CA SER A 91 -1.42 2.87 -6.01
C SER A 91 -0.04 3.07 -5.39
N PHE A 92 0.81 2.04 -5.50
CA PHE A 92 2.15 2.10 -4.94
C PHE A 92 3.08 1.15 -5.69
N ARG A 93 3.95 1.71 -6.52
CA ARG A 93 4.90 0.91 -7.30
C ARG A 93 6.16 0.64 -6.50
N LEU A 94 6.60 -0.61 -6.49
CA LEU A 94 7.79 -1.01 -5.76
C LEU A 94 8.88 -1.50 -6.72
N GLN A 95 9.98 -0.76 -6.79
CA GLN A 95 11.09 -1.12 -7.66
C GLN A 95 12.20 -1.81 -6.87
N VAL A 96 12.86 -2.77 -7.51
CA VAL A 96 13.93 -3.52 -6.87
C VAL A 96 15.18 -3.53 -7.74
N ALA A 97 16.33 -3.27 -7.13
CA ALA A 97 17.60 -3.26 -7.84
C ALA A 97 18.42 -4.50 -7.54
N GLY A 98 19.49 -4.70 -8.31
CA GLY A 98 20.34 -5.86 -8.11
C GLY A 98 19.70 -7.15 -8.59
N GLN A 99 19.93 -8.24 -7.85
CA GLN A 99 19.36 -9.53 -8.21
C GLN A 99 19.31 -10.45 -7.00
N CYS A 100 18.22 -11.21 -6.88
CA CYS A 100 18.05 -12.13 -5.77
C CYS A 100 19.29 -12.99 -5.57
N PHE A 101 19.71 -13.67 -6.65
CA PHE A 101 20.88 -14.52 -6.59
C PHE A 101 21.97 -13.91 -5.72
N GLY A 102 22.37 -14.64 -4.67
CA GLY A 102 23.40 -14.14 -3.78
C GLY A 102 24.48 -13.37 -4.51
N GLY A 1 -30.03 4.95 8.14
CA GLY A 1 -29.86 5.91 7.07
C GLY A 1 -28.42 6.08 6.65
N SER A 2 -28.20 6.41 5.38
CA SER A 2 -26.86 6.59 4.85
C SER A 2 -26.27 7.92 5.32
N SER A 3 -24.95 7.96 5.44
CA SER A 3 -24.25 9.17 5.88
C SER A 3 -24.12 10.16 4.73
N GLY A 4 -23.66 9.66 3.58
CA GLY A 4 -23.49 10.52 2.42
C GLY A 4 -23.38 9.73 1.13
N SER A 5 -24.51 9.44 0.52
CA SER A 5 -24.55 8.69 -0.73
C SER A 5 -23.77 9.42 -1.82
N SER A 6 -24.02 10.71 -1.97
CA SER A 6 -23.35 11.51 -2.98
C SER A 6 -21.99 11.99 -2.47
N GLY A 7 -20.99 11.11 -2.56
CA GLY A 7 -19.66 11.45 -2.11
C GLY A 7 -19.23 10.67 -0.87
N LYS A 8 -17.98 10.27 -0.83
CA LYS A 8 -17.45 9.50 0.30
C LYS A 8 -15.95 9.28 0.16
N VAL A 9 -15.17 9.97 0.98
CA VAL A 9 -13.72 9.85 0.95
C VAL A 9 -13.23 8.90 2.03
N VAL A 10 -12.25 8.05 1.67
CA VAL A 10 -11.70 7.09 2.61
C VAL A 10 -10.28 7.48 3.03
N PHE A 11 -9.57 8.14 2.12
CA PHE A 11 -8.21 8.58 2.39
C PHE A 11 -8.11 10.10 2.41
N ALA A 12 -7.04 10.62 3.00
CA ALA A 12 -6.83 12.06 3.07
C ALA A 12 -7.05 12.72 1.71
N LYS A 13 -7.16 14.04 1.72
CA LYS A 13 -7.38 14.80 0.49
C LYS A 13 -6.04 15.25 -0.11
N GLU A 14 -5.01 15.30 0.72
CA GLU A 14 -3.68 15.71 0.28
C GLU A 14 -2.80 14.50 0.01
N GLN A 15 -3.36 13.51 -0.70
CA GLN A 15 -2.62 12.31 -1.03
C GLN A 15 -2.43 12.18 -2.54
N PRO A 16 -1.24 11.68 -2.94
CA PRO A 16 -0.89 11.50 -4.36
C PRO A 16 -1.71 10.39 -5.01
N ALA A 17 -2.01 10.56 -6.29
CA ALA A 17 -2.77 9.56 -7.04
C ALA A 17 -2.02 8.23 -7.11
N HIS A 18 -0.74 8.30 -7.45
CA HIS A 18 0.09 7.11 -7.56
C HIS A 18 1.55 7.43 -7.21
N ARG A 19 2.05 6.80 -6.17
CA ARG A 19 3.43 7.02 -5.73
C ARG A 19 4.35 5.92 -6.27
N GLU A 20 5.61 6.28 -6.51
CA GLU A 20 6.59 5.33 -7.03
C GLU A 20 7.66 5.03 -5.99
N VAL A 21 7.55 3.86 -5.37
CA VAL A 21 8.51 3.44 -4.35
C VAL A 21 9.62 2.61 -4.96
N GLN A 22 10.85 2.87 -4.53
CA GLN A 22 12.01 2.14 -5.03
C GLN A 22 12.78 1.47 -3.89
N ALA A 23 13.25 0.26 -4.14
CA ALA A 23 14.00 -0.49 -3.14
C ALA A 23 15.10 -1.33 -3.78
N GLU A 24 15.79 -2.13 -2.97
CA GLU A 24 16.87 -2.98 -3.46
C GLU A 24 16.57 -4.45 -3.16
N ALA A 25 17.18 -5.34 -3.93
CA ALA A 25 16.98 -6.77 -3.75
C ALA A 25 17.42 -7.22 -2.36
N GLY A 26 16.46 -7.72 -1.59
CA GLY A 26 16.75 -8.17 -0.23
C GLY A 26 16.34 -7.15 0.82
N ALA A 27 16.38 -5.88 0.45
CA ALA A 27 16.00 -4.81 1.37
C ALA A 27 14.56 -4.96 1.84
N SER A 28 14.09 -4.00 2.62
CA SER A 28 12.72 -4.03 3.13
C SER A 28 12.01 -2.70 2.85
N ALA A 29 11.15 -2.71 1.83
CA ALA A 29 10.41 -1.51 1.46
C ALA A 29 9.28 -1.23 2.47
N THR A 30 8.69 -0.04 2.37
CA THR A 30 7.61 0.34 3.26
C THR A 30 6.70 1.38 2.60
N LEU A 31 5.50 0.96 2.25
CA LEU A 31 4.54 1.86 1.60
C LEU A 31 3.57 2.43 2.64
N SER A 32 3.84 3.65 3.08
CA SER A 32 3.01 4.31 4.06
C SER A 32 1.88 5.10 3.38
N CYS A 33 0.83 5.40 4.14
CA CYS A 33 -0.30 6.14 3.60
C CYS A 33 -1.30 6.49 4.72
N GLU A 34 -1.75 7.74 4.73
CA GLU A 34 -2.71 8.19 5.73
C GLU A 34 -4.13 7.81 5.34
N VAL A 35 -5.07 8.02 6.26
CA VAL A 35 -6.47 7.70 6.01
C VAL A 35 -7.39 8.71 6.70
N ALA A 36 -8.48 9.07 6.03
CA ALA A 36 -9.44 10.02 6.59
C ALA A 36 -9.96 9.53 7.93
N GLN A 37 -9.75 8.26 8.22
CA GLN A 37 -10.21 7.67 9.48
C GLN A 37 -9.42 6.41 9.81
N ALA A 38 -9.06 6.27 11.09
CA ALA A 38 -8.31 5.10 11.54
C ALA A 38 -9.19 3.87 11.64
N GLN A 39 -10.30 3.99 12.36
CA GLN A 39 -11.23 2.88 12.53
C GLN A 39 -11.44 2.15 11.21
N THR A 40 -11.34 2.87 10.11
CA THR A 40 -11.53 2.30 8.79
C THR A 40 -10.45 1.25 8.49
N GLU A 41 -10.89 0.08 8.02
CA GLU A 41 -9.97 -1.00 7.69
C GLU A 41 -9.50 -0.91 6.24
N VAL A 42 -8.28 -1.36 5.99
CA VAL A 42 -7.71 -1.33 4.65
C VAL A 42 -7.29 -2.73 4.20
N THR A 43 -6.86 -2.84 2.95
CA THR A 43 -6.42 -4.10 2.39
C THR A 43 -5.57 -3.90 1.15
N TRP A 44 -4.26 -4.11 1.29
CA TRP A 44 -3.34 -3.95 0.17
C TRP A 44 -3.63 -4.97 -0.92
N TYR A 45 -3.34 -4.59 -2.17
CA TYR A 45 -3.58 -5.48 -3.30
C TYR A 45 -2.42 -5.40 -4.30
N LYS A 46 -1.79 -6.54 -4.55
CA LYS A 46 -0.67 -6.60 -5.48
C LYS A 46 -1.09 -7.26 -6.79
N ASP A 47 -0.94 -6.52 -7.89
CA ASP A 47 -1.30 -7.04 -9.21
C ASP A 47 -2.68 -7.67 -9.18
N GLY A 48 -3.63 -7.00 -8.54
CA GLY A 48 -4.99 -7.52 -8.45
C GLY A 48 -5.07 -8.80 -7.64
N LYS A 49 -4.32 -8.86 -6.54
CA LYS A 49 -4.31 -10.03 -5.69
C LYS A 49 -4.29 -9.63 -4.22
N LYS A 50 -5.30 -10.08 -3.47
CA LYS A 50 -5.40 -9.78 -2.05
C LYS A 50 -4.13 -10.17 -1.31
N LEU A 51 -3.33 -9.17 -0.95
CA LEU A 51 -2.08 -9.43 -0.23
C LEU A 51 -2.35 -9.99 1.16
N SER A 52 -1.51 -10.92 1.58
CA SER A 52 -1.65 -11.55 2.89
C SER A 52 -0.50 -11.17 3.81
N SER A 53 -0.83 -10.70 5.00
CA SER A 53 0.19 -10.29 5.98
C SER A 53 0.98 -11.51 6.47
N SER A 54 2.14 -11.73 5.86
CA SER A 54 2.99 -12.85 6.23
C SER A 54 4.41 -12.37 6.54
N SER A 55 5.22 -13.28 7.08
CA SER A 55 6.60 -12.95 7.43
C SER A 55 7.22 -12.01 6.40
N LYS A 56 6.86 -12.22 5.14
CA LYS A 56 7.38 -11.39 4.05
C LYS A 56 6.80 -9.98 4.11
N VAL A 57 5.48 -9.88 3.98
CA VAL A 57 4.81 -8.59 4.03
C VAL A 57 4.06 -8.40 5.35
N ARG A 58 4.27 -7.25 5.98
CA ARG A 58 3.61 -6.96 7.26
C ARG A 58 2.72 -5.73 7.13
N VAL A 59 1.42 -5.94 7.31
CA VAL A 59 0.46 -4.84 7.21
C VAL A 59 0.36 -4.08 8.53
N GLU A 60 1.15 -3.02 8.66
CA GLU A 60 1.15 -2.21 9.87
C GLU A 60 0.05 -1.15 9.83
N ALA A 61 -0.66 -0.98 10.93
CA ALA A 61 -1.74 -0.01 11.01
C ALA A 61 -1.60 0.85 12.27
N VAL A 62 -1.07 2.06 12.10
CA VAL A 62 -0.89 2.98 13.21
C VAL A 62 -1.78 4.20 13.07
N GLY A 63 -1.69 5.12 14.04
CA GLY A 63 -2.50 6.32 14.01
C GLY A 63 -2.73 6.83 12.60
N CYS A 64 -3.95 6.69 12.10
CA CYS A 64 -4.29 7.13 10.76
C CYS A 64 -3.10 6.98 9.81
N THR A 65 -2.48 5.80 9.85
CA THR A 65 -1.33 5.52 9.01
C THR A 65 -1.20 4.03 8.73
N ARG A 66 -1.22 3.66 7.45
CA ARG A 66 -1.11 2.26 7.06
C ARG A 66 0.15 2.03 6.22
N ARG A 67 1.13 1.36 6.82
CA ARG A 67 2.38 1.08 6.13
C ARG A 67 2.52 -0.42 5.85
N LEU A 68 3.09 -0.74 4.70
CA LEU A 68 3.29 -2.13 4.30
C LEU A 68 4.76 -2.45 4.12
N VAL A 69 5.34 -3.14 5.09
CA VAL A 69 6.75 -3.51 5.04
C VAL A 69 6.95 -4.78 4.22
N VAL A 70 7.70 -4.66 3.12
CA VAL A 70 7.97 -5.79 2.25
C VAL A 70 9.38 -6.32 2.47
N GLN A 71 9.50 -7.31 3.36
CA GLN A 71 10.80 -7.91 3.66
C GLN A 71 11.35 -8.64 2.44
N GLN A 72 12.66 -8.53 2.23
CA GLN A 72 13.31 -9.19 1.11
C GLN A 72 12.69 -8.75 -0.22
N ALA A 73 12.55 -7.44 -0.39
CA ALA A 73 11.97 -6.90 -1.61
C ALA A 73 12.71 -7.39 -2.85
N GLY A 74 12.14 -8.39 -3.51
CA GLY A 74 12.76 -8.94 -4.70
C GLY A 74 11.90 -8.75 -5.94
N GLN A 75 12.46 -9.10 -7.10
CA GLN A 75 11.74 -8.97 -8.36
C GLN A 75 10.27 -9.33 -8.18
N ALA A 76 10.00 -10.51 -7.66
CA ALA A 76 8.63 -10.96 -7.43
C ALA A 76 7.82 -9.92 -6.68
N GLU A 77 8.44 -9.33 -5.66
CA GLU A 77 7.77 -8.31 -4.84
C GLU A 77 7.54 -7.04 -5.66
N ALA A 78 8.49 -6.74 -6.56
CA ALA A 78 8.38 -5.55 -7.39
C ALA A 78 7.12 -5.58 -8.24
N GLY A 79 6.28 -4.57 -8.07
CA GLY A 79 5.04 -4.49 -8.82
C GLY A 79 4.23 -3.25 -8.50
N GLU A 80 2.92 -3.42 -8.36
CA GLU A 80 2.04 -2.30 -8.04
C GLU A 80 1.14 -2.62 -6.86
N TYR A 81 1.46 -2.04 -5.71
CA TYR A 81 0.69 -2.28 -4.49
C TYR A 81 -0.41 -1.23 -4.34
N SER A 82 -1.64 -1.71 -4.17
CA SER A 82 -2.78 -0.82 -4.01
C SER A 82 -3.43 -0.98 -2.63
N CYS A 83 -3.55 0.12 -1.92
CA CYS A 83 -4.14 0.10 -0.58
C CYS A 83 -5.63 0.46 -0.63
N GLU A 84 -6.48 -0.57 -0.55
CA GLU A 84 -7.92 -0.36 -0.59
C GLU A 84 -8.50 -0.24 0.82
N ALA A 85 -9.37 0.75 1.01
CA ALA A 85 -9.99 0.98 2.31
C ALA A 85 -11.50 1.14 2.17
N GLY A 86 -11.99 1.07 0.94
CA GLY A 86 -13.41 1.22 0.70
C GLY A 86 -13.71 2.05 -0.55
N GLY A 87 -13.67 1.40 -1.71
CA GLY A 87 -13.94 2.10 -2.94
C GLY A 87 -12.72 2.86 -3.45
N GLN A 88 -11.98 3.46 -2.53
CA GLN A 88 -10.80 4.22 -2.89
C GLN A 88 -9.52 3.44 -2.58
N GLN A 89 -8.45 3.76 -3.30
CA GLN A 89 -7.18 3.08 -3.11
C GLN A 89 -6.07 3.77 -3.89
N LEU A 90 -4.91 3.91 -3.27
CA LEU A 90 -3.76 4.55 -3.91
C LEU A 90 -2.84 3.52 -4.54
N SER A 91 -1.90 3.99 -5.35
CA SER A 91 -0.96 3.10 -6.02
C SER A 91 0.46 3.33 -5.51
N PHE A 92 1.18 2.24 -5.26
CA PHE A 92 2.55 2.32 -4.77
C PHE A 92 3.47 1.38 -5.55
N ARG A 93 4.01 1.88 -6.65
CA ARG A 93 4.91 1.09 -7.49
C ARG A 93 6.20 0.75 -6.74
N LEU A 94 6.41 -0.54 -6.49
CA LEU A 94 7.60 -0.99 -5.78
C LEU A 94 8.63 -1.55 -6.75
N GLN A 95 9.78 -0.88 -6.84
CA GLN A 95 10.85 -1.32 -7.74
C GLN A 95 11.99 -1.96 -6.95
N VAL A 96 12.63 -2.94 -7.56
CA VAL A 96 13.74 -3.65 -6.92
C VAL A 96 14.99 -3.60 -7.79
N ALA A 97 16.11 -3.23 -7.18
CA ALA A 97 17.38 -3.16 -7.90
C ALA A 97 18.22 -4.41 -7.67
N GLY A 98 18.48 -5.15 -8.74
CA GLY A 98 19.26 -6.36 -8.63
C GLY A 98 18.43 -7.56 -8.23
N GLN A 99 19.08 -8.71 -8.12
CA GLN A 99 18.39 -9.95 -7.74
C GLN A 99 18.72 -10.34 -6.31
N CYS A 100 17.74 -10.89 -5.61
CA CYS A 100 17.92 -11.32 -4.22
C CYS A 100 19.15 -12.20 -4.09
N PHE A 101 19.53 -12.52 -2.85
CA PHE A 101 20.69 -13.35 -2.59
C PHE A 101 20.65 -14.62 -3.42
N GLY A 102 21.78 -15.31 -3.50
CA GLY A 102 21.85 -16.54 -4.27
C GLY A 102 22.83 -17.54 -3.69
N GLY A 1 -24.68 21.00 -1.52
CA GLY A 1 -25.46 21.55 -2.60
C GLY A 1 -26.68 20.72 -2.92
N SER A 2 -26.52 19.74 -3.80
CA SER A 2 -27.62 18.86 -4.19
C SER A 2 -28.09 18.02 -3.01
N SER A 3 -27.20 17.20 -2.47
CA SER A 3 -27.53 16.34 -1.34
C SER A 3 -26.70 16.72 -0.11
N GLY A 4 -25.94 17.81 -0.23
CA GLY A 4 -25.12 18.26 0.87
C GLY A 4 -23.84 17.48 1.00
N SER A 5 -23.96 16.19 1.32
CA SER A 5 -22.79 15.33 1.48
C SER A 5 -22.70 14.34 0.32
N SER A 6 -21.55 14.33 -0.34
CA SER A 6 -21.32 13.42 -1.47
C SER A 6 -19.83 13.27 -1.76
N GLY A 7 -19.46 12.11 -2.28
CA GLY A 7 -18.06 11.86 -2.60
C GLY A 7 -17.26 11.42 -1.39
N LYS A 8 -17.74 10.38 -0.70
CA LYS A 8 -17.06 9.87 0.48
C LYS A 8 -15.55 9.79 0.24
N VAL A 9 -14.78 10.12 1.27
CA VAL A 9 -13.33 10.08 1.19
C VAL A 9 -12.73 9.20 2.29
N VAL A 10 -11.91 8.24 1.88
CA VAL A 10 -11.27 7.33 2.83
C VAL A 10 -9.86 7.78 3.17
N PHE A 11 -9.14 8.25 2.15
CA PHE A 11 -7.77 8.72 2.34
C PHE A 11 -7.71 10.24 2.30
N ALA A 12 -6.60 10.79 2.80
CA ALA A 12 -6.42 12.24 2.82
C ALA A 12 -6.70 12.85 1.45
N LYS A 13 -6.66 14.18 1.38
CA LYS A 13 -6.90 14.89 0.13
C LYS A 13 -5.59 15.31 -0.53
N GLU A 14 -4.52 15.32 0.26
CA GLU A 14 -3.21 15.71 -0.25
C GLU A 14 -2.37 14.47 -0.57
N GLN A 15 -2.97 13.52 -1.28
CA GLN A 15 -2.28 12.29 -1.65
C GLN A 15 -2.26 12.11 -3.16
N PRO A 16 -1.09 11.75 -3.70
CA PRO A 16 -0.91 11.53 -5.14
C PRO A 16 -1.65 10.29 -5.64
N ALA A 17 -2.44 10.47 -6.69
CA ALA A 17 -3.20 9.36 -7.27
C ALA A 17 -2.36 8.09 -7.33
N HIS A 18 -1.04 8.26 -7.38
CA HIS A 18 -0.12 7.13 -7.45
C HIS A 18 1.28 7.54 -7.02
N ARG A 19 1.80 6.89 -5.98
CA ARG A 19 3.14 7.19 -5.49
C ARG A 19 4.14 6.14 -5.93
N GLU A 20 5.36 6.58 -6.21
CA GLU A 20 6.41 5.67 -6.65
C GLU A 20 7.38 5.35 -5.51
N VAL A 21 7.71 4.08 -5.36
CA VAL A 21 8.64 3.65 -4.31
C VAL A 21 9.71 2.73 -4.87
N GLN A 22 10.96 2.99 -4.49
CA GLN A 22 12.08 2.18 -4.95
C GLN A 22 12.77 1.49 -3.78
N ALA A 23 13.33 0.32 -4.04
CA ALA A 23 14.03 -0.45 -3.00
C ALA A 23 15.12 -1.32 -3.60
N GLU A 24 15.89 -1.97 -2.74
CA GLU A 24 16.98 -2.83 -3.19
C GLU A 24 16.61 -4.31 -3.01
N ALA A 25 17.26 -5.16 -3.79
CA ALA A 25 17.01 -6.60 -3.72
C ALA A 25 17.39 -7.16 -2.36
N GLY A 26 16.41 -7.73 -1.66
CA GLY A 26 16.66 -8.30 -0.35
C GLY A 26 16.35 -7.32 0.77
N ALA A 27 16.18 -6.06 0.41
CA ALA A 27 15.87 -5.03 1.40
C ALA A 27 14.42 -5.11 1.85
N SER A 28 14.03 -4.22 2.76
CA SER A 28 12.67 -4.19 3.27
C SER A 28 11.98 -2.87 2.92
N ALA A 29 11.02 -2.93 2.02
CA ALA A 29 10.28 -1.75 1.60
C ALA A 29 9.23 -1.37 2.64
N THR A 30 8.54 -0.25 2.39
CA THR A 30 7.51 0.22 3.30
C THR A 30 6.63 1.27 2.63
N LEU A 31 5.41 0.88 2.27
CA LEU A 31 4.48 1.79 1.63
C LEU A 31 3.51 2.39 2.64
N SER A 32 3.81 3.60 3.09
CA SER A 32 2.98 4.28 4.07
C SER A 32 1.95 5.17 3.38
N CYS A 33 0.84 5.41 4.05
CA CYS A 33 -0.23 6.24 3.51
C CYS A 33 -1.20 6.68 4.59
N GLU A 34 -1.50 7.98 4.63
CA GLU A 34 -2.41 8.53 5.63
C GLU A 34 -3.84 8.10 5.34
N VAL A 35 -4.68 8.16 6.37
CA VAL A 35 -6.09 7.78 6.23
C VAL A 35 -7.00 8.79 6.91
N ALA A 36 -8.04 9.23 6.19
CA ALA A 36 -8.98 10.20 6.72
C ALA A 36 -9.55 9.73 8.06
N GLN A 37 -9.51 8.42 8.29
CA GLN A 37 -10.02 7.85 9.54
C GLN A 37 -9.19 6.65 9.97
N ALA A 38 -8.97 6.53 11.27
CA ALA A 38 -8.19 5.42 11.82
C ALA A 38 -9.01 4.13 11.85
N GLN A 39 -10.10 4.15 12.61
CA GLN A 39 -10.97 2.99 12.73
C GLN A 39 -11.12 2.29 11.39
N THR A 40 -11.14 3.06 10.32
CA THR A 40 -11.27 2.50 8.97
C THR A 40 -10.21 1.46 8.70
N GLU A 41 -10.60 0.36 8.05
CA GLU A 41 -9.67 -0.71 7.72
C GLU A 41 -9.28 -0.66 6.25
N VAL A 42 -8.05 -1.11 5.96
CA VAL A 42 -7.57 -1.11 4.58
C VAL A 42 -7.09 -2.51 4.18
N THR A 43 -6.92 -2.72 2.87
CA THR A 43 -6.49 -4.00 2.36
C THR A 43 -5.66 -3.83 1.08
N TRP A 44 -4.36 -4.05 1.20
CA TRP A 44 -3.46 -3.91 0.05
C TRP A 44 -3.77 -4.97 -1.00
N TYR A 45 -3.43 -4.66 -2.25
CA TYR A 45 -3.68 -5.59 -3.35
C TYR A 45 -2.56 -5.51 -4.38
N LYS A 46 -1.84 -6.62 -4.55
CA LYS A 46 -0.74 -6.68 -5.51
C LYS A 46 -1.18 -7.36 -6.80
N ASP A 47 -1.10 -6.62 -7.90
CA ASP A 47 -1.50 -7.16 -9.21
C ASP A 47 -2.89 -7.77 -9.15
N GLY A 48 -3.79 -7.13 -8.40
CA GLY A 48 -5.14 -7.63 -8.27
C GLY A 48 -5.22 -8.89 -7.45
N LYS A 49 -4.40 -8.97 -6.41
CA LYS A 49 -4.38 -10.14 -5.54
C LYS A 49 -4.22 -9.72 -4.08
N LYS A 50 -5.26 -9.94 -3.29
CA LYS A 50 -5.24 -9.59 -1.87
C LYS A 50 -3.92 -10.02 -1.23
N LEU A 51 -3.26 -9.09 -0.56
CA LEU A 51 -1.99 -9.37 0.10
C LEU A 51 -2.22 -9.92 1.51
N SER A 52 -1.36 -10.83 1.94
CA SER A 52 -1.46 -11.42 3.26
C SER A 52 -0.23 -11.11 4.10
N SER A 53 -0.46 -10.55 5.29
CA SER A 53 0.62 -10.19 6.19
C SER A 53 1.36 -11.43 6.67
N SER A 54 2.39 -11.83 5.92
CA SER A 54 3.18 -13.00 6.28
C SER A 54 4.60 -12.61 6.66
N SER A 55 5.37 -13.58 7.14
CA SER A 55 6.75 -13.34 7.54
C SER A 55 7.45 -12.40 6.56
N LYS A 56 7.02 -12.45 5.30
CA LYS A 56 7.60 -11.59 4.26
C LYS A 56 6.99 -10.20 4.31
N VAL A 57 5.68 -10.11 4.08
CA VAL A 57 4.98 -8.84 4.10
C VAL A 57 4.20 -8.66 5.39
N ARG A 58 4.30 -7.46 5.96
CA ARG A 58 3.59 -7.16 7.21
C ARG A 58 2.82 -5.85 7.09
N VAL A 59 1.53 -5.91 7.36
CA VAL A 59 0.67 -4.72 7.30
C VAL A 59 0.59 -4.02 8.64
N GLU A 60 1.44 -3.01 8.82
CA GLU A 60 1.46 -2.26 10.07
C GLU A 60 0.50 -1.07 10.01
N ALA A 61 -0.27 -0.89 11.08
CA ALA A 61 -1.23 0.19 11.15
C ALA A 61 -1.03 1.03 12.41
N VAL A 62 -0.28 2.13 12.28
CA VAL A 62 -0.02 3.01 13.40
C VAL A 62 -0.96 4.21 13.40
N GLY A 63 -1.96 4.17 14.28
CA GLY A 63 -2.91 5.26 14.37
C GLY A 63 -3.59 5.54 13.03
N CYS A 64 -3.25 6.69 12.45
CA CYS A 64 -3.82 7.08 11.17
C CYS A 64 -2.79 6.95 10.04
N THR A 65 -2.00 5.89 10.10
CA THR A 65 -0.98 5.66 9.09
C THR A 65 -0.83 4.17 8.79
N ARG A 66 -1.12 3.78 7.55
CA ARG A 66 -1.01 2.38 7.15
C ARG A 66 0.24 2.15 6.30
N ARG A 67 1.14 1.32 6.82
CA ARG A 67 2.38 1.02 6.12
C ARG A 67 2.48 -0.47 5.82
N LEU A 68 3.07 -0.80 4.67
CA LEU A 68 3.23 -2.19 4.26
C LEU A 68 4.71 -2.55 4.11
N VAL A 69 5.27 -3.19 5.13
CA VAL A 69 6.66 -3.59 5.10
C VAL A 69 6.86 -4.87 4.30
N VAL A 70 7.61 -4.77 3.20
CA VAL A 70 7.86 -5.92 2.35
C VAL A 70 9.29 -6.43 2.54
N GLN A 71 9.44 -7.46 3.37
CA GLN A 71 10.75 -8.04 3.63
C GLN A 71 11.26 -8.79 2.42
N GLN A 72 12.57 -8.70 2.18
CA GLN A 72 13.19 -9.38 1.04
C GLN A 72 12.55 -8.94 -0.27
N ALA A 73 12.42 -7.62 -0.45
CA ALA A 73 11.83 -7.07 -1.66
C ALA A 73 12.58 -7.55 -2.91
N GLY A 74 12.01 -8.55 -3.58
CA GLY A 74 12.64 -9.08 -4.78
C GLY A 74 11.79 -8.89 -6.01
N GLN A 75 12.34 -9.20 -7.18
CA GLN A 75 11.62 -9.05 -8.43
C GLN A 75 10.14 -9.37 -8.25
N ALA A 76 9.84 -10.55 -7.72
CA ALA A 76 8.47 -10.97 -7.50
C ALA A 76 7.69 -9.89 -6.74
N GLU A 77 8.24 -9.47 -5.60
CA GLU A 77 7.60 -8.45 -4.77
C GLU A 77 7.38 -7.17 -5.58
N ALA A 78 8.36 -6.82 -6.41
CA ALA A 78 8.28 -5.62 -7.23
C ALA A 78 7.06 -5.65 -8.14
N GLY A 79 6.19 -4.67 -7.99
CA GLY A 79 4.99 -4.60 -8.81
C GLY A 79 4.17 -3.35 -8.55
N GLU A 80 2.87 -3.54 -8.31
CA GLU A 80 1.98 -2.41 -8.05
C GLU A 80 1.05 -2.72 -6.88
N TYR A 81 1.29 -2.04 -5.76
CA TYR A 81 0.47 -2.24 -4.57
C TYR A 81 -0.66 -1.21 -4.49
N SER A 82 -1.89 -1.69 -4.36
CA SER A 82 -3.04 -0.80 -4.28
C SER A 82 -3.71 -0.91 -2.91
N CYS A 83 -3.60 0.16 -2.12
CA CYS A 83 -4.19 0.18 -0.79
C CYS A 83 -5.69 0.47 -0.87
N GLU A 84 -6.49 -0.59 -0.87
CA GLU A 84 -7.95 -0.44 -0.94
C GLU A 84 -8.54 -0.15 0.44
N ALA A 85 -9.55 0.70 0.48
CA ALA A 85 -10.20 1.06 1.73
C ALA A 85 -11.49 1.84 1.48
N GLY A 86 -12.62 1.22 1.77
CA GLY A 86 -13.90 1.87 1.56
C GLY A 86 -14.29 1.94 0.10
N GLY A 87 -13.73 2.90 -0.62
CA GLY A 87 -14.05 3.05 -2.03
C GLY A 87 -12.93 3.71 -2.80
N GLN A 88 -11.74 3.76 -2.21
CA GLN A 88 -10.58 4.37 -2.85
C GLN A 88 -9.38 3.45 -2.80
N GLN A 89 -8.44 3.65 -3.73
CA GLN A 89 -7.24 2.83 -3.79
C GLN A 89 -6.05 3.65 -4.26
N LEU A 90 -4.94 3.54 -3.54
CA LEU A 90 -3.73 4.28 -3.89
C LEU A 90 -2.68 3.35 -4.48
N SER A 91 -2.22 3.67 -5.69
CA SER A 91 -1.22 2.86 -6.37
C SER A 91 0.17 3.12 -5.80
N PHE A 92 0.91 2.04 -5.54
CA PHE A 92 2.25 2.16 -4.99
C PHE A 92 3.24 1.28 -5.76
N ARG A 93 3.93 1.89 -6.71
CA ARG A 93 4.90 1.16 -7.53
C ARG A 93 6.15 0.81 -6.71
N LEU A 94 6.42 -0.48 -6.58
CA LEU A 94 7.58 -0.95 -5.82
C LEU A 94 8.62 -1.55 -6.75
N GLN A 95 9.73 -0.83 -6.91
CA GLN A 95 10.82 -1.29 -7.78
C GLN A 95 11.93 -1.91 -6.96
N VAL A 96 12.60 -2.92 -7.52
CA VAL A 96 13.69 -3.59 -6.84
C VAL A 96 15.00 -3.43 -7.61
N ALA A 97 16.09 -3.22 -6.88
CA ALA A 97 17.40 -3.05 -7.48
C ALA A 97 18.27 -4.28 -7.28
N GLY A 98 18.99 -4.67 -8.33
CA GLY A 98 19.85 -5.84 -8.24
C GLY A 98 19.09 -7.13 -8.41
N GLN A 99 19.64 -8.22 -7.88
CA GLN A 99 19.01 -9.53 -7.97
C GLN A 99 19.10 -10.28 -6.65
N CYS A 100 18.11 -11.14 -6.40
CA CYS A 100 18.08 -11.92 -5.17
C CYS A 100 18.85 -13.23 -5.33
N PHE A 101 20.08 -13.24 -4.83
CA PHE A 101 20.93 -14.43 -4.93
C PHE A 101 20.55 -15.45 -3.86
N GLY A 102 21.15 -16.63 -3.94
CA GLY A 102 20.87 -17.68 -2.98
C GLY A 102 21.76 -18.89 -3.15
N GLY A 1 -33.68 14.14 -9.93
CA GLY A 1 -33.39 13.81 -8.54
C GLY A 1 -31.92 13.54 -8.29
N SER A 2 -31.63 12.50 -7.52
CA SER A 2 -30.25 12.15 -7.22
C SER A 2 -29.61 13.20 -6.34
N SER A 3 -30.32 13.61 -5.28
CA SER A 3 -29.81 14.63 -4.37
C SER A 3 -28.59 14.11 -3.61
N GLY A 4 -27.40 14.46 -4.10
CA GLY A 4 -26.18 14.02 -3.45
C GLY A 4 -25.19 13.43 -4.42
N SER A 5 -24.82 12.16 -4.20
CA SER A 5 -23.87 11.48 -5.07
C SER A 5 -22.52 12.19 -5.06
N SER A 6 -22.10 12.63 -3.88
CA SER A 6 -20.82 13.31 -3.73
C SER A 6 -19.67 12.32 -3.63
N GLY A 7 -19.81 11.35 -2.74
CA GLY A 7 -18.78 10.34 -2.57
C GLY A 7 -18.14 10.41 -1.20
N LYS A 8 -17.93 9.25 -0.59
CA LYS A 8 -17.33 9.18 0.74
C LYS A 8 -15.81 9.07 0.63
N VAL A 9 -15.10 10.01 1.25
CA VAL A 9 -13.65 10.02 1.22
C VAL A 9 -13.08 9.12 2.31
N VAL A 10 -12.15 8.24 1.93
CA VAL A 10 -11.52 7.34 2.87
C VAL A 10 -10.09 7.77 3.19
N PHE A 11 -9.42 8.34 2.20
CA PHE A 11 -8.05 8.80 2.36
C PHE A 11 -7.97 10.33 2.33
N ALA A 12 -6.84 10.87 2.74
CA ALA A 12 -6.63 12.31 2.75
C ALA A 12 -6.89 12.91 1.37
N LYS A 13 -6.72 14.22 1.25
CA LYS A 13 -6.93 14.91 -0.01
C LYS A 13 -5.61 15.22 -0.70
N GLU A 14 -4.59 15.52 0.10
CA GLU A 14 -3.27 15.84 -0.43
C GLU A 14 -2.44 14.58 -0.62
N GLN A 15 -3.03 13.59 -1.28
CA GLN A 15 -2.35 12.32 -1.55
C GLN A 15 -2.21 12.07 -3.04
N PRO A 16 -1.05 11.54 -3.44
CA PRO A 16 -0.77 11.24 -4.85
C PRO A 16 -1.58 10.05 -5.37
N ALA A 17 -2.34 10.29 -6.43
CA ALA A 17 -3.17 9.25 -7.02
C ALA A 17 -2.37 7.97 -7.23
N HIS A 18 -1.06 8.12 -7.39
CA HIS A 18 -0.18 6.97 -7.61
C HIS A 18 1.28 7.36 -7.39
N ARG A 19 1.95 6.64 -6.51
CA ARG A 19 3.35 6.91 -6.21
C ARG A 19 4.23 5.74 -6.62
N GLU A 20 5.54 5.98 -6.73
CA GLU A 20 6.48 4.94 -7.10
C GLU A 20 7.61 4.82 -6.08
N VAL A 21 7.53 3.79 -5.25
CA VAL A 21 8.53 3.56 -4.22
C VAL A 21 9.71 2.76 -4.77
N GLN A 22 10.89 2.98 -4.19
CA GLN A 22 12.09 2.28 -4.63
C GLN A 22 12.62 1.36 -3.52
N ALA A 23 13.46 0.40 -3.91
CA ALA A 23 14.03 -0.54 -2.95
C ALA A 23 15.13 -1.38 -3.59
N GLU A 24 15.96 -1.99 -2.77
CA GLU A 24 17.06 -2.82 -3.26
C GLU A 24 16.74 -4.30 -3.09
N ALA A 25 17.34 -5.13 -3.94
CA ALA A 25 17.12 -6.57 -3.87
C ALA A 25 17.49 -7.13 -2.51
N GLY A 26 16.48 -7.63 -1.79
CA GLY A 26 16.72 -8.19 -0.47
C GLY A 26 16.38 -7.21 0.63
N ALA A 27 16.25 -5.94 0.28
CA ALA A 27 15.92 -4.90 1.26
C ALA A 27 14.47 -5.03 1.73
N SER A 28 14.04 -4.07 2.55
CA SER A 28 12.68 -4.08 3.07
C SER A 28 11.95 -2.79 2.72
N ALA A 29 11.03 -2.88 1.76
CA ALA A 29 10.26 -1.72 1.33
C ALA A 29 9.29 -1.27 2.42
N THR A 30 8.62 -0.14 2.18
CA THR A 30 7.67 0.40 3.13
C THR A 30 6.69 1.36 2.46
N LEU A 31 5.46 0.91 2.28
CA LEU A 31 4.43 1.73 1.65
C LEU A 31 3.46 2.29 2.68
N SER A 32 3.63 3.56 3.01
CA SER A 32 2.77 4.21 4.00
C SER A 32 1.75 5.12 3.32
N CYS A 33 0.68 5.45 4.03
CA CYS A 33 -0.36 6.31 3.49
C CYS A 33 -1.31 6.77 4.59
N GLU A 34 -1.66 8.04 4.57
CA GLU A 34 -2.57 8.61 5.58
C GLU A 34 -4.01 8.25 5.26
N VAL A 35 -4.89 8.39 6.26
CA VAL A 35 -6.30 8.08 6.08
C VAL A 35 -7.18 9.12 6.79
N ALA A 36 -8.33 9.40 6.20
CA ALA A 36 -9.25 10.37 6.76
C ALA A 36 -9.85 9.86 8.07
N GLN A 37 -9.76 8.56 8.29
CA GLN A 37 -10.28 7.94 9.51
C GLN A 37 -9.45 6.74 9.92
N ALA A 38 -9.21 6.60 11.22
CA ALA A 38 -8.43 5.49 11.74
C ALA A 38 -9.25 4.21 11.77
N GLN A 39 -10.33 4.22 12.55
CA GLN A 39 -11.19 3.04 12.66
C GLN A 39 -11.32 2.33 11.32
N THR A 40 -11.41 3.10 10.25
CA THR A 40 -11.55 2.54 8.91
C THR A 40 -10.50 1.45 8.67
N GLU A 41 -10.88 0.45 7.88
CA GLU A 41 -9.98 -0.65 7.57
C GLU A 41 -9.49 -0.57 6.13
N VAL A 42 -8.36 -1.22 5.85
CA VAL A 42 -7.79 -1.22 4.51
C VAL A 42 -7.27 -2.60 4.14
N THR A 43 -7.05 -2.82 2.84
CA THR A 43 -6.55 -4.09 2.35
C THR A 43 -5.67 -3.91 1.12
N TRP A 44 -4.39 -4.22 1.27
CA TRP A 44 -3.44 -4.09 0.18
C TRP A 44 -3.71 -5.13 -0.91
N TYR A 45 -3.39 -4.78 -2.15
CA TYR A 45 -3.61 -5.68 -3.27
C TYR A 45 -2.49 -5.54 -4.30
N LYS A 46 -1.79 -6.64 -4.56
CA LYS A 46 -0.68 -6.65 -5.51
C LYS A 46 -1.14 -7.19 -6.86
N ASP A 47 -1.33 -6.29 -7.83
CA ASP A 47 -1.77 -6.68 -9.16
C ASP A 47 -3.18 -7.22 -9.13
N GLY A 48 -3.99 -6.73 -8.20
CA GLY A 48 -5.36 -7.18 -8.08
C GLY A 48 -5.49 -8.44 -7.23
N LYS A 49 -4.42 -8.78 -6.52
CA LYS A 49 -4.42 -9.96 -5.67
C LYS A 49 -4.47 -9.58 -4.20
N LYS A 50 -5.35 -10.22 -3.45
CA LYS A 50 -5.50 -9.94 -2.03
C LYS A 50 -4.25 -10.39 -1.26
N LEU A 51 -3.50 -9.41 -0.77
CA LEU A 51 -2.28 -9.70 -0.02
C LEU A 51 -2.61 -10.21 1.37
N SER A 52 -1.73 -11.04 1.93
CA SER A 52 -1.93 -11.60 3.26
C SER A 52 -0.73 -11.31 4.16
N SER A 53 -0.98 -10.60 5.25
CA SER A 53 0.07 -10.24 6.19
C SER A 53 0.80 -11.49 6.68
N SER A 54 1.97 -11.74 6.10
CA SER A 54 2.79 -12.90 6.46
C SER A 54 4.24 -12.49 6.70
N SER A 55 5.01 -13.41 7.27
CA SER A 55 6.42 -13.15 7.56
C SER A 55 7.04 -12.26 6.48
N LYS A 56 6.69 -12.51 5.23
CA LYS A 56 7.20 -11.74 4.11
C LYS A 56 6.69 -10.30 4.18
N VAL A 57 5.37 -10.13 4.09
CA VAL A 57 4.77 -8.81 4.14
C VAL A 57 4.03 -8.60 5.46
N ARG A 58 4.27 -7.44 6.07
CA ARG A 58 3.64 -7.11 7.35
C ARG A 58 2.73 -5.89 7.20
N VAL A 59 1.45 -6.07 7.48
CA VAL A 59 0.48 -4.99 7.37
C VAL A 59 0.34 -4.25 8.71
N GLU A 60 0.96 -3.09 8.81
CA GLU A 60 0.91 -2.30 10.03
C GLU A 60 -0.05 -1.12 9.86
N ALA A 61 -0.80 -0.83 10.92
CA ALA A 61 -1.76 0.26 10.90
C ALA A 61 -1.67 1.10 12.16
N VAL A 62 -0.80 2.11 12.13
CA VAL A 62 -0.60 2.99 13.27
C VAL A 62 -1.47 4.24 13.16
N GLY A 63 -2.49 4.33 14.01
CA GLY A 63 -3.39 5.47 13.99
C GLY A 63 -3.96 5.74 12.60
N CYS A 64 -3.48 6.81 11.96
CA CYS A 64 -3.96 7.17 10.63
C CYS A 64 -2.85 6.98 9.60
N THR A 65 -2.03 5.95 9.79
CA THR A 65 -0.93 5.66 8.89
C THR A 65 -0.80 4.17 8.64
N ARG A 66 -1.14 3.74 7.43
CA ARG A 66 -1.06 2.32 7.07
C ARG A 66 0.21 2.04 6.27
N ARG A 67 1.19 1.43 6.94
CA ARG A 67 2.45 1.10 6.30
C ARG A 67 2.55 -0.40 6.01
N LEU A 68 3.17 -0.74 4.89
CA LEU A 68 3.32 -2.13 4.49
C LEU A 68 4.79 -2.47 4.26
N VAL A 69 5.38 -3.21 5.19
CA VAL A 69 6.78 -3.61 5.07
C VAL A 69 6.92 -4.89 4.26
N VAL A 70 7.71 -4.82 3.19
CA VAL A 70 7.94 -5.97 2.32
C VAL A 70 9.36 -6.51 2.48
N GLN A 71 9.49 -7.59 3.25
CA GLN A 71 10.80 -8.19 3.48
C GLN A 71 11.33 -8.84 2.20
N GLN A 72 12.65 -8.82 2.04
CA GLN A 72 13.28 -9.40 0.87
C GLN A 72 12.63 -8.90 -0.41
N ALA A 73 12.56 -7.58 -0.55
CA ALA A 73 11.95 -6.95 -1.73
C ALA A 73 12.69 -7.38 -3.00
N GLY A 74 12.11 -8.32 -3.73
CA GLY A 74 12.72 -8.80 -4.95
C GLY A 74 11.79 -8.69 -6.14
N GLN A 75 12.28 -9.08 -7.32
CA GLN A 75 11.48 -9.03 -8.54
C GLN A 75 10.02 -9.34 -8.25
N ALA A 76 9.78 -10.48 -7.61
CA ALA A 76 8.42 -10.89 -7.27
C ALA A 76 7.68 -9.79 -6.54
N GLU A 77 8.31 -9.24 -5.50
CA GLU A 77 7.70 -8.17 -4.72
C GLU A 77 7.47 -6.93 -5.58
N ALA A 78 8.39 -6.69 -6.51
CA ALA A 78 8.28 -5.53 -7.40
C ALA A 78 7.02 -5.60 -8.25
N GLY A 79 6.17 -4.58 -8.11
CA GLY A 79 4.93 -4.55 -8.88
C GLY A 79 4.12 -3.29 -8.61
N GLU A 80 2.82 -3.45 -8.40
CA GLU A 80 1.95 -2.32 -8.14
C GLU A 80 1.02 -2.61 -6.97
N TYR A 81 1.37 -2.11 -5.79
CA TYR A 81 0.56 -2.33 -4.59
C TYR A 81 -0.56 -1.30 -4.50
N SER A 82 -1.77 -1.77 -4.21
CA SER A 82 -2.92 -0.90 -4.09
C SER A 82 -3.60 -1.06 -2.73
N CYS A 83 -3.50 -0.03 -1.90
CA CYS A 83 -4.10 -0.06 -0.57
C CYS A 83 -5.57 0.34 -0.63
N GLU A 84 -6.44 -0.66 -0.76
CA GLU A 84 -7.88 -0.42 -0.83
C GLU A 84 -8.44 -0.08 0.54
N ALA A 85 -9.52 0.70 0.56
CA ALA A 85 -10.15 1.11 1.81
C ALA A 85 -11.48 1.80 1.55
N GLY A 86 -12.58 1.11 1.84
CA GLY A 86 -13.89 1.69 1.63
C GLY A 86 -14.23 1.83 0.15
N GLY A 87 -13.84 2.94 -0.44
CA GLY A 87 -14.12 3.18 -1.85
C GLY A 87 -12.94 3.80 -2.59
N GLN A 88 -11.83 3.95 -1.88
CA GLN A 88 -10.63 4.54 -2.47
C GLN A 88 -9.43 3.62 -2.32
N GLN A 89 -8.35 3.93 -3.02
CA GLN A 89 -7.14 3.12 -2.96
C GLN A 89 -5.99 3.81 -3.69
N LEU A 90 -4.83 3.87 -3.03
CA LEU A 90 -3.66 4.51 -3.60
C LEU A 90 -2.77 3.48 -4.30
N SER A 91 -1.97 3.94 -5.26
CA SER A 91 -1.07 3.05 -6.00
C SER A 91 0.36 3.21 -5.51
N PHE A 92 1.12 2.12 -5.54
CA PHE A 92 2.51 2.14 -5.11
C PHE A 92 3.37 1.26 -6.01
N ARG A 93 4.16 1.90 -6.86
CA ARG A 93 5.04 1.18 -7.78
C ARG A 93 6.39 0.90 -7.14
N LEU A 94 6.52 -0.28 -6.54
CA LEU A 94 7.76 -0.67 -5.89
C LEU A 94 8.77 -1.20 -6.90
N GLN A 95 9.97 -0.62 -6.89
CA GLN A 95 11.02 -1.04 -7.81
C GLN A 95 12.18 -1.69 -7.06
N VAL A 96 12.63 -2.84 -7.57
CA VAL A 96 13.73 -3.56 -6.94
C VAL A 96 15.02 -3.38 -7.72
N ALA A 97 16.06 -2.91 -7.05
CA ALA A 97 17.36 -2.70 -7.68
C ALA A 97 18.20 -3.98 -7.67
N GLY A 98 18.07 -4.78 -8.72
CA GLY A 98 18.82 -6.01 -8.82
C GLY A 98 17.95 -7.19 -9.18
N GLN A 99 18.19 -8.33 -8.53
CA GLN A 99 17.42 -9.55 -8.79
C GLN A 99 17.80 -10.65 -7.83
N CYS A 100 16.83 -11.48 -7.44
CA CYS A 100 17.08 -12.59 -6.53
C CYS A 100 16.43 -13.86 -7.04
N PHE A 101 17.24 -14.75 -7.60
CA PHE A 101 16.74 -16.02 -8.12
C PHE A 101 16.03 -16.82 -7.03
N GLY A 102 14.84 -17.32 -7.37
CA GLY A 102 14.07 -18.09 -6.41
C GLY A 102 13.20 -19.14 -7.08
N GLY A 1 -21.74 23.68 -4.20
CA GLY A 1 -22.95 24.48 -4.18
C GLY A 1 -24.15 23.69 -3.70
N SER A 2 -25.08 23.40 -4.61
CA SER A 2 -26.28 22.65 -4.27
C SER A 2 -26.38 21.38 -5.09
N SER A 3 -26.17 21.50 -6.40
CA SER A 3 -26.23 20.36 -7.30
C SER A 3 -24.92 19.58 -7.29
N GLY A 4 -25.00 18.30 -6.95
CA GLY A 4 -23.80 17.48 -6.91
C GLY A 4 -23.81 16.49 -5.75
N SER A 5 -24.42 15.33 -5.98
CA SER A 5 -24.50 14.30 -4.95
C SER A 5 -23.17 14.16 -4.21
N SER A 6 -23.16 14.54 -2.94
CA SER A 6 -21.96 14.46 -2.12
C SER A 6 -21.29 13.10 -2.27
N GLY A 7 -19.98 13.06 -2.00
CA GLY A 7 -19.25 11.82 -2.12
C GLY A 7 -18.83 11.26 -0.77
N LYS A 8 -17.99 10.23 -0.79
CA LYS A 8 -17.51 9.61 0.44
C LYS A 8 -16.00 9.41 0.40
N VAL A 9 -15.28 10.24 1.15
CA VAL A 9 -13.82 10.15 1.20
C VAL A 9 -13.38 9.17 2.28
N VAL A 10 -12.37 8.37 1.96
CA VAL A 10 -11.84 7.38 2.91
C VAL A 10 -10.38 7.67 3.23
N PHE A 11 -9.66 8.21 2.26
CA PHE A 11 -8.24 8.53 2.44
C PHE A 11 -8.05 10.04 2.65
N ALA A 12 -6.80 10.44 2.87
CA ALA A 12 -6.49 11.85 3.08
C ALA A 12 -6.82 12.68 1.85
N LYS A 13 -6.67 13.99 1.97
CA LYS A 13 -6.96 14.90 0.86
C LYS A 13 -5.68 15.55 0.34
N GLU A 14 -4.64 15.52 1.17
CA GLU A 14 -3.35 16.11 0.78
C GLU A 14 -2.34 15.02 0.45
N GLN A 15 -2.81 13.95 -0.18
CA GLN A 15 -1.94 12.84 -0.56
C GLN A 15 -2.09 12.52 -2.04
N PRO A 16 -0.98 12.09 -2.66
CA PRO A 16 -0.95 11.74 -4.09
C PRO A 16 -1.73 10.47 -4.39
N ALA A 17 -2.35 10.43 -5.56
CA ALA A 17 -3.13 9.27 -5.97
C ALA A 17 -2.23 8.05 -6.18
N HIS A 18 -1.07 8.29 -6.79
CA HIS A 18 -0.12 7.21 -7.06
C HIS A 18 1.32 7.70 -6.89
N ARG A 19 2.08 7.04 -6.03
CA ARG A 19 3.47 7.41 -5.78
C ARG A 19 4.42 6.40 -6.41
N GLU A 20 5.71 6.69 -6.35
CA GLU A 20 6.72 5.80 -6.90
C GLU A 20 7.76 5.42 -5.85
N VAL A 21 7.62 4.23 -5.29
CA VAL A 21 8.55 3.75 -4.28
C VAL A 21 9.51 2.71 -4.84
N GLN A 22 10.78 2.80 -4.45
CA GLN A 22 11.79 1.86 -4.92
C GLN A 22 12.51 1.20 -3.75
N ALA A 23 13.36 0.22 -4.06
CA ALA A 23 14.11 -0.49 -3.04
C ALA A 23 15.15 -1.40 -3.66
N GLU A 24 15.89 -2.12 -2.81
CA GLU A 24 16.92 -3.03 -3.28
C GLU A 24 16.49 -4.49 -3.09
N ALA A 25 17.23 -5.40 -3.72
CA ALA A 25 16.92 -6.82 -3.62
C ALA A 25 17.34 -7.38 -2.26
N GLY A 26 16.36 -7.87 -1.49
CA GLY A 26 16.64 -8.42 -0.19
C GLY A 26 16.34 -7.45 0.93
N ALA A 27 16.22 -6.17 0.59
CA ALA A 27 15.93 -5.14 1.57
C ALA A 27 14.46 -5.17 1.99
N SER A 28 14.13 -4.40 3.02
CA SER A 28 12.76 -4.35 3.52
C SER A 28 12.11 -3.02 3.17
N ALA A 29 11.24 -3.04 2.16
CA ALA A 29 10.53 -1.84 1.73
C ALA A 29 9.44 -1.46 2.71
N THR A 30 8.76 -0.35 2.44
CA THR A 30 7.68 0.13 3.30
C THR A 30 6.80 1.13 2.56
N LEU A 31 5.58 0.71 2.27
CA LEU A 31 4.63 1.57 1.57
C LEU A 31 3.65 2.21 2.55
N SER A 32 3.95 3.44 2.96
CA SER A 32 3.09 4.16 3.90
C SER A 32 2.07 5.01 3.16
N CYS A 33 0.90 5.18 3.77
CA CYS A 33 -0.17 5.96 3.17
C CYS A 33 -1.12 6.49 4.24
N GLU A 34 -1.47 7.78 4.13
CA GLU A 34 -2.37 8.41 5.09
C GLU A 34 -3.82 8.00 4.82
N VAL A 35 -4.67 8.19 5.81
CA VAL A 35 -6.09 7.85 5.69
C VAL A 35 -6.97 8.94 6.28
N ALA A 36 -8.26 8.91 5.93
CA ALA A 36 -9.21 9.90 6.42
C ALA A 36 -9.70 9.53 7.81
N GLN A 37 -9.62 8.25 8.15
CA GLN A 37 -10.06 7.77 9.45
C GLN A 37 -9.26 6.54 9.88
N ALA A 38 -8.77 6.57 11.12
CA ALA A 38 -8.00 5.46 11.66
C ALA A 38 -8.83 4.19 11.76
N GLN A 39 -9.87 4.24 12.59
CA GLN A 39 -10.74 3.09 12.79
C GLN A 39 -10.94 2.33 11.47
N THR A 40 -11.06 3.08 10.38
CA THR A 40 -11.25 2.48 9.06
C THR A 40 -10.18 1.44 8.77
N GLU A 41 -10.55 0.40 8.02
CA GLU A 41 -9.61 -0.66 7.66
C GLU A 41 -9.27 -0.61 6.18
N VAL A 42 -8.12 -1.15 5.82
CA VAL A 42 -7.67 -1.18 4.43
C VAL A 42 -7.15 -2.56 4.03
N THR A 43 -7.19 -2.85 2.74
CA THR A 43 -6.73 -4.14 2.24
C THR A 43 -5.87 -3.96 1.00
N TRP A 44 -4.58 -4.22 1.14
CA TRP A 44 -3.64 -4.08 0.03
C TRP A 44 -3.96 -5.09 -1.07
N TYR A 45 -3.55 -4.77 -2.30
CA TYR A 45 -3.79 -5.64 -3.43
C TYR A 45 -2.68 -5.51 -4.47
N LYS A 46 -1.91 -6.58 -4.65
CA LYS A 46 -0.82 -6.58 -5.61
C LYS A 46 -1.27 -7.18 -6.94
N ASP A 47 -1.14 -6.40 -8.00
CA ASP A 47 -1.52 -6.85 -9.33
C ASP A 47 -2.91 -7.49 -9.31
N GLY A 48 -3.83 -6.88 -8.57
CA GLY A 48 -5.18 -7.40 -8.47
C GLY A 48 -5.24 -8.71 -7.70
N LYS A 49 -4.42 -8.82 -6.66
CA LYS A 49 -4.38 -10.03 -5.85
C LYS A 49 -4.29 -9.68 -4.37
N LYS A 50 -5.30 -10.09 -3.61
CA LYS A 50 -5.34 -9.83 -2.18
C LYS A 50 -3.98 -10.11 -1.54
N LEU A 51 -3.46 -9.12 -0.80
CA LEU A 51 -2.18 -9.26 -0.14
C LEU A 51 -2.35 -9.72 1.31
N SER A 52 -1.51 -10.67 1.72
CA SER A 52 -1.58 -11.20 3.08
C SER A 52 -0.28 -10.94 3.83
N SER A 53 -0.37 -10.18 4.92
CA SER A 53 0.80 -9.86 5.73
C SER A 53 1.48 -11.12 6.24
N SER A 54 2.35 -11.69 5.42
CA SER A 54 3.08 -12.91 5.78
C SER A 54 4.49 -12.59 6.24
N SER A 55 5.18 -13.59 6.76
CA SER A 55 6.56 -13.42 7.23
C SER A 55 7.32 -12.44 6.34
N LYS A 56 7.10 -12.54 5.04
CA LYS A 56 7.77 -11.67 4.08
C LYS A 56 7.26 -10.23 4.22
N VAL A 57 5.98 -10.03 3.92
CA VAL A 57 5.38 -8.70 4.01
C VAL A 57 4.53 -8.57 5.28
N ARG A 58 4.72 -7.47 5.99
CA ARG A 58 3.97 -7.22 7.21
C ARG A 58 3.32 -5.83 7.18
N VAL A 59 2.00 -5.81 7.07
CA VAL A 59 1.25 -4.56 7.03
C VAL A 59 0.95 -4.05 8.43
N GLU A 60 1.42 -2.85 8.73
CA GLU A 60 1.20 -2.25 10.05
C GLU A 60 0.18 -1.11 9.97
N ALA A 61 -0.45 -0.81 11.10
CA ALA A 61 -1.44 0.26 11.16
C ALA A 61 -1.19 1.18 12.34
N VAL A 62 -0.87 2.44 12.04
CA VAL A 62 -0.61 3.42 13.09
C VAL A 62 -1.44 4.68 12.88
N GLY A 63 -1.20 5.69 13.71
CA GLY A 63 -1.93 6.94 13.61
C GLY A 63 -2.32 7.26 12.18
N CYS A 64 -3.56 6.95 11.81
CA CYS A 64 -4.05 7.21 10.47
C CYS A 64 -2.94 7.03 9.44
N THR A 65 -2.25 5.89 9.51
CA THR A 65 -1.15 5.60 8.59
C THR A 65 -0.99 4.11 8.40
N ARG A 66 -1.21 3.65 7.16
CA ARG A 66 -1.08 2.23 6.85
C ARG A 66 0.19 1.96 6.05
N ARG A 67 1.15 1.30 6.68
CA ARG A 67 2.42 0.98 6.04
C ARG A 67 2.50 -0.51 5.73
N LEU A 68 3.25 -0.85 4.68
CA LEU A 68 3.42 -2.24 4.27
C LEU A 68 4.90 -2.60 4.19
N VAL A 69 5.42 -3.20 5.25
CA VAL A 69 6.82 -3.59 5.28
C VAL A 69 7.05 -4.85 4.45
N VAL A 70 7.65 -4.66 3.27
CA VAL A 70 7.92 -5.77 2.37
C VAL A 70 9.36 -6.27 2.55
N GLN A 71 9.50 -7.38 3.27
CA GLN A 71 10.81 -7.96 3.52
C GLN A 71 11.34 -8.66 2.27
N GLN A 72 12.67 -8.69 2.14
CA GLN A 72 13.31 -9.32 0.98
C GLN A 72 12.67 -8.84 -0.33
N ALA A 73 12.43 -7.54 -0.41
CA ALA A 73 11.84 -6.96 -1.61
C ALA A 73 12.52 -7.46 -2.87
N GLY A 74 11.89 -8.42 -3.54
CA GLY A 74 12.46 -8.97 -4.76
C GLY A 74 11.52 -8.86 -5.94
N GLN A 75 11.99 -9.28 -7.12
CA GLN A 75 11.18 -9.21 -8.33
C GLN A 75 9.71 -9.43 -8.02
N ALA A 76 9.39 -10.61 -7.48
CA ALA A 76 8.01 -10.94 -7.12
C ALA A 76 7.33 -9.78 -6.41
N GLU A 77 7.91 -9.36 -5.28
CA GLU A 77 7.36 -8.27 -4.50
C GLU A 77 7.21 -7.01 -5.36
N ALA A 78 8.19 -6.77 -6.23
CA ALA A 78 8.17 -5.60 -7.11
C ALA A 78 6.93 -5.62 -7.99
N GLY A 79 6.11 -4.58 -7.88
CA GLY A 79 4.90 -4.48 -8.68
C GLY A 79 4.09 -3.24 -8.38
N GLU A 80 2.77 -3.37 -8.43
CA GLU A 80 1.89 -2.24 -8.15
C GLU A 80 0.97 -2.55 -6.96
N TYR A 81 1.34 -2.03 -5.79
CA TYR A 81 0.56 -2.23 -4.58
C TYR A 81 -0.58 -1.23 -4.49
N SER A 82 -1.79 -1.75 -4.28
CA SER A 82 -2.97 -0.91 -4.16
C SER A 82 -3.64 -1.08 -2.81
N CYS A 83 -3.61 -0.03 -2.00
CA CYS A 83 -4.22 -0.07 -0.68
C CYS A 83 -5.70 0.32 -0.74
N GLU A 84 -6.55 -0.68 -0.87
CA GLU A 84 -8.00 -0.44 -0.95
C GLU A 84 -8.55 -0.06 0.42
N ALA A 85 -9.63 0.72 0.42
CA ALA A 85 -10.26 1.16 1.65
C ALA A 85 -11.62 1.80 1.38
N GLY A 86 -12.69 1.07 1.68
CA GLY A 86 -14.02 1.58 1.47
C GLY A 86 -14.35 1.74 -0.01
N GLY A 87 -14.04 2.91 -0.57
CA GLY A 87 -14.31 3.15 -1.97
C GLY A 87 -13.16 3.85 -2.66
N GLN A 88 -11.95 3.67 -2.15
CA GLN A 88 -10.76 4.30 -2.72
C GLN A 88 -9.57 3.36 -2.64
N GLN A 89 -8.46 3.77 -3.26
CA GLN A 89 -7.25 2.97 -3.26
C GLN A 89 -6.07 3.77 -3.82
N LEU A 90 -4.92 3.63 -3.18
CA LEU A 90 -3.71 4.33 -3.62
C LEU A 90 -2.72 3.37 -4.26
N SER A 91 -2.16 3.79 -5.39
CA SER A 91 -1.18 2.97 -6.10
C SER A 91 0.23 3.20 -5.58
N PHE A 92 0.96 2.11 -5.37
CA PHE A 92 2.32 2.18 -4.86
C PHE A 92 3.25 1.27 -5.65
N ARG A 93 3.86 1.81 -6.70
CA ARG A 93 4.76 1.05 -7.55
C ARG A 93 6.09 0.79 -6.83
N LEU A 94 6.25 -0.44 -6.34
CA LEU A 94 7.47 -0.81 -5.63
C LEU A 94 8.52 -1.37 -6.59
N GLN A 95 9.68 -0.73 -6.63
CA GLN A 95 10.76 -1.16 -7.52
C GLN A 95 11.84 -1.90 -6.73
N VAL A 96 12.57 -2.78 -7.40
CA VAL A 96 13.63 -3.54 -6.76
C VAL A 96 14.92 -3.47 -7.58
N ALA A 97 16.05 -3.41 -6.87
CA ALA A 97 17.35 -3.34 -7.53
C ALA A 97 18.16 -4.60 -7.28
N GLY A 98 19.06 -4.92 -8.21
CA GLY A 98 19.88 -6.11 -8.08
C GLY A 98 19.06 -7.39 -8.13
N GLN A 99 19.71 -8.52 -7.83
CA GLN A 99 19.05 -9.81 -7.84
C GLN A 99 18.84 -10.33 -6.43
N CYS A 100 17.63 -10.80 -6.14
CA CYS A 100 17.32 -11.34 -4.83
C CYS A 100 17.85 -12.76 -4.66
N PHE A 101 18.93 -12.90 -3.89
CA PHE A 101 19.54 -14.20 -3.67
C PHE A 101 18.62 -15.10 -2.85
N GLY A 102 18.02 -16.08 -3.51
CA GLY A 102 17.11 -16.99 -2.84
C GLY A 102 17.79 -18.29 -2.44
N GLY A 1 -36.70 11.69 -0.39
CA GLY A 1 -36.42 10.32 0.03
C GLY A 1 -35.86 10.25 1.44
N SER A 2 -34.94 9.32 1.67
CA SER A 2 -34.33 9.14 2.98
C SER A 2 -32.91 9.68 2.99
N SER A 3 -32.47 10.16 4.15
CA SER A 3 -31.13 10.70 4.30
C SER A 3 -30.06 9.64 3.99
N GLY A 4 -29.59 9.63 2.75
CA GLY A 4 -28.59 8.67 2.34
C GLY A 4 -27.18 9.11 2.70
N SER A 5 -26.32 9.21 1.70
CA SER A 5 -24.94 9.63 1.92
C SER A 5 -24.37 10.27 0.67
N SER A 6 -23.50 11.27 0.86
CA SER A 6 -22.88 11.98 -0.26
C SER A 6 -21.69 12.79 0.22
N GLY A 7 -20.48 12.32 -0.11
CA GLY A 7 -19.28 13.01 0.29
C GLY A 7 -18.45 12.22 1.28
N LYS A 8 -18.27 10.93 1.00
CA LYS A 8 -17.49 10.05 1.86
C LYS A 8 -16.03 10.01 1.44
N VAL A 9 -15.12 10.11 2.40
CA VAL A 9 -13.70 10.07 2.12
C VAL A 9 -12.98 9.08 3.03
N VAL A 10 -12.28 8.14 2.42
CA VAL A 10 -11.54 7.13 3.17
C VAL A 10 -10.10 7.57 3.43
N PHE A 11 -9.50 8.18 2.42
CA PHE A 11 -8.12 8.67 2.53
C PHE A 11 -8.06 10.18 2.50
N ALA A 12 -7.02 10.75 3.10
CA ALA A 12 -6.84 12.19 3.14
C ALA A 12 -7.10 12.81 1.77
N LYS A 13 -7.13 14.14 1.74
CA LYS A 13 -7.38 14.86 0.49
C LYS A 13 -6.07 15.14 -0.24
N GLU A 14 -4.98 15.17 0.51
CA GLU A 14 -3.65 15.43 -0.06
C GLU A 14 -2.93 14.13 -0.37
N GLN A 15 -3.69 13.12 -0.80
CA GLN A 15 -3.12 11.83 -1.14
C GLN A 15 -2.74 11.76 -2.61
N PRO A 16 -1.52 11.31 -2.89
CA PRO A 16 -1.00 11.19 -4.25
C PRO A 16 -1.68 10.08 -5.04
N ALA A 17 -2.41 10.46 -6.08
CA ALA A 17 -3.11 9.49 -6.91
C ALA A 17 -2.28 8.22 -7.12
N HIS A 18 -0.97 8.39 -7.18
CA HIS A 18 -0.06 7.27 -7.37
C HIS A 18 1.38 7.65 -6.99
N ARG A 19 1.92 6.97 -5.99
CA ARG A 19 3.27 7.24 -5.53
C ARG A 19 4.23 6.16 -6.02
N GLU A 20 5.49 6.55 -6.24
CA GLU A 20 6.51 5.62 -6.72
C GLU A 20 7.51 5.30 -5.62
N VAL A 21 7.67 4.02 -5.31
CA VAL A 21 8.60 3.59 -4.28
C VAL A 21 9.66 2.65 -4.85
N GLN A 22 10.92 2.94 -4.53
CA GLN A 22 12.03 2.12 -5.00
C GLN A 22 12.75 1.46 -3.85
N ALA A 23 13.21 0.23 -4.08
CA ALA A 23 13.94 -0.52 -3.04
C ALA A 23 15.04 -1.36 -3.66
N GLU A 24 15.77 -2.09 -2.81
CA GLU A 24 16.86 -2.93 -3.27
C GLU A 24 16.53 -4.41 -3.07
N ALA A 25 17.17 -5.27 -3.84
CA ALA A 25 16.95 -6.71 -3.75
C ALA A 25 17.37 -7.24 -2.38
N GLY A 26 16.40 -7.85 -1.68
CA GLY A 26 16.70 -8.39 -0.36
C GLY A 26 16.39 -7.41 0.75
N ALA A 27 16.16 -6.15 0.38
CA ALA A 27 15.86 -5.11 1.36
C ALA A 27 14.40 -5.18 1.79
N SER A 28 14.04 -4.34 2.76
CA SER A 28 12.68 -4.31 3.28
C SER A 28 12.01 -2.98 2.96
N ALA A 29 11.12 -2.99 1.96
CA ALA A 29 10.42 -1.78 1.55
C ALA A 29 9.33 -1.41 2.56
N THR A 30 8.71 -0.26 2.36
CA THR A 30 7.66 0.22 3.25
C THR A 30 6.77 1.23 2.56
N LEU A 31 5.53 0.84 2.30
CA LEU A 31 4.56 1.72 1.63
C LEU A 31 3.61 2.34 2.65
N SER A 32 3.92 3.55 3.07
CA SER A 32 3.08 4.26 4.05
C SER A 32 2.07 5.16 3.34
N CYS A 33 0.95 5.40 4.00
CA CYS A 33 -0.10 6.25 3.45
C CYS A 33 -1.04 6.76 4.54
N GLU A 34 -1.41 8.02 4.44
CA GLU A 34 -2.31 8.62 5.43
C GLU A 34 -3.76 8.19 5.19
N VAL A 35 -4.59 8.37 6.21
CA VAL A 35 -6.00 8.00 6.12
C VAL A 35 -6.89 9.05 6.78
N ALA A 36 -8.13 9.15 6.32
CA ALA A 36 -9.09 10.10 6.87
C ALA A 36 -9.62 9.62 8.21
N GLN A 37 -9.57 8.32 8.44
CA GLN A 37 -10.06 7.73 9.69
C GLN A 37 -9.20 6.55 10.11
N ALA A 38 -9.03 6.37 11.41
CA ALA A 38 -8.23 5.27 11.94
C ALA A 38 -9.05 3.98 11.99
N GLN A 39 -10.17 4.01 12.68
CA GLN A 39 -11.03 2.84 12.81
C GLN A 39 -11.20 2.14 11.46
N THR A 40 -11.04 2.92 10.38
CA THR A 40 -11.18 2.37 9.04
C THR A 40 -10.06 1.38 8.73
N GLU A 41 -10.41 0.29 8.04
CA GLU A 41 -9.43 -0.73 7.68
C GLU A 41 -9.13 -0.69 6.19
N VAL A 42 -7.95 -1.19 5.82
CA VAL A 42 -7.53 -1.21 4.42
C VAL A 42 -7.00 -2.57 4.03
N THR A 43 -6.95 -2.83 2.72
CA THR A 43 -6.46 -4.11 2.21
C THR A 43 -5.61 -3.91 0.96
N TRP A 44 -4.30 -4.11 1.12
CA TRP A 44 -3.37 -3.95 0.01
C TRP A 44 -3.64 -4.99 -1.08
N TYR A 45 -3.41 -4.61 -2.32
CA TYR A 45 -3.64 -5.51 -3.45
C TYR A 45 -2.49 -5.41 -4.46
N LYS A 46 -1.76 -6.51 -4.61
CA LYS A 46 -0.64 -6.56 -5.55
C LYS A 46 -1.05 -7.18 -6.87
N ASP A 47 -0.71 -6.52 -7.97
CA ASP A 47 -1.04 -7.01 -9.30
C ASP A 47 -2.45 -7.61 -9.32
N GLY A 48 -3.37 -6.97 -8.62
CA GLY A 48 -4.74 -7.45 -8.57
C GLY A 48 -4.86 -8.73 -7.77
N LYS A 49 -4.12 -8.83 -6.67
CA LYS A 49 -4.16 -10.01 -5.82
C LYS A 49 -4.18 -9.63 -4.35
N LYS A 50 -5.19 -10.10 -3.63
CA LYS A 50 -5.32 -9.80 -2.21
C LYS A 50 -4.04 -10.14 -1.45
N LEU A 51 -3.47 -9.14 -0.79
CA LEU A 51 -2.24 -9.34 -0.03
C LEU A 51 -2.54 -9.81 1.38
N SER A 52 -1.67 -10.65 1.92
CA SER A 52 -1.84 -11.18 3.27
C SER A 52 -0.56 -11.04 4.08
N SER A 53 -0.61 -10.21 5.12
CA SER A 53 0.55 -9.98 5.98
C SER A 53 1.12 -11.31 6.47
N SER A 54 2.29 -11.68 5.95
CA SER A 54 2.94 -12.93 6.35
C SER A 54 4.38 -12.67 6.78
N SER A 55 5.06 -13.73 7.18
CA SER A 55 6.45 -13.62 7.62
C SER A 55 7.28 -12.79 6.64
N LYS A 56 6.79 -12.70 5.40
CA LYS A 56 7.48 -11.94 4.37
C LYS A 56 7.01 -10.49 4.36
N VAL A 57 5.69 -10.30 4.33
CA VAL A 57 5.12 -8.96 4.31
C VAL A 57 4.34 -8.70 5.59
N ARG A 58 4.54 -7.51 6.17
CA ARG A 58 3.85 -7.12 7.39
C ARG A 58 3.21 -5.74 7.25
N VAL A 59 1.88 -5.71 7.25
CA VAL A 59 1.15 -4.46 7.13
C VAL A 59 0.76 -3.90 8.50
N GLU A 60 1.41 -2.81 8.90
CA GLU A 60 1.13 -2.18 10.18
C GLU A 60 0.11 -1.06 10.03
N ALA A 61 -0.64 -0.81 11.09
CA ALA A 61 -1.66 0.23 11.08
C ALA A 61 -1.55 1.12 12.33
N VAL A 62 -0.75 2.18 12.22
CA VAL A 62 -0.57 3.10 13.34
C VAL A 62 -1.45 4.34 13.19
N GLY A 63 -2.46 4.45 14.04
CA GLY A 63 -3.36 5.58 13.99
C GLY A 63 -3.91 5.81 12.59
N CYS A 64 -3.53 6.93 11.99
CA CYS A 64 -3.99 7.27 10.64
C CYS A 64 -2.87 7.08 9.61
N THR A 65 -2.14 5.98 9.75
CA THR A 65 -1.03 5.69 8.84
C THR A 65 -0.92 4.18 8.60
N ARG A 66 -1.02 3.78 7.33
CA ARG A 66 -0.92 2.37 6.97
C ARG A 66 0.37 2.10 6.19
N ARG A 67 1.28 1.34 6.79
CA ARG A 67 2.54 1.02 6.16
C ARG A 67 2.62 -0.47 5.83
N LEU A 68 3.22 -0.80 4.69
CA LEU A 68 3.36 -2.20 4.27
C LEU A 68 4.83 -2.57 4.13
N VAL A 69 5.37 -3.22 5.16
CA VAL A 69 6.76 -3.64 5.15
C VAL A 69 6.93 -4.96 4.40
N VAL A 70 7.59 -4.90 3.26
CA VAL A 70 7.82 -6.09 2.45
C VAL A 70 9.26 -6.59 2.59
N GLN A 71 9.43 -7.67 3.34
CA GLN A 71 10.76 -8.24 3.55
C GLN A 71 11.27 -8.91 2.29
N GLN A 72 12.59 -8.88 2.10
CA GLN A 72 13.21 -9.48 0.93
C GLN A 72 12.52 -9.03 -0.35
N ALA A 73 12.39 -7.71 -0.51
CA ALA A 73 11.74 -7.14 -1.69
C ALA A 73 12.45 -7.58 -2.96
N GLY A 74 11.91 -8.61 -3.62
CA GLY A 74 12.51 -9.10 -4.85
C GLY A 74 11.60 -8.91 -6.04
N GLN A 75 12.12 -9.22 -7.23
CA GLN A 75 11.35 -9.09 -8.46
C GLN A 75 9.88 -9.39 -8.22
N ALA A 76 9.58 -10.63 -7.89
CA ALA A 76 8.21 -11.05 -7.63
C ALA A 76 7.47 -10.01 -6.80
N GLU A 77 8.11 -9.54 -5.74
CA GLU A 77 7.51 -8.54 -4.86
C GLU A 77 7.37 -7.20 -5.58
N ALA A 78 8.28 -6.93 -6.51
CA ALA A 78 8.27 -5.69 -7.27
C ALA A 78 7.07 -5.65 -8.23
N GLY A 79 6.25 -4.61 -8.11
CA GLY A 79 5.09 -4.48 -8.97
C GLY A 79 4.29 -3.24 -8.66
N GLU A 80 2.99 -3.42 -8.45
CA GLU A 80 2.10 -2.29 -8.16
C GLU A 80 1.14 -2.64 -7.03
N TYR A 81 1.38 -2.06 -5.85
CA TYR A 81 0.54 -2.32 -4.68
C TYR A 81 -0.59 -1.30 -4.60
N SER A 82 -1.80 -1.79 -4.34
CA SER A 82 -2.96 -0.92 -4.23
C SER A 82 -3.62 -1.06 -2.86
N CYS A 83 -3.57 0.01 -2.07
CA CYS A 83 -4.15 0.01 -0.74
C CYS A 83 -5.63 0.37 -0.79
N GLU A 84 -6.48 -0.64 -0.91
CA GLU A 84 -7.92 -0.42 -0.99
C GLU A 84 -8.50 -0.16 0.41
N ALA A 85 -9.60 0.57 0.46
CA ALA A 85 -10.25 0.89 1.73
C ALA A 85 -11.57 1.61 1.49
N GLY A 86 -12.68 0.94 1.79
CA GLY A 86 -13.99 1.53 1.62
C GLY A 86 -14.39 1.62 0.16
N GLY A 87 -14.01 2.72 -0.49
CA GLY A 87 -14.36 2.91 -1.89
C GLY A 87 -13.24 3.57 -2.67
N GLN A 88 -12.10 3.77 -2.02
CA GLN A 88 -10.95 4.41 -2.66
C GLN A 88 -9.69 3.58 -2.48
N GLN A 89 -8.66 3.90 -3.25
CA GLN A 89 -7.40 3.17 -3.18
C GLN A 89 -6.28 3.97 -3.84
N LEU A 90 -5.05 3.69 -3.42
CA LEU A 90 -3.88 4.38 -3.96
C LEU A 90 -2.88 3.39 -4.54
N SER A 91 -2.18 3.81 -5.60
CA SER A 91 -1.20 2.96 -6.24
C SER A 91 0.20 3.20 -5.67
N PHE A 92 0.93 2.11 -5.43
CA PHE A 92 2.27 2.21 -4.88
C PHE A 92 3.23 1.29 -5.63
N ARG A 93 3.86 1.83 -6.68
CA ARG A 93 4.80 1.08 -7.48
C ARG A 93 6.06 0.74 -6.68
N LEU A 94 6.33 -0.54 -6.53
CA LEU A 94 7.51 -1.00 -5.78
C LEU A 94 8.54 -1.59 -6.72
N GLN A 95 9.70 -0.93 -6.83
CA GLN A 95 10.77 -1.40 -7.69
C GLN A 95 11.88 -2.06 -6.87
N VAL A 96 12.61 -2.98 -7.50
CA VAL A 96 13.70 -3.68 -6.83
C VAL A 96 14.99 -3.57 -7.63
N ALA A 97 16.05 -3.12 -6.97
CA ALA A 97 17.35 -2.98 -7.61
C ALA A 97 18.20 -4.23 -7.43
N GLY A 98 18.61 -4.84 -8.53
CA GLY A 98 19.43 -6.03 -8.46
C GLY A 98 18.62 -7.28 -8.15
N GLN A 99 19.18 -8.43 -8.44
CA GLN A 99 18.50 -9.70 -8.20
C GLN A 99 19.20 -10.49 -7.09
N CYS A 100 18.54 -10.58 -5.94
CA CYS A 100 19.10 -11.31 -4.80
C CYS A 100 17.98 -11.85 -3.91
N PHE A 101 18.30 -12.89 -3.15
CA PHE A 101 17.33 -13.51 -2.25
C PHE A 101 17.24 -12.74 -0.94
N GLY A 102 18.39 -12.35 -0.40
CA GLY A 102 18.41 -11.61 0.85
C GLY A 102 19.48 -12.11 1.79
N GLY A 1 -19.44 8.08 -16.42
CA GLY A 1 -18.64 8.50 -15.29
C GLY A 1 -19.48 8.93 -14.10
N SER A 2 -18.99 8.65 -12.90
CA SER A 2 -19.70 9.00 -11.67
C SER A 2 -19.18 10.31 -11.09
N SER A 3 -19.82 11.41 -11.46
CA SER A 3 -19.42 12.73 -10.98
C SER A 3 -20.63 13.53 -10.54
N GLY A 4 -20.45 14.33 -9.49
CA GLY A 4 -21.54 15.15 -8.97
C GLY A 4 -21.65 15.09 -7.46
N SER A 5 -22.82 14.71 -6.97
CA SER A 5 -23.05 14.63 -5.53
C SER A 5 -22.00 13.75 -4.86
N SER A 6 -21.81 12.55 -5.41
CA SER A 6 -20.84 11.60 -4.86
C SER A 6 -19.55 12.33 -4.48
N GLY A 7 -19.18 12.20 -3.21
CA GLY A 7 -17.96 12.84 -2.73
C GLY A 7 -17.46 12.24 -1.43
N LYS A 8 -17.53 10.92 -1.33
CA LYS A 8 -17.09 10.22 -0.12
C LYS A 8 -15.58 9.96 -0.17
N VAL A 9 -14.83 10.73 0.62
CA VAL A 9 -13.39 10.59 0.67
C VAL A 9 -12.97 9.64 1.79
N VAL A 10 -12.07 8.71 1.48
CA VAL A 10 -11.60 7.74 2.45
C VAL A 10 -10.17 8.07 2.89
N PHE A 11 -9.35 8.51 1.93
CA PHE A 11 -7.97 8.86 2.21
C PHE A 11 -7.80 10.36 2.42
N ALA A 12 -6.57 10.79 2.61
CA ALA A 12 -6.28 12.21 2.82
C ALA A 12 -6.61 13.02 1.57
N LYS A 13 -6.33 14.32 1.64
CA LYS A 13 -6.61 15.22 0.52
C LYS A 13 -5.32 15.82 -0.02
N GLU A 14 -4.26 15.75 0.78
CA GLU A 14 -2.96 16.28 0.38
C GLU A 14 -1.99 15.17 0.03
N GLN A 15 -2.51 14.11 -0.59
CA GLN A 15 -1.69 12.97 -0.98
C GLN A 15 -1.90 12.63 -2.46
N PRO A 16 -0.80 12.25 -3.14
CA PRO A 16 -0.84 11.89 -4.55
C PRO A 16 -1.59 10.58 -4.81
N ALA A 17 -2.49 10.60 -5.79
CA ALA A 17 -3.27 9.41 -6.13
C ALA A 17 -2.37 8.18 -6.21
N HIS A 18 -1.24 8.31 -6.89
CA HIS A 18 -0.30 7.21 -7.04
C HIS A 18 1.13 7.67 -6.79
N ARG A 19 1.82 7.01 -5.86
CA ARG A 19 3.20 7.36 -5.54
C ARG A 19 4.16 6.26 -5.98
N GLU A 20 5.41 6.63 -6.21
CA GLU A 20 6.43 5.68 -6.63
C GLU A 20 7.38 5.34 -5.49
N VAL A 21 7.69 4.06 -5.35
CA VAL A 21 8.59 3.60 -4.30
C VAL A 21 9.68 2.69 -4.86
N GLN A 22 10.92 2.97 -4.49
CA GLN A 22 12.05 2.18 -4.97
C GLN A 22 12.72 1.45 -3.81
N ALA A 23 13.34 0.32 -4.11
CA ALA A 23 14.01 -0.48 -3.09
C ALA A 23 15.10 -1.36 -3.71
N GLU A 24 15.90 -1.99 -2.87
CA GLU A 24 16.98 -2.86 -3.32
C GLU A 24 16.66 -4.31 -3.06
N ALA A 25 17.21 -5.20 -3.88
CA ALA A 25 16.99 -6.64 -3.73
C ALA A 25 17.43 -7.12 -2.35
N GLY A 26 16.50 -7.71 -1.60
CA GLY A 26 16.81 -8.21 -0.28
C GLY A 26 16.48 -7.21 0.80
N ALA A 27 16.33 -5.94 0.42
CA ALA A 27 16.01 -4.89 1.38
C ALA A 27 14.55 -4.96 1.80
N SER A 28 14.19 -4.18 2.82
CA SER A 28 12.82 -4.17 3.32
C SER A 28 12.12 -2.86 2.95
N ALA A 29 11.29 -2.92 1.91
CA ALA A 29 10.55 -1.74 1.46
C ALA A 29 9.46 -1.37 2.45
N THR A 30 8.92 -0.16 2.29
CA THR A 30 7.87 0.33 3.17
C THR A 30 6.95 1.31 2.45
N LEU A 31 5.73 0.90 2.17
CA LEU A 31 4.77 1.74 1.48
C LEU A 31 3.80 2.39 2.47
N SER A 32 4.11 3.63 2.86
CA SER A 32 3.27 4.36 3.80
C SER A 32 2.18 5.15 3.08
N CYS A 33 1.05 5.32 3.74
CA CYS A 33 -0.07 6.05 3.15
C CYS A 33 -1.00 6.59 4.25
N GLU A 34 -1.38 7.86 4.12
CA GLU A 34 -2.26 8.49 5.09
C GLU A 34 -3.71 8.16 4.81
N VAL A 35 -4.58 8.36 5.80
CA VAL A 35 -6.00 8.08 5.66
C VAL A 35 -6.84 9.17 6.32
N ALA A 36 -8.08 9.30 5.87
CA ALA A 36 -9.00 10.30 6.42
C ALA A 36 -9.56 9.85 7.77
N GLN A 37 -9.53 8.54 8.01
CA GLN A 37 -10.04 7.98 9.26
C GLN A 37 -9.14 6.86 9.75
N ALA A 38 -9.07 6.71 11.08
CA ALA A 38 -8.25 5.67 11.68
C ALA A 38 -9.00 4.34 11.74
N GLN A 39 -10.10 4.32 12.50
CA GLN A 39 -10.91 3.12 12.65
C GLN A 39 -11.05 2.40 11.32
N THR A 40 -11.22 3.16 10.25
CA THR A 40 -11.37 2.59 8.91
C THR A 40 -10.29 1.55 8.64
N GLU A 41 -10.71 0.39 8.13
CA GLU A 41 -9.77 -0.68 7.83
C GLU A 41 -9.41 -0.68 6.35
N VAL A 42 -8.17 -1.03 6.04
CA VAL A 42 -7.69 -1.07 4.67
C VAL A 42 -7.28 -2.49 4.27
N THR A 43 -6.99 -2.67 2.99
CA THR A 43 -6.58 -3.98 2.47
C THR A 43 -5.74 -3.83 1.20
N TRP A 44 -4.47 -4.15 1.31
CA TRP A 44 -3.56 -4.06 0.17
C TRP A 44 -3.91 -5.10 -0.89
N TYR A 45 -3.66 -4.76 -2.15
CA TYR A 45 -3.96 -5.66 -3.26
C TYR A 45 -2.84 -5.64 -4.30
N LYS A 46 -2.20 -6.78 -4.51
CA LYS A 46 -1.12 -6.88 -5.47
C LYS A 46 -1.61 -7.50 -6.78
N ASP A 47 -1.20 -6.91 -7.90
CA ASP A 47 -1.60 -7.41 -9.21
C ASP A 47 -3.06 -7.86 -9.20
N GLY A 48 -3.88 -7.20 -8.38
CA GLY A 48 -5.28 -7.55 -8.29
C GLY A 48 -5.52 -8.78 -7.44
N LYS A 49 -4.72 -8.94 -6.39
CA LYS A 49 -4.84 -10.08 -5.50
C LYS A 49 -4.88 -9.63 -4.03
N LYS A 50 -5.73 -10.27 -3.25
CA LYS A 50 -5.85 -9.94 -1.83
C LYS A 50 -4.58 -10.31 -1.06
N LEU A 51 -3.83 -9.29 -0.65
CA LEU A 51 -2.59 -9.52 0.09
C LEU A 51 -2.89 -9.87 1.55
N SER A 52 -1.86 -10.31 2.26
CA SER A 52 -2.01 -10.68 3.67
C SER A 52 -0.66 -10.63 4.38
N SER A 53 -0.65 -9.99 5.54
CA SER A 53 0.57 -9.87 6.33
C SER A 53 1.17 -11.24 6.63
N SER A 54 2.05 -11.71 5.74
CA SER A 54 2.69 -13.00 5.91
C SER A 54 4.09 -12.85 6.49
N SER A 55 4.74 -13.98 6.74
CA SER A 55 6.09 -13.97 7.31
C SER A 55 6.98 -12.97 6.57
N LYS A 56 6.60 -12.65 5.34
CA LYS A 56 7.37 -11.70 4.53
C LYS A 56 6.76 -10.30 4.61
N VAL A 57 5.52 -10.17 4.13
CA VAL A 57 4.83 -8.89 4.15
C VAL A 57 4.24 -8.61 5.53
N ARG A 58 4.38 -7.37 5.98
CA ARG A 58 3.85 -6.97 7.28
C ARG A 58 2.95 -5.74 7.15
N VAL A 59 1.66 -5.94 7.42
CA VAL A 59 0.69 -4.84 7.34
C VAL A 59 0.59 -4.09 8.67
N GLU A 60 1.26 -2.94 8.74
CA GLU A 60 1.24 -2.13 9.95
C GLU A 60 0.12 -1.10 9.90
N ALA A 61 -0.58 -0.93 11.01
CA ALA A 61 -1.67 0.02 11.09
C ALA A 61 -1.57 0.88 12.36
N VAL A 62 -1.03 2.07 12.21
CA VAL A 62 -0.87 2.98 13.34
C VAL A 62 -1.71 4.25 13.15
N GLY A 63 -2.73 4.41 13.98
CA GLY A 63 -3.59 5.57 13.89
C GLY A 63 -4.11 5.80 12.48
N CYS A 64 -3.71 6.91 11.88
CA CYS A 64 -4.15 7.26 10.53
C CYS A 64 -3.02 7.04 9.53
N THR A 65 -2.30 5.93 9.68
CA THR A 65 -1.19 5.60 8.79
C THR A 65 -1.10 4.10 8.55
N ARG A 66 -0.98 3.73 7.28
CA ARG A 66 -0.88 2.32 6.90
C ARG A 66 0.37 2.05 6.08
N ARG A 67 1.37 1.44 6.69
CA ARG A 67 2.62 1.13 6.02
C ARG A 67 2.75 -0.37 5.76
N LEU A 68 3.31 -0.72 4.61
CA LEU A 68 3.49 -2.13 4.26
C LEU A 68 4.97 -2.47 4.13
N VAL A 69 5.49 -3.18 5.12
CA VAL A 69 6.90 -3.57 5.12
C VAL A 69 7.10 -4.89 4.39
N VAL A 70 7.72 -4.81 3.21
CA VAL A 70 7.97 -5.99 2.40
C VAL A 70 9.40 -6.49 2.58
N GLN A 71 9.55 -7.54 3.39
CA GLN A 71 10.86 -8.11 3.65
C GLN A 71 11.41 -8.81 2.41
N GLN A 72 12.73 -8.75 2.24
CA GLN A 72 13.38 -9.37 1.09
C GLN A 72 12.74 -8.91 -0.21
N ALA A 73 12.56 -7.60 -0.35
CA ALA A 73 11.97 -7.03 -1.55
C ALA A 73 12.77 -7.41 -2.79
N GLY A 74 12.24 -8.34 -3.57
CA GLY A 74 12.92 -8.78 -4.78
C GLY A 74 12.07 -8.62 -6.01
N GLN A 75 12.64 -8.96 -7.17
CA GLN A 75 11.91 -8.84 -8.44
C GLN A 75 10.45 -9.23 -8.26
N ALA A 76 10.22 -10.40 -7.68
CA ALA A 76 8.87 -10.89 -7.46
C ALA A 76 8.02 -9.86 -6.73
N GLU A 77 8.56 -9.33 -5.63
CA GLU A 77 7.85 -8.32 -4.84
C GLU A 77 7.58 -7.06 -5.68
N ALA A 78 8.56 -6.68 -6.48
CA ALA A 78 8.42 -5.50 -7.33
C ALA A 78 7.17 -5.58 -8.19
N GLY A 79 6.29 -4.59 -8.05
CA GLY A 79 5.06 -4.58 -8.81
C GLY A 79 4.20 -3.37 -8.50
N GLU A 80 2.88 -3.57 -8.48
CA GLU A 80 1.95 -2.49 -8.19
C GLU A 80 1.08 -2.83 -6.99
N TYR A 81 1.31 -2.13 -5.89
CA TYR A 81 0.55 -2.36 -4.66
C TYR A 81 -0.56 -1.32 -4.51
N SER A 82 -1.79 -1.80 -4.32
CA SER A 82 -2.93 -0.92 -4.16
C SER A 82 -3.56 -1.08 -2.77
N CYS A 83 -3.67 0.04 -2.06
CA CYS A 83 -4.24 0.03 -0.71
C CYS A 83 -5.71 0.40 -0.75
N GLU A 84 -6.58 -0.62 -0.74
CA GLU A 84 -8.02 -0.39 -0.77
C GLU A 84 -8.56 -0.12 0.62
N ALA A 85 -9.37 0.93 0.75
CA ALA A 85 -9.96 1.29 2.04
C ALA A 85 -11.46 1.54 1.90
N GLY A 86 -11.99 1.33 0.69
CA GLY A 86 -13.41 1.53 0.46
C GLY A 86 -13.70 1.92 -0.98
N GLY A 87 -13.87 3.22 -1.21
CA GLY A 87 -14.16 3.71 -2.55
C GLY A 87 -12.95 4.33 -3.21
N GLN A 88 -11.77 4.05 -2.67
CA GLN A 88 -10.53 4.60 -3.22
C GLN A 88 -9.37 3.62 -3.01
N GLN A 89 -8.36 3.71 -3.86
CA GLN A 89 -7.19 2.85 -3.76
C GLN A 89 -5.92 3.59 -4.22
N LEU A 90 -4.94 3.66 -3.33
CA LEU A 90 -3.68 4.33 -3.64
C LEU A 90 -2.70 3.36 -4.29
N SER A 91 -2.07 3.81 -5.38
CA SER A 91 -1.10 2.99 -6.09
C SER A 91 0.31 3.22 -5.56
N PHE A 92 1.04 2.13 -5.34
CA PHE A 92 2.40 2.22 -4.83
C PHE A 92 3.34 1.30 -5.60
N ARG A 93 3.92 1.82 -6.67
CA ARG A 93 4.84 1.04 -7.51
C ARG A 93 6.14 0.78 -6.77
N LEU A 94 6.42 -0.49 -6.51
CA LEU A 94 7.64 -0.88 -5.82
C LEU A 94 8.67 -1.45 -6.79
N GLN A 95 9.82 -0.78 -6.89
CA GLN A 95 10.87 -1.22 -7.80
C GLN A 95 12.05 -1.81 -7.01
N VAL A 96 12.58 -2.92 -7.50
CA VAL A 96 13.70 -3.58 -6.84
C VAL A 96 14.96 -3.47 -7.68
N ALA A 97 16.09 -3.23 -7.01
CA ALA A 97 17.37 -3.10 -7.69
C ALA A 97 18.30 -4.26 -7.33
N GLY A 98 19.40 -4.39 -8.07
CA GLY A 98 20.35 -5.44 -7.81
C GLY A 98 19.68 -6.79 -7.62
N GLN A 99 20.35 -7.69 -6.91
CA GLN A 99 19.82 -9.03 -6.67
C GLN A 99 20.44 -9.63 -5.41
N CYS A 100 19.70 -10.52 -4.76
CA CYS A 100 20.18 -11.18 -3.55
C CYS A 100 21.46 -11.94 -3.82
N PHE A 101 22.40 -11.86 -2.88
CA PHE A 101 23.69 -12.54 -3.02
C PHE A 101 24.12 -13.15 -1.69
N GLY A 102 24.68 -14.36 -1.75
CA GLY A 102 25.12 -15.03 -0.54
C GLY A 102 26.05 -14.16 0.29
N GLY A 1 -27.04 27.42 3.91
CA GLY A 1 -26.89 25.97 4.00
C GLY A 1 -27.54 25.25 2.84
N SER A 2 -26.87 24.22 2.35
CA SER A 2 -27.39 23.44 1.22
C SER A 2 -26.55 22.19 1.00
N SER A 3 -27.23 21.09 0.68
CA SER A 3 -26.54 19.82 0.45
C SER A 3 -27.03 19.18 -0.86
N GLY A 4 -26.10 18.96 -1.78
CA GLY A 4 -26.45 18.36 -3.05
C GLY A 4 -25.60 17.14 -3.37
N SER A 5 -24.87 17.20 -4.47
CA SER A 5 -24.01 16.09 -4.89
C SER A 5 -22.82 15.95 -3.95
N SER A 6 -23.03 15.24 -2.84
CA SER A 6 -21.98 15.02 -1.86
C SER A 6 -21.34 13.64 -2.04
N GLY A 7 -20.20 13.43 -1.40
CA GLY A 7 -19.51 12.17 -1.49
C GLY A 7 -18.94 11.71 -0.17
N LYS A 8 -17.97 10.81 -0.22
CA LYS A 8 -17.33 10.29 0.98
C LYS A 8 -15.82 10.17 0.79
N VAL A 9 -15.07 10.44 1.86
CA VAL A 9 -13.62 10.35 1.81
C VAL A 9 -13.11 9.21 2.69
N VAL A 10 -12.22 8.39 2.12
CA VAL A 10 -11.65 7.27 2.84
C VAL A 10 -10.20 7.53 3.21
N PHE A 11 -9.50 8.29 2.37
CA PHE A 11 -8.11 8.61 2.62
C PHE A 11 -7.93 10.11 2.87
N ALA A 12 -6.68 10.54 3.05
CA ALA A 12 -6.38 11.93 3.29
C ALA A 12 -6.69 12.79 2.07
N LYS A 13 -6.38 14.07 2.15
CA LYS A 13 -6.62 14.99 1.05
C LYS A 13 -5.32 15.55 0.50
N GLU A 14 -4.34 15.72 1.37
CA GLU A 14 -3.04 16.24 0.99
C GLU A 14 -2.09 15.11 0.56
N GLN A 15 -2.65 14.10 -0.09
CA GLN A 15 -1.86 12.96 -0.54
C GLN A 15 -2.12 12.67 -2.02
N PRO A 16 -1.06 12.28 -2.74
CA PRO A 16 -1.16 11.96 -4.17
C PRO A 16 -1.93 10.68 -4.42
N ALA A 17 -2.59 10.61 -5.58
CA ALA A 17 -3.37 9.43 -5.94
C ALA A 17 -2.48 8.21 -6.06
N HIS A 18 -1.33 8.37 -6.72
CA HIS A 18 -0.39 7.27 -6.91
C HIS A 18 1.04 7.74 -6.70
N ARG A 19 1.77 7.04 -5.83
CA ARG A 19 3.16 7.39 -5.54
C ARG A 19 4.11 6.26 -5.94
N GLU A 20 5.31 6.62 -6.36
CA GLU A 20 6.30 5.63 -6.77
C GLU A 20 7.26 5.31 -5.63
N VAL A 21 7.57 4.03 -5.47
CA VAL A 21 8.47 3.59 -4.41
C VAL A 21 9.57 2.69 -4.96
N GLN A 22 10.80 2.93 -4.54
CA GLN A 22 11.94 2.14 -4.99
C GLN A 22 12.59 1.41 -3.82
N ALA A 23 13.23 0.29 -4.12
CA ALA A 23 13.91 -0.50 -3.08
C ALA A 23 15.00 -1.36 -3.69
N GLU A 24 15.80 -1.99 -2.84
CA GLU A 24 16.89 -2.84 -3.28
C GLU A 24 16.57 -4.31 -3.04
N ALA A 25 17.19 -5.19 -3.83
CA ALA A 25 16.97 -6.62 -3.70
C ALA A 25 17.39 -7.13 -2.32
N GLY A 26 16.45 -7.74 -1.61
CA GLY A 26 16.74 -8.25 -0.28
C GLY A 26 16.46 -7.24 0.81
N ALA A 27 16.20 -6.00 0.41
CA ALA A 27 15.91 -4.94 1.36
C ALA A 27 14.46 -5.01 1.84
N SER A 28 14.13 -4.20 2.83
CA SER A 28 12.78 -4.17 3.38
C SER A 28 12.05 -2.89 2.99
N ALA A 29 11.23 -2.97 1.95
CA ALA A 29 10.46 -1.82 1.49
C ALA A 29 9.41 -1.40 2.50
N THR A 30 8.87 -0.20 2.32
CA THR A 30 7.85 0.32 3.22
C THR A 30 6.93 1.30 2.51
N LEU A 31 5.70 0.86 2.22
CA LEU A 31 4.73 1.71 1.54
C LEU A 31 3.77 2.35 2.54
N SER A 32 4.07 3.59 2.92
CA SER A 32 3.25 4.32 3.87
C SER A 32 2.17 5.12 3.15
N CYS A 33 1.04 5.31 3.82
CA CYS A 33 -0.07 6.06 3.25
C CYS A 33 -1.03 6.55 4.34
N GLU A 34 -1.34 7.85 4.30
CA GLU A 34 -2.23 8.43 5.29
C GLU A 34 -3.68 8.10 4.98
N VAL A 35 -4.55 8.29 5.96
CA VAL A 35 -5.98 8.01 5.79
C VAL A 35 -6.83 9.11 6.40
N ALA A 36 -8.14 9.00 6.22
CA ALA A 36 -9.08 9.99 6.76
C ALA A 36 -9.57 9.58 8.13
N GLN A 37 -9.55 8.28 8.40
CA GLN A 37 -10.00 7.76 9.69
C GLN A 37 -9.24 6.49 10.05
N ALA A 38 -8.60 6.50 11.21
CA ALA A 38 -7.83 5.34 11.68
C ALA A 38 -8.74 4.12 11.85
N GLN A 39 -9.90 4.34 12.46
CA GLN A 39 -10.85 3.26 12.68
C GLN A 39 -11.14 2.50 11.40
N THR A 40 -10.97 3.18 10.26
CA THR A 40 -11.21 2.57 8.96
C THR A 40 -10.18 1.48 8.67
N GLU A 41 -10.60 0.45 7.95
CA GLU A 41 -9.72 -0.65 7.60
C GLU A 41 -9.25 -0.54 6.15
N VAL A 42 -8.18 -1.26 5.83
CA VAL A 42 -7.63 -1.24 4.48
C VAL A 42 -7.21 -2.64 4.03
N THR A 43 -6.85 -2.76 2.77
CA THR A 43 -6.43 -4.05 2.21
C THR A 43 -5.59 -3.86 0.96
N TRP A 44 -4.29 -4.09 1.08
CA TRP A 44 -3.38 -3.95 -0.05
C TRP A 44 -3.70 -4.96 -1.15
N TYR A 45 -3.30 -4.64 -2.37
CA TYR A 45 -3.56 -5.52 -3.51
C TYR A 45 -2.43 -5.43 -4.53
N LYS A 46 -1.75 -6.54 -4.76
CA LYS A 46 -0.64 -6.59 -5.71
C LYS A 46 -1.08 -7.22 -7.02
N ASP A 47 -1.01 -6.45 -8.10
CA ASP A 47 -1.40 -6.95 -9.42
C ASP A 47 -2.77 -7.62 -9.36
N GLY A 48 -3.70 -6.99 -8.65
CA GLY A 48 -5.03 -7.55 -8.53
C GLY A 48 -5.06 -8.83 -7.72
N LYS A 49 -4.25 -8.88 -6.67
CA LYS A 49 -4.17 -10.05 -5.81
C LYS A 49 -4.18 -9.65 -4.34
N LYS A 50 -5.12 -10.19 -3.58
CA LYS A 50 -5.23 -9.90 -2.15
C LYS A 50 -3.93 -10.22 -1.43
N LEU A 51 -3.25 -9.18 -0.95
CA LEU A 51 -1.99 -9.35 -0.23
C LEU A 51 -2.23 -9.86 1.18
N SER A 52 -1.32 -10.71 1.67
CA SER A 52 -1.44 -11.26 3.02
C SER A 52 -0.25 -10.84 3.88
N SER A 53 -0.50 -10.66 5.18
CA SER A 53 0.54 -10.26 6.11
C SER A 53 1.33 -11.47 6.59
N SER A 54 2.37 -11.84 5.84
CA SER A 54 3.20 -12.98 6.18
C SER A 54 4.60 -12.52 6.59
N SER A 55 5.38 -13.46 7.12
CA SER A 55 6.75 -13.15 7.56
C SER A 55 7.43 -12.19 6.59
N LYS A 56 7.03 -12.26 5.33
CA LYS A 56 7.60 -11.38 4.30
C LYS A 56 6.95 -10.01 4.33
N VAL A 57 5.65 -9.97 4.07
CA VAL A 57 4.90 -8.73 4.07
C VAL A 57 4.06 -8.59 5.33
N ARG A 58 4.05 -7.39 5.90
CA ARG A 58 3.29 -7.13 7.11
C ARG A 58 2.48 -5.83 6.98
N VAL A 59 1.19 -5.91 7.26
CA VAL A 59 0.32 -4.74 7.16
C VAL A 59 0.24 -4.01 8.51
N GLU A 60 1.01 -2.94 8.64
CA GLU A 60 1.02 -2.15 9.86
C GLU A 60 0.03 -1.00 9.79
N ALA A 61 -0.66 -0.75 10.89
CA ALA A 61 -1.64 0.33 10.96
C ALA A 61 -1.43 1.20 12.19
N VAL A 62 -0.66 2.27 12.02
CA VAL A 62 -0.39 3.19 13.13
C VAL A 62 -1.22 4.45 13.02
N GLY A 63 -0.99 5.40 13.92
CA GLY A 63 -1.73 6.64 13.91
C GLY A 63 -2.08 7.09 12.51
N CYS A 64 -3.32 6.86 12.11
CA CYS A 64 -3.78 7.24 10.78
C CYS A 64 -2.66 7.11 9.75
N THR A 65 -2.04 5.93 9.71
CA THR A 65 -0.94 5.68 8.78
C THR A 65 -0.78 4.18 8.52
N ARG A 66 -1.09 3.76 7.30
CA ARG A 66 -0.97 2.36 6.93
C ARG A 66 0.30 2.11 6.12
N ARG A 67 1.27 1.43 6.75
CA ARG A 67 2.53 1.13 6.08
C ARG A 67 2.65 -0.36 5.80
N LEU A 68 3.28 -0.70 4.67
CA LEU A 68 3.47 -2.08 4.28
C LEU A 68 4.96 -2.43 4.19
N VAL A 69 5.43 -3.22 5.15
CA VAL A 69 6.83 -3.63 5.18
C VAL A 69 7.04 -4.92 4.40
N VAL A 70 7.76 -4.83 3.30
CA VAL A 70 8.04 -6.00 2.47
C VAL A 70 9.48 -6.47 2.65
N GLN A 71 9.68 -7.46 3.51
CA GLN A 71 11.00 -8.01 3.77
C GLN A 71 11.51 -8.78 2.56
N GLN A 72 12.79 -8.60 2.25
CA GLN A 72 13.41 -9.28 1.11
C GLN A 72 12.72 -8.89 -0.19
N ALA A 73 12.46 -7.61 -0.36
CA ALA A 73 11.80 -7.11 -1.57
C ALA A 73 12.52 -7.59 -2.82
N GLY A 74 11.97 -8.64 -3.43
CA GLY A 74 12.58 -9.18 -4.64
C GLY A 74 11.68 -9.01 -5.86
N GLN A 75 12.20 -9.42 -7.02
CA GLN A 75 11.45 -9.31 -8.26
C GLN A 75 9.96 -9.53 -8.02
N ALA A 76 9.61 -10.76 -7.64
CA ALA A 76 8.21 -11.10 -7.38
C ALA A 76 7.51 -9.98 -6.62
N GLU A 77 8.07 -9.59 -5.50
CA GLU A 77 7.49 -8.52 -4.68
C GLU A 77 7.32 -7.24 -5.49
N ALA A 78 8.31 -6.94 -6.32
CA ALA A 78 8.28 -5.74 -7.16
C ALA A 78 7.08 -5.78 -8.10
N GLY A 79 6.23 -4.76 -8.01
CA GLY A 79 5.06 -4.69 -8.86
C GLY A 79 4.23 -3.45 -8.61
N GLU A 80 2.94 -3.65 -8.35
CA GLU A 80 2.04 -2.53 -8.09
C GLU A 80 1.13 -2.84 -6.91
N TYR A 81 1.34 -2.12 -5.80
CA TYR A 81 0.54 -2.31 -4.60
C TYR A 81 -0.59 -1.29 -4.52
N SER A 82 -1.79 -1.76 -4.21
CA SER A 82 -2.95 -0.88 -4.11
C SER A 82 -3.62 -1.04 -2.76
N CYS A 83 -3.49 -0.01 -1.91
CA CYS A 83 -4.09 -0.03 -0.58
C CYS A 83 -5.55 0.40 -0.64
N GLU A 84 -6.44 -0.58 -0.72
CA GLU A 84 -7.88 -0.30 -0.78
C GLU A 84 -8.47 -0.16 0.62
N ALA A 85 -9.26 0.89 0.83
CA ALA A 85 -9.88 1.13 2.12
C ALA A 85 -11.38 1.35 1.97
N GLY A 86 -11.90 1.03 0.79
CA GLY A 86 -13.33 1.20 0.55
C GLY A 86 -13.60 2.12 -0.63
N GLY A 87 -13.74 1.53 -1.82
CA GLY A 87 -14.00 2.31 -3.01
C GLY A 87 -12.75 2.97 -3.57
N GLN A 88 -11.91 3.48 -2.67
CA GLN A 88 -10.68 4.14 -3.07
C GLN A 88 -9.47 3.28 -2.76
N GLN A 89 -8.35 3.53 -3.44
CA GLN A 89 -7.13 2.77 -3.23
C GLN A 89 -5.94 3.49 -3.86
N LEU A 90 -4.92 3.75 -3.04
CA LEU A 90 -3.72 4.42 -3.51
C LEU A 90 -2.77 3.44 -4.20
N SER A 91 -2.11 3.91 -5.26
CA SER A 91 -1.17 3.06 -5.99
C SER A 91 0.25 3.28 -5.51
N PHE A 92 0.97 2.18 -5.30
CA PHE A 92 2.35 2.24 -4.83
C PHE A 92 3.24 1.30 -5.63
N ARG A 93 3.93 1.85 -6.63
CA ARG A 93 4.82 1.06 -7.48
C ARG A 93 6.11 0.73 -6.75
N LEU A 94 6.34 -0.56 -6.51
CA LEU A 94 7.55 -1.01 -5.81
C LEU A 94 8.58 -1.53 -6.81
N GLN A 95 9.77 -0.94 -6.78
CA GLN A 95 10.85 -1.34 -7.67
C GLN A 95 12.02 -1.92 -6.88
N VAL A 96 12.62 -2.98 -7.42
CA VAL A 96 13.75 -3.62 -6.78
C VAL A 96 15.02 -3.49 -7.61
N ALA A 97 16.17 -3.39 -6.93
CA ALA A 97 17.44 -3.25 -7.61
C ALA A 97 18.36 -4.43 -7.30
N GLY A 98 18.87 -5.07 -8.34
CA GLY A 98 19.76 -6.20 -8.16
C GLY A 98 19.00 -7.51 -8.01
N GLN A 99 19.68 -8.53 -7.49
CA GLN A 99 19.06 -9.83 -7.31
C GLN A 99 18.86 -10.14 -5.82
N CYS A 100 17.70 -10.70 -5.49
CA CYS A 100 17.40 -11.03 -4.10
C CYS A 100 18.18 -12.27 -3.65
N PHE A 101 18.24 -13.27 -4.52
CA PHE A 101 18.96 -14.51 -4.21
C PHE A 101 20.46 -14.25 -4.15
N GLY A 102 21.13 -14.97 -3.24
CA GLY A 102 22.57 -14.81 -3.09
C GLY A 102 22.94 -13.57 -2.30
N GLY A 1 -28.08 26.02 3.36
CA GLY A 1 -27.32 25.35 4.41
C GLY A 1 -27.29 23.84 4.23
N SER A 2 -26.13 23.30 3.90
CA SER A 2 -25.98 21.87 3.69
C SER A 2 -24.63 21.39 4.19
N SER A 3 -24.48 20.07 4.34
CA SER A 3 -23.24 19.48 4.81
C SER A 3 -23.05 18.09 4.25
N GLY A 4 -21.82 17.77 3.85
CA GLY A 4 -21.53 16.46 3.30
C GLY A 4 -21.89 16.36 1.83
N SER A 5 -21.29 15.39 1.14
CA SER A 5 -21.54 15.20 -0.29
C SER A 5 -21.95 13.76 -0.56
N SER A 6 -22.32 13.48 -1.82
CA SER A 6 -22.75 12.15 -2.22
C SER A 6 -21.56 11.21 -2.34
N GLY A 7 -20.37 11.72 -1.99
CA GLY A 7 -19.16 10.92 -2.06
C GLY A 7 -18.56 10.67 -0.70
N LYS A 8 -18.12 9.44 -0.46
CA LYS A 8 -17.50 9.07 0.81
C LYS A 8 -15.98 9.02 0.70
N VAL A 9 -15.31 9.92 1.40
CA VAL A 9 -13.85 9.98 1.37
C VAL A 9 -13.25 9.05 2.42
N VAL A 10 -12.37 8.15 1.98
CA VAL A 10 -11.73 7.21 2.88
C VAL A 10 -10.33 7.68 3.26
N PHE A 11 -9.60 8.21 2.28
CA PHE A 11 -8.24 8.70 2.50
C PHE A 11 -8.21 10.22 2.49
N ALA A 12 -7.04 10.79 2.76
CA ALA A 12 -6.87 12.24 2.78
C ALA A 12 -7.02 12.83 1.38
N LYS A 13 -7.60 14.01 1.30
CA LYS A 13 -7.80 14.68 0.02
C LYS A 13 -6.47 14.98 -0.66
N GLU A 14 -5.43 15.17 0.16
CA GLU A 14 -4.10 15.45 -0.36
C GLU A 14 -3.31 14.16 -0.58
N GLN A 15 -4.02 13.09 -0.93
CA GLN A 15 -3.39 11.80 -1.17
C GLN A 15 -2.94 11.68 -2.62
N PRO A 16 -1.72 11.15 -2.82
CA PRO A 16 -1.14 10.97 -4.15
C PRO A 16 -1.85 9.87 -4.94
N ALA A 17 -2.40 10.25 -6.09
CA ALA A 17 -3.12 9.30 -6.94
C ALA A 17 -2.27 8.06 -7.19
N HIS A 18 -0.95 8.23 -7.17
CA HIS A 18 -0.03 7.12 -7.40
C HIS A 18 1.40 7.51 -7.02
N ARG A 19 1.97 6.81 -6.05
CA ARG A 19 3.33 7.08 -5.61
C ARG A 19 4.32 6.10 -6.23
N GLU A 20 5.60 6.45 -6.19
CA GLU A 20 6.64 5.62 -6.77
C GLU A 20 7.70 5.29 -5.73
N VAL A 21 7.69 4.06 -5.23
CA VAL A 21 8.64 3.62 -4.23
C VAL A 21 9.71 2.71 -4.85
N GLN A 22 10.94 2.85 -4.39
CA GLN A 22 12.04 2.05 -4.89
C GLN A 22 12.80 1.38 -3.76
N ALA A 23 13.31 0.18 -4.00
CA ALA A 23 14.06 -0.56 -3.00
C ALA A 23 15.13 -1.43 -3.64
N GLU A 24 15.87 -2.16 -2.81
CA GLU A 24 16.92 -3.04 -3.31
C GLU A 24 16.54 -4.51 -3.13
N ALA A 25 17.27 -5.40 -3.80
CA ALA A 25 17.01 -6.82 -3.72
C ALA A 25 17.28 -7.36 -2.32
N GLY A 26 16.23 -7.84 -1.65
CA GLY A 26 16.38 -8.36 -0.31
C GLY A 26 16.10 -7.33 0.75
N ALA A 27 16.04 -6.07 0.35
CA ALA A 27 15.78 -4.98 1.28
C ALA A 27 14.37 -5.06 1.84
N SER A 28 14.00 -4.08 2.65
CA SER A 28 12.68 -4.04 3.26
C SER A 28 11.93 -2.77 2.87
N ALA A 29 11.09 -2.87 1.85
CA ALA A 29 10.30 -1.73 1.39
C ALA A 29 9.28 -1.30 2.42
N THR A 30 8.63 -0.16 2.19
CA THR A 30 7.62 0.35 3.10
C THR A 30 6.73 1.37 2.42
N LEU A 31 5.46 1.00 2.21
CA LEU A 31 4.50 1.87 1.55
C LEU A 31 3.54 2.47 2.57
N SER A 32 3.81 3.71 2.98
CA SER A 32 2.96 4.40 3.95
C SER A 32 1.89 5.21 3.25
N CYS A 33 0.77 5.43 3.95
CA CYS A 33 -0.33 6.20 3.40
C CYS A 33 -1.30 6.64 4.49
N GLU A 34 -1.69 7.90 4.45
CA GLU A 34 -2.62 8.44 5.45
C GLU A 34 -4.04 7.99 5.18
N VAL A 35 -4.91 8.11 6.18
CA VAL A 35 -6.29 7.71 6.05
C VAL A 35 -7.22 8.72 6.73
N ALA A 36 -8.38 8.96 6.11
CA ALA A 36 -9.35 9.90 6.65
C ALA A 36 -9.98 9.36 7.94
N GLN A 37 -9.68 8.11 8.26
CA GLN A 37 -10.22 7.48 9.46
C GLN A 37 -9.27 6.41 9.99
N ALA A 38 -8.97 6.47 11.28
CA ALA A 38 -8.07 5.51 11.91
C ALA A 38 -8.78 4.18 12.14
N GLN A 39 -9.97 4.23 12.73
CA GLN A 39 -10.74 3.03 13.00
C GLN A 39 -11.03 2.26 11.73
N THR A 40 -10.84 2.92 10.58
CA THR A 40 -11.08 2.30 9.29
C THR A 40 -10.01 1.26 8.97
N GLU A 41 -10.38 0.25 8.20
CA GLU A 41 -9.46 -0.81 7.82
C GLU A 41 -9.09 -0.71 6.34
N VAL A 42 -7.99 -1.34 5.97
CA VAL A 42 -7.54 -1.33 4.58
C VAL A 42 -7.04 -2.70 4.15
N THR A 43 -6.79 -2.86 2.85
CA THR A 43 -6.31 -4.13 2.32
C THR A 43 -5.48 -3.90 1.05
N TRP A 44 -4.18 -4.11 1.16
CA TRP A 44 -3.27 -3.94 0.04
C TRP A 44 -3.53 -5.00 -1.04
N TYR A 45 -3.25 -4.65 -2.28
CA TYR A 45 -3.45 -5.57 -3.40
C TYR A 45 -2.35 -5.42 -4.44
N LYS A 46 -1.64 -6.51 -4.70
CA LYS A 46 -0.55 -6.50 -5.68
C LYS A 46 -1.05 -6.96 -7.05
N ASP A 47 -1.19 -6.02 -7.96
CA ASP A 47 -1.65 -6.32 -9.31
C ASP A 47 -3.06 -6.89 -9.29
N GLY A 48 -3.84 -6.49 -8.28
CA GLY A 48 -5.20 -6.97 -8.16
C GLY A 48 -5.31 -8.23 -7.32
N LYS A 49 -4.19 -8.60 -6.69
CA LYS A 49 -4.16 -9.79 -5.85
C LYS A 49 -4.22 -9.42 -4.37
N LYS A 50 -5.15 -10.04 -3.64
CA LYS A 50 -5.30 -9.77 -2.21
C LYS A 50 -4.04 -10.15 -1.45
N LEU A 51 -3.30 -9.13 -1.00
CA LEU A 51 -2.07 -9.36 -0.25
C LEU A 51 -2.37 -9.79 1.18
N SER A 52 -1.56 -10.71 1.69
CA SER A 52 -1.74 -11.22 3.05
C SER A 52 -0.52 -10.91 3.92
N SER A 53 -0.76 -10.50 5.15
CA SER A 53 0.31 -10.18 6.08
C SER A 53 1.04 -11.43 6.54
N SER A 54 2.22 -11.67 5.98
CA SER A 54 3.02 -12.85 6.32
C SER A 54 4.43 -12.45 6.74
N SER A 55 5.20 -13.41 7.22
CA SER A 55 6.56 -13.16 7.65
C SER A 55 7.24 -12.15 6.73
N LYS A 56 6.95 -12.24 5.44
CA LYS A 56 7.54 -11.33 4.45
C LYS A 56 6.82 -9.98 4.49
N VAL A 57 5.56 -9.97 4.07
CA VAL A 57 4.78 -8.75 4.04
C VAL A 57 4.03 -8.55 5.36
N ARG A 58 4.15 -7.36 5.93
CA ARG A 58 3.48 -7.06 7.19
C ARG A 58 2.63 -5.79 7.06
N VAL A 59 1.36 -5.91 7.39
CA VAL A 59 0.44 -4.77 7.30
C VAL A 59 0.38 -4.02 8.62
N GLU A 60 1.15 -2.94 8.72
CA GLU A 60 1.19 -2.12 9.93
C GLU A 60 0.12 -1.05 9.89
N ALA A 61 -0.56 -0.86 11.01
CA ALA A 61 -1.62 0.15 11.11
C ALA A 61 -1.43 1.03 12.34
N VAL A 62 -0.69 2.12 12.18
CA VAL A 62 -0.43 3.04 13.28
C VAL A 62 -1.31 4.28 13.18
N GLY A 63 -1.10 5.23 14.09
CA GLY A 63 -1.87 6.46 14.08
C GLY A 63 -2.10 6.98 12.67
N CYS A 64 -3.32 6.84 12.18
CA CYS A 64 -3.67 7.30 10.84
C CYS A 64 -2.49 7.14 9.89
N THR A 65 -1.97 5.92 9.81
CA THR A 65 -0.84 5.63 8.93
C THR A 65 -0.74 4.13 8.64
N ARG A 66 -0.95 3.78 7.37
CA ARG A 66 -0.88 2.37 6.95
C ARG A 66 0.38 2.11 6.15
N ARG A 67 1.37 1.49 6.79
CA ARG A 67 2.63 1.17 6.12
C ARG A 67 2.76 -0.33 5.87
N LEU A 68 3.12 -0.69 4.65
CA LEU A 68 3.27 -2.09 4.29
C LEU A 68 4.75 -2.45 4.09
N VAL A 69 5.33 -3.08 5.10
CA VAL A 69 6.73 -3.49 5.04
C VAL A 69 6.90 -4.80 4.28
N VAL A 70 7.68 -4.77 3.21
CA VAL A 70 7.92 -5.95 2.40
C VAL A 70 9.34 -6.49 2.62
N GLN A 71 9.46 -7.46 3.51
CA GLN A 71 10.76 -8.05 3.81
C GLN A 71 11.29 -8.84 2.61
N GLN A 72 12.58 -8.70 2.33
CA GLN A 72 13.20 -9.39 1.21
C GLN A 72 12.54 -9.00 -0.11
N ALA A 73 12.49 -7.70 -0.37
CA ALA A 73 11.89 -7.19 -1.60
C ALA A 73 12.64 -7.71 -2.82
N GLY A 74 11.99 -8.60 -3.58
CA GLY A 74 12.61 -9.16 -4.76
C GLY A 74 11.74 -9.00 -6.00
N GLN A 75 12.31 -9.28 -7.16
CA GLN A 75 11.58 -9.17 -8.42
C GLN A 75 10.13 -9.61 -8.25
N ALA A 76 9.93 -10.68 -7.51
CA ALA A 76 8.58 -11.20 -7.27
C ALA A 76 7.70 -10.16 -6.60
N GLU A 77 8.18 -9.59 -5.49
CA GLU A 77 7.44 -8.58 -4.77
C GLU A 77 7.30 -7.30 -5.59
N ALA A 78 8.32 -7.02 -6.40
CA ALA A 78 8.32 -5.83 -7.24
C ALA A 78 7.11 -5.81 -8.17
N GLY A 79 6.35 -4.73 -8.11
CA GLY A 79 5.16 -4.60 -8.95
C GLY A 79 4.36 -3.35 -8.63
N GLU A 80 3.06 -3.51 -8.46
CA GLU A 80 2.18 -2.39 -8.16
C GLU A 80 1.25 -2.72 -7.00
N TYR A 81 1.40 -2.00 -5.90
CA TYR A 81 0.57 -2.21 -4.72
C TYR A 81 -0.53 -1.15 -4.62
N SER A 82 -1.72 -1.58 -4.24
CA SER A 82 -2.86 -0.68 -4.10
C SER A 82 -3.49 -0.81 -2.72
N CYS A 83 -3.47 0.28 -1.97
CA CYS A 83 -4.05 0.30 -0.62
C CYS A 83 -5.55 0.57 -0.68
N GLU A 84 -6.34 -0.50 -0.75
CA GLU A 84 -7.80 -0.38 -0.80
C GLU A 84 -8.37 -0.12 0.59
N ALA A 85 -9.53 0.53 0.62
CA ALA A 85 -10.19 0.85 1.89
C ALA A 85 -11.56 1.47 1.65
N GLY A 86 -12.54 1.05 2.44
CA GLY A 86 -13.90 1.57 2.30
C GLY A 86 -14.41 1.48 0.88
N GLY A 87 -14.12 2.49 0.07
CA GLY A 87 -14.57 2.49 -1.31
C GLY A 87 -13.55 3.10 -2.25
N GLN A 88 -12.34 3.33 -1.75
CA GLN A 88 -11.28 3.92 -2.55
C GLN A 88 -9.99 3.11 -2.43
N GLN A 89 -8.99 3.49 -3.22
CA GLN A 89 -7.70 2.80 -3.20
C GLN A 89 -6.63 3.63 -3.90
N LEU A 90 -5.42 3.60 -3.35
CA LEU A 90 -4.30 4.35 -3.91
C LEU A 90 -3.35 3.43 -4.65
N SER A 91 -2.32 4.01 -5.27
CA SER A 91 -1.34 3.24 -6.01
C SER A 91 0.05 3.42 -5.43
N PHE A 92 0.87 2.38 -5.54
CA PHE A 92 2.23 2.42 -5.01
C PHE A 92 3.14 1.45 -5.78
N ARG A 93 4.00 2.02 -6.63
CA ARG A 93 4.92 1.20 -7.43
C ARG A 93 6.16 0.84 -6.61
N LEU A 94 6.48 -0.45 -6.58
CA LEU A 94 7.63 -0.94 -5.84
C LEU A 94 8.69 -1.50 -6.79
N GLN A 95 9.88 -0.90 -6.75
CA GLN A 95 10.97 -1.33 -7.61
C GLN A 95 12.04 -2.06 -6.80
N VAL A 96 12.79 -2.93 -7.45
CA VAL A 96 13.84 -3.70 -6.79
C VAL A 96 15.13 -3.67 -7.62
N ALA A 97 16.26 -3.53 -6.92
CA ALA A 97 17.56 -3.49 -7.58
C ALA A 97 18.30 -4.81 -7.41
N GLY A 98 18.09 -5.73 -8.35
CA GLY A 98 18.75 -7.03 -8.28
C GLY A 98 17.77 -8.18 -8.37
N GLN A 99 18.13 -9.31 -7.77
CA GLN A 99 17.27 -10.49 -7.79
C GLN A 99 17.36 -11.25 -6.47
N CYS A 100 16.30 -11.96 -6.13
CA CYS A 100 16.26 -12.73 -4.89
C CYS A 100 17.14 -13.97 -5.00
N PHE A 101 17.42 -14.58 -3.85
CA PHE A 101 18.26 -15.78 -3.81
C PHE A 101 17.41 -17.03 -3.95
N GLY A 102 17.86 -17.96 -4.79
CA GLY A 102 17.13 -19.20 -4.99
C GLY A 102 17.83 -20.39 -4.36
#